data_2ZXI
#
_entry.id   2ZXI
#
_cell.length_a   119.414
_cell.length_b   98.001
_cell.length_c   129.622
_cell.angle_alpha   90.00
_cell.angle_beta   90.002
_cell.angle_gamma   90.00
#
_symmetry.space_group_name_H-M   'P 1 21 1'
#
loop_
_entity.id
_entity.type
_entity.pdbx_description
1 polymer 'tRNA uridine 5-carboxymethylaminomethyl modification enzyme mnmG'
2 non-polymer 'FLAVIN-ADENINE DINUCLEOTIDE'
3 water water
#
_entity_poly.entity_id   1
_entity_poly.type   'polypeptide(L)'
_entity_poly.pdbx_seq_one_letter_code
;MGSSHHHHHHSSGLVPAGSHMAWVVDEFDVVVIGGGHAGIEAALAAARMGAKTAMFVLNADTIGQMSCNPAIGGIAKGIV
VREIDALGGEMGKAIDQTGIQFKMLNTRKGKAVQSPRAQADKKRYREYMKKVCENQENLYIKQEEVVDIIVKNNQVVGVR
TNLGVEYKTKAVVVTTGTFLNGVIYIGDKMIPGGRLGEPRSEGLSDFYRRFDFPLIRFKTGTPARLDKRTIDFSALEVAP
GDDPPPKFSFWTEPVGSYWFPKGKEQVNCWITYTTPKTHEIIRKNLHRTALYGGLIKGIGPRYCPSIEDKIVKFPDKERH
QIFLEPEGLDTIEIYPNGLSTSLPEEVQWEMYRSIPGLENVVLIRPAYAIEYDVVPPTELYPTLETKKIRGLFHAGNFNG
TTGYEEAAGQGIVAGINAALRAFGKEPIYLRRDESYIGVMIDDLTTKGVTEPYRLFTSRSEYRLYIRQDNAILRLAKLGR
ELGLLSEEQYKLVKELEREIEKWKEFYKSERVSVAVGGDTRSYSVATLMTMNYTLDDVKEKFGYEVPQHPYVKEEVEIQL
KYEPYIERERKLNEKLKKLEDTKIPPDIDYDKIPGLTKEAREKLKKFKPITVGQASRIDGITPAAITALLVYLGKLD
;
_entity_poly.pdbx_strand_id   A,B,C,D
#
# COMPACT_ATOMS: atom_id res chain seq x y z
N SER A 19 -14.35 10.22 29.22
CA SER A 19 -14.85 11.14 28.15
C SER A 19 -14.86 10.41 26.80
N HIS A 20 -14.19 9.27 26.74
CA HIS A 20 -14.14 8.45 25.53
C HIS A 20 -15.18 7.35 25.73
N MET A 21 -15.72 7.31 26.95
CA MET A 21 -16.70 6.33 27.36
C MET A 21 -18.11 6.84 27.06
N ALA A 22 -18.94 6.01 26.43
CA ALA A 22 -20.31 6.40 26.11
C ALA A 22 -21.12 6.57 27.41
N TRP A 23 -22.13 7.43 27.38
CA TRP A 23 -22.95 7.71 28.55
C TRP A 23 -23.80 6.53 29.04
N VAL A 24 -24.44 6.70 30.19
CA VAL A 24 -25.28 5.68 30.78
C VAL A 24 -26.35 5.23 29.79
N VAL A 25 -26.94 6.20 29.09
CA VAL A 25 -27.98 5.89 28.12
C VAL A 25 -27.40 5.04 26.97
N ASP A 26 -26.07 4.98 26.88
CA ASP A 26 -25.40 4.19 25.85
C ASP A 26 -24.64 2.97 26.40
N GLU A 27 -25.18 2.35 27.45
CA GLU A 27 -24.57 1.15 28.03
C GLU A 27 -25.53 0.02 27.73
N PHE A 28 -25.01 -1.16 27.46
CA PHE A 28 -25.89 -2.28 27.12
C PHE A 28 -25.63 -3.55 27.90
N ASP A 29 -26.55 -4.50 27.76
CA ASP A 29 -26.40 -5.80 28.39
C ASP A 29 -25.69 -6.65 27.35
N VAL A 30 -26.19 -6.59 26.11
CA VAL A 30 -25.65 -7.35 25.00
C VAL A 30 -25.31 -6.49 23.77
N VAL A 31 -24.15 -6.76 23.18
CA VAL A 31 -23.72 -6.05 21.98
C VAL A 31 -23.51 -7.10 20.89
N VAL A 32 -24.27 -6.99 19.81
CA VAL A 32 -24.11 -7.93 18.70
C VAL A 32 -23.35 -7.19 17.62
N ILE A 33 -22.23 -7.76 17.18
CA ILE A 33 -21.43 -7.16 16.12
C ILE A 33 -21.85 -7.77 14.79
N GLY A 34 -22.66 -7.04 14.02
CA GLY A 34 -23.11 -7.54 12.74
C GLY A 34 -24.62 -7.50 12.56
N GLY A 35 -25.06 -7.09 11.37
CA GLY A 35 -26.48 -7.01 11.07
C GLY A 35 -26.87 -8.00 9.99
N GLY A 36 -26.10 -9.07 9.90
CA GLY A 36 -26.37 -10.11 8.91
C GLY A 36 -27.33 -11.12 9.49
N HIS A 37 -27.36 -12.30 8.88
CA HIS A 37 -28.27 -13.37 9.30
C HIS A 37 -28.07 -13.92 10.71
N ALA A 38 -26.82 -13.96 11.18
CA ALA A 38 -26.56 -14.44 12.53
C ALA A 38 -26.89 -13.29 13.51
N GLY A 39 -26.33 -12.12 13.21
CA GLY A 39 -26.53 -10.95 14.03
C GLY A 39 -27.99 -10.61 14.32
N ILE A 40 -28.84 -10.68 13.28
CA ILE A 40 -30.26 -10.37 13.43
C ILE A 40 -30.93 -11.33 14.42
N GLU A 41 -30.74 -12.64 14.25
CA GLU A 41 -31.37 -13.58 15.18
C GLU A 41 -30.83 -13.36 16.59
N ALA A 42 -29.53 -13.12 16.72
CA ALA A 42 -28.93 -12.91 18.02
C ALA A 42 -29.48 -11.66 18.69
N ALA A 43 -29.47 -10.54 17.97
CA ALA A 43 -29.95 -9.28 18.54
C ALA A 43 -31.43 -9.33 18.89
N LEU A 44 -32.24 -9.90 18.02
CA LEU A 44 -33.67 -10.00 18.27
C LEU A 44 -33.97 -10.92 19.46
N ALA A 45 -33.21 -12.01 19.57
CA ALA A 45 -33.42 -12.96 20.67
C ALA A 45 -33.11 -12.30 22.02
N ALA A 46 -31.93 -11.68 22.11
CA ALA A 46 -31.51 -11.03 23.34
C ALA A 46 -32.49 -9.91 23.73
N ALA A 47 -32.80 -9.04 22.77
CA ALA A 47 -33.71 -7.92 23.04
C ALA A 47 -35.08 -8.42 23.50
N ARG A 48 -35.58 -9.47 22.85
CA ARG A 48 -36.86 -10.02 23.21
C ARG A 48 -36.85 -10.74 24.55
N MET A 49 -35.68 -11.05 25.07
CA MET A 49 -35.59 -11.69 26.38
C MET A 49 -35.42 -10.62 27.46
N GLY A 50 -35.44 -9.35 27.05
CA GLY A 50 -35.32 -8.26 27.99
C GLY A 50 -33.96 -7.58 28.09
N ALA A 51 -32.99 -8.03 27.32
CA ALA A 51 -31.66 -7.43 27.37
C ALA A 51 -31.56 -6.17 26.49
N LYS A 52 -31.02 -5.10 27.06
CA LYS A 52 -30.84 -3.86 26.31
C LYS A 52 -29.72 -4.24 25.34
N THR A 53 -30.07 -4.33 24.06
CA THR A 53 -29.15 -4.77 23.04
C THR A 53 -28.79 -3.76 21.96
N ALA A 54 -27.52 -3.75 21.59
CA ALA A 54 -27.06 -2.87 20.53
C ALA A 54 -26.52 -3.75 19.41
N MET A 55 -26.96 -3.47 18.19
CA MET A 55 -26.50 -4.22 17.04
C MET A 55 -25.62 -3.31 16.18
N PHE A 56 -24.31 -3.53 16.20
CA PHE A 56 -23.41 -2.71 15.38
C PHE A 56 -23.36 -3.25 13.95
N VAL A 57 -23.28 -2.33 12.99
CA VAL A 57 -23.27 -2.69 11.57
C VAL A 57 -22.47 -1.66 10.80
N LEU A 58 -21.73 -2.09 9.78
CA LEU A 58 -20.95 -1.16 8.98
C LEU A 58 -21.82 -0.20 8.17
N ASN A 59 -22.95 -0.70 7.67
CA ASN A 59 -23.87 0.13 6.90
C ASN A 59 -25.26 -0.26 7.33
N ALA A 60 -25.93 0.61 8.07
CA ALA A 60 -27.28 0.32 8.57
C ALA A 60 -28.26 -0.02 7.46
N ASP A 61 -27.98 0.39 6.23
CA ASP A 61 -28.88 0.09 5.14
C ASP A 61 -28.73 -1.35 4.61
N THR A 62 -27.70 -2.06 5.04
CA THR A 62 -27.50 -3.43 4.57
C THR A 62 -28.01 -4.51 5.53
N ILE A 63 -28.65 -4.10 6.62
CA ILE A 63 -29.17 -5.05 7.59
C ILE A 63 -30.12 -6.06 6.95
N GLY A 64 -29.81 -7.35 7.07
CA GLY A 64 -30.66 -8.38 6.50
C GLY A 64 -30.40 -8.70 5.04
N GLN A 65 -29.36 -8.11 4.47
CA GLN A 65 -29.05 -8.33 3.07
C GLN A 65 -28.65 -9.77 2.70
N MET A 66 -29.20 -10.26 1.59
CA MET A 66 -28.87 -11.60 1.08
C MET A 66 -27.82 -11.32 0.00
N SER A 67 -26.62 -11.87 0.18
CA SER A 67 -25.53 -11.62 -0.74
C SER A 67 -25.19 -12.72 -1.73
N CYS A 68 -25.78 -13.89 -1.55
CA CYS A 68 -25.50 -14.98 -2.47
C CYS A 68 -26.82 -15.39 -3.12
N ASN A 69 -27.17 -16.66 -2.97
CA ASN A 69 -28.41 -17.23 -3.53
C ASN A 69 -29.67 -16.54 -2.98
N PRO A 70 -30.63 -16.19 -3.86
CA PRO A 70 -31.87 -15.55 -3.42
C PRO A 70 -32.84 -16.59 -2.87
N ALA A 71 -32.36 -17.51 -2.04
CA ALA A 71 -33.24 -18.56 -1.53
C ALA A 71 -33.07 -18.89 -0.07
N ILE A 72 -34.14 -19.39 0.53
CA ILE A 72 -34.15 -19.80 1.92
C ILE A 72 -34.61 -21.25 1.95
N GLY A 73 -33.91 -22.08 2.70
CA GLY A 73 -34.31 -23.48 2.76
C GLY A 73 -33.39 -24.39 2.00
N GLY A 74 -33.82 -25.64 1.83
CA GLY A 74 -33.01 -26.62 1.15
C GLY A 74 -33.01 -27.90 1.95
N ILE A 75 -32.18 -28.86 1.57
CA ILE A 75 -32.10 -30.15 2.25
C ILE A 75 -32.07 -30.08 3.78
N ALA A 76 -31.00 -29.57 4.37
CA ALA A 76 -30.98 -29.49 5.82
C ALA A 76 -31.37 -28.08 6.27
N LYS A 77 -31.03 -27.10 5.44
CA LYS A 77 -31.33 -25.69 5.71
C LYS A 77 -32.79 -25.44 6.10
N GLY A 78 -33.71 -26.03 5.30
CA GLY A 78 -35.13 -25.87 5.55
C GLY A 78 -35.63 -26.26 6.92
N ILE A 79 -35.05 -27.32 7.48
CA ILE A 79 -35.43 -27.80 8.80
C ILE A 79 -34.92 -26.84 9.87
N VAL A 80 -33.71 -26.33 9.66
CA VAL A 80 -33.11 -25.39 10.59
C VAL A 80 -33.98 -24.14 10.69
N VAL A 81 -34.50 -23.68 9.55
CA VAL A 81 -35.37 -22.51 9.52
C VAL A 81 -36.60 -22.80 10.39
N ARG A 82 -37.22 -23.96 10.15
CA ARG A 82 -38.39 -24.39 10.91
C ARG A 82 -38.06 -24.38 12.41
N GLU A 83 -36.85 -24.83 12.75
CA GLU A 83 -36.43 -24.86 14.16
C GLU A 83 -36.24 -23.45 14.71
N ILE A 84 -35.61 -22.58 13.93
CA ILE A 84 -35.41 -21.20 14.34
C ILE A 84 -36.78 -20.58 14.64
N ASP A 85 -37.75 -20.89 13.79
CA ASP A 85 -39.12 -20.39 13.92
C ASP A 85 -39.79 -20.92 15.18
N ALA A 86 -39.47 -22.17 15.53
CA ALA A 86 -40.05 -22.80 16.71
C ALA A 86 -39.50 -22.19 17.98
N LEU A 87 -38.22 -21.86 17.96
CA LEU A 87 -37.57 -21.25 19.11
C LEU A 87 -38.01 -19.81 19.33
N GLY A 88 -38.65 -19.21 18.32
CA GLY A 88 -39.07 -17.83 18.43
C GLY A 88 -38.24 -16.83 17.62
N GLY A 89 -37.51 -17.34 16.62
CA GLY A 89 -36.69 -16.48 15.75
C GLY A 89 -37.49 -15.85 14.61
N GLU A 90 -36.83 -15.07 13.76
CA GLU A 90 -37.50 -14.38 12.66
C GLU A 90 -37.40 -14.93 11.25
N MET A 91 -36.29 -15.56 10.91
CA MET A 91 -36.09 -16.07 9.56
C MET A 91 -37.31 -16.76 8.95
N GLY A 92 -37.99 -17.58 9.74
CA GLY A 92 -39.18 -18.26 9.24
C GLY A 92 -40.27 -17.29 8.82
N LYS A 93 -40.60 -16.34 9.70
CA LYS A 93 -41.63 -15.36 9.38
C LYS A 93 -41.24 -14.48 8.19
N ALA A 94 -39.96 -14.13 8.12
CA ALA A 94 -39.44 -13.28 7.05
C ALA A 94 -39.67 -13.86 5.66
N ILE A 95 -39.24 -15.10 5.44
CA ILE A 95 -39.42 -15.72 4.13
C ILE A 95 -40.88 -15.97 3.78
N ASP A 96 -41.71 -16.28 4.76
CA ASP A 96 -43.12 -16.54 4.50
C ASP A 96 -43.79 -15.29 3.96
N GLN A 97 -43.33 -14.14 4.45
CA GLN A 97 -43.87 -12.87 4.05
C GLN A 97 -43.22 -12.33 2.76
N THR A 98 -41.97 -12.70 2.51
CA THR A 98 -41.28 -12.18 1.33
C THR A 98 -40.88 -13.17 0.25
N GLY A 99 -41.26 -14.44 0.40
CA GLY A 99 -40.92 -15.44 -0.60
C GLY A 99 -41.79 -15.33 -1.84
N ILE A 100 -41.21 -15.66 -3.00
CA ILE A 100 -41.97 -15.60 -4.25
C ILE A 100 -42.16 -16.98 -4.89
N GLN A 101 -41.80 -18.01 -4.15
CA GLN A 101 -41.95 -19.39 -4.59
C GLN A 101 -41.59 -20.33 -3.45
N PHE A 102 -42.41 -21.35 -3.25
CA PHE A 102 -42.19 -22.31 -2.19
C PHE A 102 -42.41 -23.73 -2.70
N LYS A 103 -41.56 -24.65 -2.29
CA LYS A 103 -41.73 -26.04 -2.70
C LYS A 103 -41.09 -26.99 -1.69
N MET A 104 -41.43 -28.26 -1.83
CA MET A 104 -40.90 -29.29 -0.94
C MET A 104 -39.83 -30.06 -1.73
N LEU A 105 -38.70 -30.38 -1.10
CA LEU A 105 -37.64 -31.14 -1.77
C LEU A 105 -37.69 -32.58 -1.27
N ASN A 106 -37.28 -33.53 -2.11
CA ASN A 106 -37.30 -34.96 -1.75
C ASN A 106 -38.74 -35.40 -1.55
N THR A 107 -39.62 -34.99 -2.45
CA THR A 107 -41.04 -35.30 -2.36
C THR A 107 -41.48 -36.69 -2.80
N ARG A 108 -40.54 -37.52 -3.22
CA ARG A 108 -40.89 -38.85 -3.68
C ARG A 108 -40.35 -39.93 -2.74
N LYS A 109 -40.18 -39.59 -1.46
CA LYS A 109 -39.64 -40.57 -0.52
C LYS A 109 -40.23 -40.52 0.89
N GLY A 110 -41.46 -40.03 1.02
CA GLY A 110 -42.08 -39.93 2.33
C GLY A 110 -41.83 -38.58 2.97
N LYS A 111 -42.85 -38.05 3.63
CA LYS A 111 -42.77 -36.74 4.26
C LYS A 111 -41.64 -36.55 5.28
N ALA A 112 -41.15 -37.64 5.85
CA ALA A 112 -40.08 -37.54 6.86
C ALA A 112 -38.73 -37.08 6.33
N VAL A 113 -38.44 -37.33 5.05
CA VAL A 113 -37.16 -36.92 4.47
C VAL A 113 -37.27 -35.64 3.66
N GLN A 114 -38.42 -34.98 3.71
CA GLN A 114 -38.62 -33.75 2.95
C GLN A 114 -38.10 -32.51 3.66
N SER A 115 -37.75 -31.49 2.88
CA SER A 115 -37.26 -30.24 3.45
C SER A 115 -37.72 -29.10 2.55
N PRO A 116 -38.36 -28.07 3.13
CA PRO A 116 -38.85 -26.92 2.38
C PRO A 116 -37.80 -25.97 1.83
N ARG A 117 -38.09 -25.38 0.67
CA ARG A 117 -37.19 -24.42 0.03
C ARG A 117 -38.02 -23.36 -0.63
N ALA A 118 -37.54 -22.12 -0.57
CA ALA A 118 -38.26 -21.01 -1.14
C ALA A 118 -37.34 -20.02 -1.82
N GLN A 119 -37.86 -19.33 -2.83
CA GLN A 119 -37.11 -18.30 -3.51
C GLN A 119 -37.55 -17.02 -2.80
N ALA A 120 -36.61 -16.15 -2.45
CA ALA A 120 -36.98 -14.92 -1.78
C ALA A 120 -36.84 -13.71 -2.68
N ASP A 121 -37.63 -12.69 -2.38
CA ASP A 121 -37.51 -11.42 -3.09
C ASP A 121 -36.49 -10.73 -2.20
N LYS A 122 -35.21 -10.80 -2.58
CA LYS A 122 -34.11 -10.22 -1.80
C LYS A 122 -34.41 -8.85 -1.21
N LYS A 123 -34.93 -7.96 -2.04
CA LYS A 123 -35.24 -6.60 -1.60
C LYS A 123 -36.25 -6.58 -0.46
N ARG A 124 -37.39 -7.24 -0.65
CA ARG A 124 -38.44 -7.29 0.37
C ARG A 124 -37.94 -7.98 1.65
N TYR A 125 -37.09 -8.99 1.48
CA TYR A 125 -36.55 -9.72 2.61
C TYR A 125 -35.68 -8.79 3.49
N ARG A 126 -34.79 -8.03 2.85
CA ARG A 126 -33.92 -7.10 3.55
C ARG A 126 -34.77 -6.09 4.34
N GLU A 127 -35.68 -5.41 3.64
CA GLU A 127 -36.53 -4.42 4.27
C GLU A 127 -37.33 -4.98 5.44
N TYR A 128 -37.83 -6.20 5.27
CA TYR A 128 -38.60 -6.83 6.33
C TYR A 128 -37.76 -6.95 7.60
N MET A 129 -36.53 -7.46 7.45
CA MET A 129 -35.64 -7.63 8.60
C MET A 129 -35.19 -6.30 9.22
N LYS A 130 -35.07 -5.28 8.39
CA LYS A 130 -34.66 -3.96 8.89
C LYS A 130 -35.82 -3.37 9.71
N LYS A 131 -37.04 -3.52 9.22
CA LYS A 131 -38.20 -3.01 9.93
C LYS A 131 -38.39 -3.70 11.28
N VAL A 132 -38.35 -5.03 11.29
CA VAL A 132 -38.53 -5.76 12.54
C VAL A 132 -37.44 -5.36 13.54
N CYS A 133 -36.20 -5.26 13.08
CA CYS A 133 -35.09 -4.87 13.95
C CYS A 133 -35.22 -3.45 14.51
N GLU A 134 -35.47 -2.48 13.65
CA GLU A 134 -35.61 -1.08 14.07
C GLU A 134 -36.69 -0.86 15.11
N ASN A 135 -37.83 -1.51 14.92
CA ASN A 135 -38.95 -1.35 15.84
C ASN A 135 -38.99 -2.29 17.04
N GLN A 136 -37.96 -3.13 17.17
CA GLN A 136 -37.87 -4.06 18.29
C GLN A 136 -37.48 -3.36 19.59
N GLU A 137 -38.35 -3.47 20.58
CA GLU A 137 -38.12 -2.87 21.88
C GLU A 137 -36.84 -3.41 22.52
N ASN A 138 -36.06 -2.50 23.13
CA ASN A 138 -34.80 -2.85 23.80
C ASN A 138 -33.65 -3.09 22.84
N LEU A 139 -33.87 -2.87 21.54
CA LEU A 139 -32.83 -3.08 20.53
C LEU A 139 -32.45 -1.76 19.86
N TYR A 140 -31.17 -1.46 19.84
CA TYR A 140 -30.68 -0.24 19.23
C TYR A 140 -29.67 -0.58 18.13
N ILE A 141 -29.81 0.05 16.97
CA ILE A 141 -28.88 -0.16 15.87
C ILE A 141 -27.81 0.93 15.91
N LYS A 142 -26.55 0.51 15.80
CA LYS A 142 -25.42 1.43 15.82
C LYS A 142 -24.55 1.22 14.58
N GLN A 143 -24.53 2.20 13.68
CA GLN A 143 -23.70 2.10 12.49
C GLN A 143 -22.32 2.60 12.89
N GLU A 144 -21.39 1.66 13.08
CA GLU A 144 -20.05 2.01 13.52
C GLU A 144 -19.25 0.73 13.46
N GLU A 145 -17.95 0.81 13.18
CA GLU A 145 -17.13 -0.40 13.13
C GLU A 145 -16.45 -0.73 14.46
N VAL A 146 -16.79 -1.89 15.02
CA VAL A 146 -16.19 -2.32 16.26
C VAL A 146 -14.78 -2.84 15.94
N VAL A 147 -13.78 -2.24 16.58
CA VAL A 147 -12.39 -2.61 16.36
C VAL A 147 -11.73 -3.30 17.54
N ASP A 148 -12.45 -3.44 18.63
CA ASP A 148 -11.86 -4.08 19.79
C ASP A 148 -12.89 -4.43 20.86
N ILE A 149 -12.58 -5.45 21.66
CA ILE A 149 -13.46 -5.89 22.72
C ILE A 149 -12.72 -5.70 24.04
N ILE A 150 -13.34 -4.99 24.97
CA ILE A 150 -12.72 -4.73 26.26
C ILE A 150 -13.01 -5.89 27.24
N VAL A 151 -11.93 -6.47 27.74
CA VAL A 151 -12.00 -7.61 28.66
C VAL A 151 -11.31 -7.34 30.00
N LYS A 152 -11.97 -7.73 31.08
CA LYS A 152 -11.43 -7.56 32.43
C LYS A 152 -11.49 -8.92 33.13
N ASN A 153 -10.32 -9.52 33.33
CA ASN A 153 -10.20 -10.83 33.98
C ASN A 153 -10.96 -11.91 33.20
N ASN A 154 -10.74 -11.95 31.90
CA ASN A 154 -11.39 -12.93 31.03
C ASN A 154 -12.90 -12.76 31.02
N GLN A 155 -13.36 -11.54 31.27
CA GLN A 155 -14.78 -11.24 31.28
C GLN A 155 -15.02 -10.03 30.38
N VAL A 156 -15.97 -10.17 29.46
CA VAL A 156 -16.33 -9.09 28.56
C VAL A 156 -16.95 -7.98 29.36
N VAL A 157 -16.52 -6.75 29.12
CA VAL A 157 -17.08 -5.63 29.85
C VAL A 157 -17.36 -4.41 28.96
N GLY A 158 -16.83 -4.41 27.75
CA GLY A 158 -17.05 -3.31 26.84
C GLY A 158 -16.65 -3.52 25.38
N VAL A 159 -16.82 -2.48 24.57
CA VAL A 159 -16.48 -2.53 23.16
C VAL A 159 -16.00 -1.17 22.68
N ARG A 160 -15.04 -1.17 21.75
CA ARG A 160 -14.50 0.07 21.20
C ARG A 160 -14.66 0.09 19.68
N THR A 161 -14.93 1.27 19.13
CA THR A 161 -15.12 1.44 17.69
C THR A 161 -13.96 2.23 17.10
N ASN A 162 -13.91 2.34 15.78
CA ASN A 162 -12.84 3.08 15.14
C ASN A 162 -13.04 4.58 15.22
N LEU A 163 -14.00 5.02 16.03
CA LEU A 163 -14.22 6.44 16.21
C LEU A 163 -13.66 6.85 17.57
N GLY A 164 -12.88 5.95 18.16
CA GLY A 164 -12.25 6.20 19.44
C GLY A 164 -13.18 6.23 20.63
N VAL A 165 -14.31 5.53 20.51
CA VAL A 165 -15.27 5.50 21.59
C VAL A 165 -15.42 4.10 22.18
N GLU A 166 -15.98 4.02 23.38
CA GLU A 166 -16.17 2.75 24.05
C GLU A 166 -17.59 2.63 24.60
N TYR A 167 -18.18 1.45 24.46
CA TYR A 167 -19.52 1.23 24.98
C TYR A 167 -19.47 0.10 26.01
N LYS A 168 -20.14 0.27 27.14
CA LYS A 168 -20.16 -0.77 28.16
C LYS A 168 -21.19 -1.85 27.81
N THR A 169 -20.80 -3.10 28.03
CA THR A 169 -21.68 -4.23 27.76
C THR A 169 -21.29 -5.41 28.65
N LYS A 170 -22.20 -6.36 28.85
CA LYS A 170 -21.91 -7.51 29.69
C LYS A 170 -21.52 -8.72 28.85
N ALA A 171 -21.98 -8.74 27.60
CA ALA A 171 -21.69 -9.84 26.69
C ALA A 171 -21.62 -9.33 25.26
N VAL A 172 -20.87 -10.04 24.43
CA VAL A 172 -20.71 -9.66 23.04
C VAL A 172 -20.87 -10.87 22.12
N VAL A 173 -21.60 -10.68 21.03
CA VAL A 173 -21.81 -11.74 20.04
C VAL A 173 -21.20 -11.25 18.73
N VAL A 174 -20.13 -11.91 18.29
CA VAL A 174 -19.45 -11.54 17.06
C VAL A 174 -19.99 -12.31 15.85
N THR A 175 -20.43 -11.58 14.82
CA THR A 175 -20.99 -12.17 13.61
C THR A 175 -20.54 -11.35 12.41
N THR A 176 -19.24 -11.13 12.31
CA THR A 176 -18.68 -10.32 11.24
C THR A 176 -18.83 -10.91 9.83
N GLY A 177 -19.36 -12.12 9.73
CA GLY A 177 -19.58 -12.76 8.45
C GLY A 177 -18.38 -12.88 7.52
N THR A 178 -18.51 -12.35 6.31
CA THR A 178 -17.42 -12.42 5.34
C THR A 178 -16.64 -11.11 5.30
N PHE A 179 -16.80 -10.29 6.33
CA PHE A 179 -16.14 -8.99 6.36
C PHE A 179 -14.77 -8.81 6.99
N LEU A 180 -14.50 -9.51 8.10
CA LEU A 180 -13.21 -9.34 8.78
C LEU A 180 -12.03 -9.62 7.86
N ASN A 181 -11.30 -8.55 7.53
CA ASN A 181 -10.15 -8.61 6.62
C ASN A 181 -10.53 -9.25 5.29
N GLY A 182 -11.75 -8.98 4.85
CA GLY A 182 -12.25 -9.54 3.60
C GLY A 182 -11.51 -9.06 2.37
N VAL A 183 -11.24 -10.00 1.46
CA VAL A 183 -10.57 -9.69 0.21
C VAL A 183 -11.39 -10.31 -0.91
N ILE A 184 -11.81 -9.47 -1.86
CA ILE A 184 -12.59 -9.91 -3.01
C ILE A 184 -11.63 -10.36 -4.09
N TYR A 185 -11.92 -11.53 -4.66
CA TYR A 185 -11.08 -12.11 -5.71
C TYR A 185 -11.80 -12.22 -7.05
N ILE A 186 -11.22 -11.66 -8.09
CA ILE A 186 -11.77 -11.73 -9.44
C ILE A 186 -10.54 -11.77 -10.34
N GLY A 187 -10.33 -12.91 -11.01
CA GLY A 187 -9.16 -13.03 -11.85
C GLY A 187 -7.97 -12.80 -10.95
N ASP A 188 -7.02 -11.97 -11.38
CA ASP A 188 -5.86 -11.70 -10.55
C ASP A 188 -6.04 -10.43 -9.71
N LYS A 189 -7.22 -9.83 -9.79
CA LYS A 189 -7.49 -8.62 -9.02
C LYS A 189 -7.92 -9.00 -7.62
N MET A 190 -7.38 -8.26 -6.64
CA MET A 190 -7.72 -8.47 -5.24
C MET A 190 -8.20 -7.12 -4.75
N ILE A 191 -9.43 -7.08 -4.24
CA ILE A 191 -10.00 -5.84 -3.77
C ILE A 191 -10.50 -5.94 -2.34
N PRO A 192 -10.04 -5.05 -1.46
CA PRO A 192 -10.46 -5.06 -0.06
C PRO A 192 -11.98 -4.91 0.02
N GLY A 193 -12.61 -5.64 0.93
CA GLY A 193 -14.05 -5.54 1.08
C GLY A 193 -14.64 -6.78 1.69
N GLY A 194 -15.82 -6.64 2.30
CA GLY A 194 -16.49 -7.76 2.90
C GLY A 194 -17.43 -8.40 1.88
N ARG A 195 -17.80 -7.60 0.88
CA ARG A 195 -18.69 -8.00 -0.20
C ARG A 195 -18.40 -7.08 -1.37
N LEU A 196 -18.80 -7.49 -2.56
CA LEU A 196 -18.57 -6.67 -3.74
C LEU A 196 -19.27 -5.32 -3.57
N GLY A 197 -18.51 -4.23 -3.69
CA GLY A 197 -19.07 -2.90 -3.55
C GLY A 197 -19.25 -2.42 -2.12
N GLU A 198 -18.79 -3.20 -1.14
CA GLU A 198 -18.91 -2.82 0.26
C GLU A 198 -17.56 -2.87 0.96
N PRO A 199 -17.41 -2.11 2.04
CA PRO A 199 -16.15 -2.06 2.80
C PRO A 199 -15.96 -3.31 3.66
N ARG A 200 -14.78 -3.42 4.25
CA ARG A 200 -14.46 -4.53 5.13
C ARG A 200 -14.07 -4.00 6.50
N SER A 201 -14.01 -4.88 7.48
CA SER A 201 -13.60 -4.49 8.81
C SER A 201 -12.17 -4.99 8.94
N GLU A 202 -11.40 -4.38 9.83
CA GLU A 202 -10.00 -4.77 10.00
C GLU A 202 -9.52 -4.91 11.45
N GLY A 203 -9.64 -3.81 12.20
CA GLY A 203 -9.18 -3.78 13.57
C GLY A 203 -9.45 -4.94 14.52
N LEU A 204 -10.68 -5.42 14.53
CA LEU A 204 -11.03 -6.50 15.43
C LEU A 204 -10.07 -7.70 15.39
N SER A 205 -9.42 -7.96 14.26
CA SER A 205 -8.50 -9.09 14.17
C SER A 205 -7.32 -8.95 15.16
N ASP A 206 -6.95 -7.72 15.49
CA ASP A 206 -5.84 -7.50 16.41
C ASP A 206 -6.22 -7.97 17.81
N PHE A 207 -7.51 -7.87 18.14
CA PHE A 207 -7.99 -8.29 19.43
C PHE A 207 -7.83 -9.80 19.59
N TYR A 208 -8.15 -10.52 18.52
CA TYR A 208 -8.03 -11.97 18.57
C TYR A 208 -6.60 -12.46 18.61
N ARG A 209 -5.69 -11.77 17.93
CA ARG A 209 -4.30 -12.18 17.98
C ARG A 209 -3.81 -11.87 19.39
N ARG A 210 -4.18 -10.69 19.87
CA ARG A 210 -3.78 -10.25 21.19
C ARG A 210 -4.14 -11.23 22.31
N PHE A 211 -5.21 -11.99 22.12
CA PHE A 211 -5.59 -12.97 23.14
C PHE A 211 -5.25 -14.38 22.71
N ASP A 212 -4.42 -14.48 21.68
CA ASP A 212 -3.98 -15.78 21.19
C ASP A 212 -5.06 -16.71 20.66
N PHE A 213 -6.02 -16.17 19.92
CA PHE A 213 -7.06 -16.99 19.34
C PHE A 213 -6.51 -17.46 17.99
N PRO A 214 -6.82 -18.70 17.60
CA PRO A 214 -6.32 -19.16 16.30
C PRO A 214 -7.14 -18.40 15.26
N LEU A 215 -6.56 -18.12 14.11
CA LEU A 215 -7.27 -17.42 13.05
C LEU A 215 -6.95 -18.12 11.74
N ILE A 216 -7.98 -18.39 10.95
CA ILE A 216 -7.79 -19.03 9.66
C ILE A 216 -8.65 -18.29 8.65
N ARG A 217 -8.38 -18.51 7.37
CA ARG A 217 -9.16 -17.84 6.35
C ARG A 217 -9.90 -18.80 5.43
N PHE A 218 -11.19 -18.53 5.22
CA PHE A 218 -11.98 -19.36 4.32
C PHE A 218 -12.33 -18.53 3.10
N LYS A 219 -12.52 -19.21 1.97
CA LYS A 219 -12.85 -18.52 0.73
C LYS A 219 -14.02 -19.22 0.02
N THR A 220 -15.06 -18.46 -0.30
CA THR A 220 -16.23 -18.99 -1.02
C THR A 220 -16.58 -18.04 -2.15
N GLY A 221 -17.20 -18.57 -3.20
CA GLY A 221 -17.57 -17.74 -4.33
C GLY A 221 -19.07 -17.63 -4.59
N THR A 222 -19.42 -16.72 -5.49
CA THR A 222 -20.81 -16.48 -5.87
C THR A 222 -20.87 -16.20 -7.37
N PRO A 223 -21.99 -16.53 -8.01
CA PRO A 223 -22.13 -16.30 -9.46
C PRO A 223 -22.27 -14.81 -9.77
N ALA A 224 -22.30 -14.49 -11.06
CA ALA A 224 -22.47 -13.13 -11.51
C ALA A 224 -23.97 -12.84 -11.45
N ARG A 225 -24.37 -11.60 -11.68
CA ARG A 225 -25.78 -11.24 -11.68
C ARG A 225 -26.10 -10.91 -13.13
N LEU A 226 -27.10 -11.58 -13.69
CA LEU A 226 -27.45 -11.38 -15.10
C LEU A 226 -28.72 -10.58 -15.39
N ASP A 227 -28.71 -9.92 -16.55
CA ASP A 227 -29.83 -9.10 -16.99
C ASP A 227 -30.90 -9.99 -17.63
N LYS A 228 -32.06 -10.09 -16.97
CA LYS A 228 -33.16 -10.92 -17.46
C LYS A 228 -33.61 -10.66 -18.90
N ARG A 229 -33.54 -9.42 -19.37
CA ARG A 229 -33.98 -9.11 -20.73
C ARG A 229 -33.03 -9.59 -21.82
N THR A 230 -31.83 -10.02 -21.44
CA THR A 230 -30.86 -10.50 -22.43
C THR A 230 -30.76 -12.01 -22.44
N ILE A 231 -31.73 -12.68 -21.80
CA ILE A 231 -31.75 -14.14 -21.73
C ILE A 231 -32.91 -14.75 -22.50
N ASP A 232 -32.63 -15.77 -23.29
CA ASP A 232 -33.67 -16.45 -24.05
C ASP A 232 -34.17 -17.65 -23.24
N PHE A 233 -35.37 -17.53 -22.66
CA PHE A 233 -35.93 -18.60 -21.84
C PHE A 233 -36.79 -19.58 -22.63
N SER A 234 -37.13 -19.23 -23.86
CA SER A 234 -38.03 -20.03 -24.69
C SER A 234 -37.86 -21.56 -24.72
N ALA A 235 -36.62 -22.04 -24.79
CA ALA A 235 -36.38 -23.48 -24.85
C ALA A 235 -36.00 -24.07 -23.50
N LEU A 236 -35.98 -23.26 -22.46
CA LEU A 236 -35.60 -23.75 -21.14
C LEU A 236 -36.76 -24.38 -20.37
N GLU A 237 -36.43 -25.39 -19.57
CA GLU A 237 -37.43 -26.08 -18.76
C GLU A 237 -37.81 -25.23 -17.54
N VAL A 238 -39.11 -25.11 -17.30
CA VAL A 238 -39.62 -24.35 -16.17
C VAL A 238 -39.57 -25.17 -14.88
N ALA A 239 -39.15 -24.49 -13.80
CA ALA A 239 -39.05 -25.11 -12.48
C ALA A 239 -39.95 -24.26 -11.58
N PRO A 240 -41.22 -24.68 -11.40
CA PRO A 240 -42.21 -23.98 -10.58
C PRO A 240 -42.24 -24.39 -9.12
N GLY A 241 -43.15 -23.77 -8.37
CA GLY A 241 -43.30 -24.09 -6.97
C GLY A 241 -44.37 -25.14 -6.77
N ASP A 242 -44.67 -25.46 -5.53
CA ASP A 242 -45.70 -26.45 -5.23
C ASP A 242 -47.02 -25.76 -4.93
N ASP A 243 -48.11 -26.46 -5.20
CA ASP A 243 -49.45 -25.95 -4.95
C ASP A 243 -50.29 -27.06 -4.33
N PRO A 244 -50.71 -26.89 -3.06
CA PRO A 244 -50.44 -25.71 -2.24
C PRO A 244 -48.98 -25.67 -1.78
N PRO A 245 -48.41 -24.46 -1.66
CA PRO A 245 -47.03 -24.27 -1.23
C PRO A 245 -46.86 -24.37 0.27
N PRO A 246 -45.72 -24.90 0.74
CA PRO A 246 -45.47 -25.04 2.17
C PRO A 246 -44.99 -23.71 2.73
N LYS A 247 -45.21 -23.47 4.02
CA LYS A 247 -44.75 -22.24 4.67
C LYS A 247 -43.62 -22.63 5.59
N PHE A 248 -42.80 -21.65 5.97
CA PHE A 248 -41.68 -21.92 6.86
C PHE A 248 -42.03 -21.63 8.30
N SER A 249 -43.00 -20.74 8.51
CA SER A 249 -43.39 -20.36 9.85
C SER A 249 -44.67 -20.99 10.34
N PHE A 250 -44.68 -21.35 11.62
CA PHE A 250 -45.85 -21.95 12.24
C PHE A 250 -46.78 -20.82 12.70
N TRP A 251 -46.24 -19.61 12.79
CA TRP A 251 -46.99 -18.45 13.28
C TRP A 251 -47.64 -17.51 12.28
N THR A 252 -47.26 -17.61 11.02
CA THR A 252 -47.81 -16.75 9.99
C THR A 252 -49.17 -17.29 9.53
N GLU A 253 -49.90 -16.50 8.78
CA GLU A 253 -51.23 -16.90 8.29
C GLU A 253 -51.08 -17.94 7.17
N PRO A 254 -51.70 -19.13 7.32
CA PRO A 254 -52.56 -19.70 8.38
C PRO A 254 -51.78 -20.12 9.63
N VAL A 255 -52.16 -19.57 10.77
CA VAL A 255 -51.46 -19.88 12.02
C VAL A 255 -51.65 -21.33 12.48
N GLY A 256 -50.61 -21.90 13.05
CA GLY A 256 -50.66 -23.28 13.51
C GLY A 256 -50.67 -24.26 12.35
N SER A 257 -50.07 -23.85 11.24
CA SER A 257 -50.02 -24.68 10.04
C SER A 257 -48.74 -24.43 9.24
N TYR A 258 -48.33 -25.43 8.46
CA TYR A 258 -47.14 -25.31 7.62
C TYR A 258 -47.45 -25.31 6.13
N TRP A 259 -48.72 -25.06 5.77
CA TRP A 259 -49.13 -25.00 4.37
C TRP A 259 -49.89 -23.71 4.05
N PHE A 260 -49.57 -23.09 2.91
CA PHE A 260 -50.26 -21.88 2.48
C PHE A 260 -51.56 -22.34 1.81
N PRO A 261 -52.48 -21.40 1.55
CA PRO A 261 -53.73 -21.79 0.90
C PRO A 261 -53.38 -22.20 -0.53
N LYS A 262 -54.19 -23.06 -1.12
CA LYS A 262 -53.93 -23.46 -2.49
C LYS A 262 -54.15 -22.23 -3.37
N GLY A 263 -53.35 -22.09 -4.43
CA GLY A 263 -53.52 -20.96 -5.32
C GLY A 263 -52.67 -19.73 -5.04
N LYS A 264 -51.81 -19.79 -4.04
CA LYS A 264 -50.95 -18.64 -3.73
C LYS A 264 -50.10 -18.28 -4.95
N GLU A 265 -50.00 -16.99 -5.22
CA GLU A 265 -49.24 -16.47 -6.35
C GLU A 265 -47.76 -16.79 -6.24
N GLN A 266 -47.19 -17.42 -7.26
CA GLN A 266 -45.76 -17.77 -7.24
C GLN A 266 -45.09 -17.48 -8.58
N VAL A 267 -43.76 -17.42 -8.59
CA VAL A 267 -43.01 -17.18 -9.83
C VAL A 267 -42.26 -18.43 -10.26
N ASN A 268 -41.62 -18.37 -11.42
CA ASN A 268 -40.87 -19.51 -11.95
C ASN A 268 -39.36 -19.35 -11.92
N CYS A 269 -38.68 -20.49 -12.04
CA CYS A 269 -37.22 -20.54 -12.12
C CYS A 269 -37.01 -21.34 -13.40
N TRP A 270 -35.84 -21.23 -14.01
CA TRP A 270 -35.59 -21.94 -15.26
C TRP A 270 -34.33 -22.76 -15.17
N ILE A 271 -34.28 -23.86 -15.92
CA ILE A 271 -33.14 -24.76 -15.92
C ILE A 271 -32.38 -24.78 -17.23
N THR A 272 -31.06 -24.78 -17.14
CA THR A 272 -30.22 -24.89 -18.33
C THR A 272 -28.97 -25.68 -17.90
N TYR A 273 -28.03 -25.90 -18.81
CA TYR A 273 -26.83 -26.68 -18.45
C TYR A 273 -25.60 -26.19 -19.16
N THR A 274 -24.45 -26.58 -18.64
CA THR A 274 -23.16 -26.24 -19.24
C THR A 274 -22.95 -27.19 -20.43
N THR A 275 -22.14 -26.78 -21.38
CA THR A 275 -21.86 -27.61 -22.56
C THR A 275 -20.37 -27.91 -22.58
N PRO A 276 -19.94 -28.83 -23.46
CA PRO A 276 -18.51 -29.15 -23.54
C PRO A 276 -17.70 -27.90 -23.89
N LYS A 277 -18.33 -26.99 -24.62
CA LYS A 277 -17.66 -25.76 -25.01
C LYS A 277 -17.39 -24.92 -23.76
N THR A 278 -18.31 -24.99 -22.79
CA THR A 278 -18.16 -24.25 -21.55
C THR A 278 -16.93 -24.76 -20.81
N HIS A 279 -16.82 -26.07 -20.70
CA HIS A 279 -15.70 -26.70 -20.01
C HIS A 279 -14.37 -26.43 -20.70
N GLU A 280 -14.36 -26.38 -22.04
CA GLU A 280 -13.11 -26.11 -22.72
C GLU A 280 -12.67 -24.68 -22.48
N ILE A 281 -13.64 -23.76 -22.38
CA ILE A 281 -13.31 -22.37 -22.12
C ILE A 281 -12.66 -22.23 -20.76
N ILE A 282 -13.18 -22.97 -19.77
CA ILE A 282 -12.64 -22.91 -18.43
C ILE A 282 -11.25 -23.54 -18.33
N ARG A 283 -11.02 -24.61 -19.08
CA ARG A 283 -9.73 -25.28 -19.06
C ARG A 283 -8.68 -24.40 -19.71
N LYS A 284 -9.03 -23.76 -20.82
CA LYS A 284 -8.08 -22.89 -21.51
C LYS A 284 -7.63 -21.76 -20.61
N ASN A 285 -8.50 -21.36 -19.69
CA ASN A 285 -8.19 -20.25 -18.80
C ASN A 285 -7.77 -20.64 -17.39
N LEU A 286 -7.00 -21.72 -17.29
CA LEU A 286 -6.50 -22.21 -16.01
C LEU A 286 -4.99 -22.04 -15.91
N ARG A 302 -12.90 -30.04 -0.33
CA ARG A 302 -13.75 -31.19 -0.57
C ARG A 302 -15.01 -30.79 -1.35
N TYR A 303 -15.74 -29.81 -0.83
CA TYR A 303 -16.93 -29.34 -1.54
C TYR A 303 -16.64 -27.98 -2.17
N CYS A 304 -16.04 -28.00 -3.37
CA CYS A 304 -15.71 -26.79 -4.09
C CYS A 304 -16.80 -26.57 -5.15
N PRO A 305 -17.81 -25.74 -4.81
CA PRO A 305 -18.98 -25.38 -5.63
C PRO A 305 -18.72 -24.58 -6.91
N SER A 306 -17.60 -23.88 -6.99
CA SER A 306 -17.34 -23.08 -8.18
C SER A 306 -17.26 -23.97 -9.41
N ILE A 307 -18.01 -23.60 -10.45
CA ILE A 307 -18.04 -24.38 -11.68
C ILE A 307 -16.62 -24.73 -12.10
N GLU A 308 -15.72 -23.77 -11.97
CA GLU A 308 -14.32 -23.97 -12.35
C GLU A 308 -13.69 -25.11 -11.57
N ASP A 309 -14.03 -25.25 -10.30
CA ASP A 309 -13.46 -26.30 -9.50
C ASP A 309 -14.02 -27.69 -9.81
N LYS A 310 -15.34 -27.79 -9.96
CA LYS A 310 -15.94 -29.08 -10.23
C LYS A 310 -15.77 -29.68 -11.63
N ILE A 311 -15.16 -28.93 -12.56
CA ILE A 311 -14.95 -29.51 -13.87
C ILE A 311 -13.60 -30.21 -13.83
N VAL A 312 -12.84 -29.94 -12.77
CA VAL A 312 -11.53 -30.55 -12.57
C VAL A 312 -11.71 -31.73 -11.63
N LYS A 313 -12.63 -31.58 -10.68
CA LYS A 313 -12.93 -32.63 -9.72
C LYS A 313 -13.74 -33.74 -10.39
N PHE A 314 -14.53 -33.37 -11.39
CA PHE A 314 -15.36 -34.32 -12.13
C PHE A 314 -15.18 -34.09 -13.62
N PRO A 315 -13.99 -34.40 -14.14
CA PRO A 315 -13.66 -34.22 -15.55
C PRO A 315 -14.56 -34.99 -16.52
N ASP A 316 -15.27 -35.98 -16.00
CA ASP A 316 -16.12 -36.81 -16.84
C ASP A 316 -17.56 -36.35 -17.07
N LYS A 317 -18.11 -35.54 -16.16
CA LYS A 317 -19.48 -35.08 -16.35
C LYS A 317 -19.53 -34.09 -17.51
N GLU A 318 -20.32 -34.42 -18.53
CA GLU A 318 -20.44 -33.59 -19.73
C GLU A 318 -21.27 -32.32 -19.59
N ARG A 319 -22.11 -32.26 -18.57
CA ARG A 319 -22.95 -31.09 -18.36
C ARG A 319 -23.31 -30.94 -16.89
N HIS A 320 -23.37 -29.69 -16.44
CA HIS A 320 -23.72 -29.40 -15.06
C HIS A 320 -25.02 -28.58 -15.07
N GLN A 321 -25.93 -28.93 -14.19
CA GLN A 321 -27.21 -28.24 -14.11
C GLN A 321 -27.08 -26.82 -13.57
N ILE A 322 -27.86 -25.92 -14.13
CA ILE A 322 -27.86 -24.52 -13.71
C ILE A 322 -29.30 -24.06 -13.52
N PHE A 323 -29.57 -23.41 -12.41
CA PHE A 323 -30.91 -22.90 -12.13
C PHE A 323 -30.93 -21.40 -12.23
N LEU A 324 -31.70 -20.86 -13.16
CA LEU A 324 -31.79 -19.42 -13.30
C LEU A 324 -32.90 -18.96 -12.35
N GLU A 325 -32.51 -18.18 -11.35
CA GLU A 325 -33.45 -17.70 -10.35
C GLU A 325 -33.70 -16.19 -10.35
N PRO A 326 -34.97 -15.78 -10.20
CA PRO A 326 -35.29 -14.35 -10.18
C PRO A 326 -34.81 -13.84 -8.83
N GLU A 327 -34.44 -12.56 -8.74
CA GLU A 327 -33.96 -12.01 -7.47
C GLU A 327 -35.05 -11.22 -6.75
N GLY A 328 -36.20 -11.05 -7.40
CA GLY A 328 -37.30 -10.32 -6.81
C GLY A 328 -38.32 -10.03 -7.90
N LEU A 329 -39.42 -9.37 -7.53
CA LEU A 329 -40.46 -9.07 -8.52
C LEU A 329 -40.19 -7.77 -9.29
N ASP A 330 -39.50 -6.83 -8.64
CA ASP A 330 -39.21 -5.55 -9.26
C ASP A 330 -37.91 -5.51 -10.05
N THR A 331 -36.92 -6.26 -9.58
CA THR A 331 -35.62 -6.29 -10.22
C THR A 331 -35.55 -7.21 -11.44
N ILE A 332 -34.61 -6.92 -12.34
CA ILE A 332 -34.44 -7.75 -13.53
C ILE A 332 -33.22 -8.65 -13.40
N GLU A 333 -32.58 -8.63 -12.24
CA GLU A 333 -31.39 -9.45 -12.01
C GLU A 333 -31.74 -10.93 -11.85
N ILE A 334 -30.93 -11.78 -12.48
CA ILE A 334 -31.10 -13.23 -12.44
C ILE A 334 -29.86 -13.84 -11.82
N TYR A 335 -30.06 -14.71 -10.83
CA TYR A 335 -28.95 -15.38 -10.15
C TYR A 335 -28.77 -16.76 -10.78
N PRO A 336 -27.64 -17.00 -11.47
CA PRO A 336 -27.42 -18.32 -12.09
C PRO A 336 -26.80 -19.33 -11.13
N ASN A 337 -27.65 -20.05 -10.41
CA ASN A 337 -27.18 -21.04 -9.44
C ASN A 337 -26.46 -22.19 -10.13
N GLY A 338 -25.21 -22.40 -9.72
CA GLY A 338 -24.40 -23.44 -10.32
C GLY A 338 -23.23 -22.88 -11.12
N LEU A 339 -23.16 -21.56 -11.22
CA LEU A 339 -22.09 -20.91 -11.98
C LEU A 339 -21.22 -19.95 -11.16
N SER A 340 -20.98 -20.28 -9.90
CA SER A 340 -20.12 -19.45 -9.07
C SER A 340 -18.73 -19.62 -9.65
N THR A 341 -17.97 -18.52 -9.71
CA THR A 341 -16.63 -18.56 -10.25
C THR A 341 -15.86 -17.33 -9.78
N SER A 342 -14.55 -17.33 -9.99
CA SER A 342 -13.71 -16.21 -9.61
C SER A 342 -12.75 -15.92 -10.76
N LEU A 343 -13.12 -16.38 -11.95
CA LEU A 343 -12.34 -16.17 -13.14
C LEU A 343 -12.34 -14.69 -13.50
N PRO A 344 -11.43 -14.26 -14.38
CA PRO A 344 -11.40 -12.84 -14.79
C PRO A 344 -12.74 -12.52 -15.44
N GLU A 345 -13.17 -11.27 -15.36
CA GLU A 345 -14.45 -10.87 -15.94
C GLU A 345 -14.55 -11.14 -17.43
N GLU A 346 -13.46 -10.93 -18.17
CA GLU A 346 -13.48 -11.18 -19.61
C GLU A 346 -13.77 -12.65 -19.88
N VAL A 347 -13.23 -13.54 -19.06
CA VAL A 347 -13.47 -14.98 -19.23
C VAL A 347 -14.90 -15.31 -18.80
N GLN A 348 -15.40 -14.61 -17.78
CA GLN A 348 -16.77 -14.83 -17.34
C GLN A 348 -17.74 -14.62 -18.50
N TRP A 349 -17.49 -13.56 -19.30
CA TRP A 349 -18.37 -13.27 -20.43
C TRP A 349 -18.40 -14.46 -21.35
N GLU A 350 -17.23 -14.96 -21.69
CA GLU A 350 -17.10 -16.10 -22.58
C GLU A 350 -17.75 -17.36 -22.04
N MET A 351 -17.54 -17.67 -20.77
CA MET A 351 -18.14 -18.89 -20.26
C MET A 351 -19.66 -18.77 -20.04
N TYR A 352 -20.13 -17.62 -19.56
CA TYR A 352 -21.57 -17.45 -19.38
C TYR A 352 -22.33 -17.50 -20.71
N ARG A 353 -21.72 -16.96 -21.76
CA ARG A 353 -22.35 -16.94 -23.08
C ARG A 353 -22.32 -18.27 -23.86
N SER A 354 -21.70 -19.29 -23.27
CA SER A 354 -21.66 -20.60 -23.92
C SER A 354 -22.78 -21.47 -23.39
N ILE A 355 -23.53 -20.95 -22.41
CA ILE A 355 -24.65 -21.68 -21.81
C ILE A 355 -25.92 -21.41 -22.62
N PRO A 356 -26.61 -22.45 -23.06
CA PRO A 356 -27.85 -22.29 -23.84
C PRO A 356 -28.84 -21.34 -23.15
N GLY A 357 -29.25 -20.31 -23.88
CA GLY A 357 -30.17 -19.33 -23.34
C GLY A 357 -29.46 -18.03 -22.99
N LEU A 358 -28.19 -18.14 -22.62
CA LEU A 358 -27.37 -17.00 -22.24
C LEU A 358 -26.35 -16.59 -23.31
N GLU A 359 -26.62 -16.90 -24.57
CA GLU A 359 -25.68 -16.57 -25.64
C GLU A 359 -25.36 -15.08 -25.74
N ASN A 360 -26.35 -14.24 -25.44
CA ASN A 360 -26.15 -12.80 -25.50
C ASN A 360 -26.42 -12.12 -24.18
N VAL A 361 -26.31 -12.88 -23.09
CA VAL A 361 -26.57 -12.32 -21.78
C VAL A 361 -25.58 -11.20 -21.43
N VAL A 362 -26.08 -10.25 -20.65
CA VAL A 362 -25.31 -9.11 -20.18
C VAL A 362 -25.21 -9.20 -18.66
N LEU A 363 -24.01 -9.11 -18.13
CA LEU A 363 -23.84 -9.17 -16.69
C LEU A 363 -24.13 -7.81 -16.08
N ILE A 364 -24.68 -7.84 -14.87
CA ILE A 364 -24.96 -6.61 -14.13
C ILE A 364 -23.89 -6.54 -13.03
N ARG A 365 -23.60 -7.69 -12.43
CA ARG A 365 -22.58 -7.76 -11.39
C ARG A 365 -21.69 -8.96 -11.73
N PRO A 366 -20.37 -8.79 -11.61
CA PRO A 366 -19.42 -9.85 -11.92
C PRO A 366 -19.35 -10.91 -10.82
N ALA A 367 -19.05 -12.14 -11.20
CA ALA A 367 -18.90 -13.22 -10.23
C ALA A 367 -17.61 -12.94 -9.47
N TYR A 368 -17.48 -13.48 -8.27
CA TYR A 368 -16.26 -13.29 -7.50
C TYR A 368 -16.20 -14.27 -6.33
N ALA A 369 -15.06 -14.27 -5.66
CA ALA A 369 -14.86 -15.12 -4.50
C ALA A 369 -14.41 -14.21 -3.36
N ILE A 370 -14.79 -14.57 -2.13
CA ILE A 370 -14.42 -13.77 -0.98
C ILE A 370 -13.64 -14.59 0.04
N GLU A 371 -12.61 -13.98 0.61
CA GLU A 371 -11.80 -14.64 1.63
C GLU A 371 -11.91 -13.75 2.86
N TYR A 372 -12.03 -14.36 4.04
CA TYR A 372 -12.20 -13.59 5.27
C TYR A 372 -11.62 -14.32 6.49
N ASP A 373 -11.59 -13.63 7.62
CA ASP A 373 -11.06 -14.23 8.83
C ASP A 373 -12.11 -15.08 9.55
N VAL A 374 -11.65 -16.19 10.12
CA VAL A 374 -12.48 -17.13 10.85
C VAL A 374 -11.75 -17.64 12.10
N VAL A 375 -12.46 -17.71 13.22
CA VAL A 375 -11.88 -18.24 14.45
C VAL A 375 -12.43 -19.67 14.56
N PRO A 376 -11.53 -20.68 14.53
CA PRO A 376 -11.94 -22.08 14.63
C PRO A 376 -13.01 -22.30 15.70
N PRO A 377 -14.12 -22.96 15.34
CA PRO A 377 -15.24 -23.24 16.25
C PRO A 377 -14.83 -23.99 17.53
N THR A 378 -13.73 -24.73 17.45
CA THR A 378 -13.27 -25.49 18.60
C THR A 378 -12.84 -24.60 19.76
N GLU A 379 -12.92 -23.28 19.55
CA GLU A 379 -12.58 -22.34 20.61
C GLU A 379 -13.82 -22.07 21.45
N LEU A 380 -14.95 -22.67 21.06
CA LEU A 380 -16.22 -22.49 21.75
C LEU A 380 -16.79 -23.76 22.37
N TYR A 381 -17.70 -23.58 23.33
CA TYR A 381 -18.40 -24.70 23.96
C TYR A 381 -19.66 -24.81 23.10
N PRO A 382 -20.47 -25.85 23.32
CA PRO A 382 -21.70 -25.98 22.52
C PRO A 382 -22.68 -24.82 22.76
N THR A 383 -22.32 -23.94 23.70
CA THR A 383 -23.14 -22.78 24.03
C THR A 383 -22.73 -21.59 23.14
N LEU A 384 -21.74 -21.83 22.29
CA LEU A 384 -21.18 -20.82 21.39
C LEU A 384 -20.38 -19.77 22.16
N GLU A 385 -20.24 -19.99 23.47
CA GLU A 385 -19.46 -19.07 24.29
C GLU A 385 -17.99 -19.47 24.20
N THR A 386 -17.13 -18.47 24.11
CA THR A 386 -15.69 -18.68 24.01
C THR A 386 -15.12 -19.33 25.28
N LYS A 387 -14.19 -20.27 25.11
CA LYS A 387 -13.57 -20.93 26.26
C LYS A 387 -12.60 -19.99 26.97
N LYS A 388 -11.98 -19.10 26.19
CA LYS A 388 -11.02 -18.14 26.71
C LYS A 388 -11.63 -16.95 27.43
N ILE A 389 -12.78 -16.49 26.96
CA ILE A 389 -13.39 -15.31 27.57
C ILE A 389 -14.88 -15.42 27.86
N ARG A 390 -15.22 -15.24 29.12
CA ARG A 390 -16.60 -15.32 29.56
C ARG A 390 -17.38 -14.13 29.00
N GLY A 391 -18.56 -14.40 28.45
CA GLY A 391 -19.38 -13.34 27.88
C GLY A 391 -19.13 -13.08 26.41
N LEU A 392 -18.27 -13.86 25.78
CA LEU A 392 -17.97 -13.70 24.36
C LEU A 392 -18.51 -14.87 23.55
N PHE A 393 -19.34 -14.59 22.56
CA PHE A 393 -19.93 -15.63 21.72
C PHE A 393 -19.70 -15.33 20.24
N HIS A 394 -19.56 -16.39 19.45
CA HIS A 394 -19.35 -16.24 18.00
C HIS A 394 -20.47 -16.95 17.23
N ALA A 395 -20.76 -16.48 16.01
CA ALA A 395 -21.80 -17.11 15.20
C ALA A 395 -21.70 -16.72 13.72
N GLY A 396 -22.16 -17.62 12.85
CA GLY A 396 -22.15 -17.36 11.42
C GLY A 396 -20.89 -17.73 10.67
N ASN A 397 -20.66 -17.09 9.52
CA ASN A 397 -19.47 -17.36 8.72
C ASN A 397 -18.18 -17.15 9.50
N PHE A 398 -18.21 -16.25 10.49
CA PHE A 398 -17.03 -15.99 11.31
C PHE A 398 -16.74 -17.23 12.15
N ASN A 399 -17.78 -18.03 12.35
CA ASN A 399 -17.66 -19.24 13.15
C ASN A 399 -17.31 -20.47 12.32
N GLY A 400 -17.00 -20.26 11.04
CA GLY A 400 -16.62 -21.37 10.20
C GLY A 400 -17.67 -22.01 9.32
N THR A 401 -18.86 -21.43 9.26
CA THR A 401 -19.91 -21.98 8.40
C THR A 401 -20.16 -21.06 7.22
N THR A 402 -20.99 -21.53 6.30
CA THR A 402 -21.37 -20.73 5.15
C THR A 402 -22.85 -21.02 4.91
N GLY A 403 -23.62 -19.97 4.61
CA GLY A 403 -25.05 -20.13 4.40
C GLY A 403 -25.85 -19.25 5.33
N TYR A 404 -27.01 -18.77 4.87
CA TYR A 404 -27.86 -17.90 5.69
C TYR A 404 -28.42 -18.66 6.89
N GLU A 405 -29.01 -19.81 6.62
CA GLU A 405 -29.63 -20.64 7.65
C GLU A 405 -28.66 -21.11 8.74
N GLU A 406 -27.53 -21.71 8.34
CA GLU A 406 -26.57 -22.16 9.36
C GLU A 406 -26.14 -21.01 10.26
N ALA A 407 -26.06 -19.80 9.68
CA ALA A 407 -25.69 -18.60 10.44
C ALA A 407 -26.81 -18.23 11.42
N ALA A 408 -28.03 -18.10 10.89
CA ALA A 408 -29.18 -17.74 11.72
C ALA A 408 -29.41 -18.74 12.86
N GLY A 409 -29.14 -20.01 12.57
CA GLY A 409 -29.31 -21.05 13.57
C GLY A 409 -28.36 -20.84 14.74
N GLN A 410 -27.12 -20.45 14.43
CA GLN A 410 -26.15 -20.22 15.49
C GLN A 410 -26.44 -18.93 16.21
N GLY A 411 -26.84 -17.93 15.43
CA GLY A 411 -27.12 -16.61 15.98
C GLY A 411 -28.16 -16.59 17.08
N ILE A 412 -29.25 -17.33 16.91
CA ILE A 412 -30.29 -17.35 17.92
C ILE A 412 -29.78 -17.97 19.22
N VAL A 413 -28.94 -19.00 19.12
CA VAL A 413 -28.37 -19.64 20.29
C VAL A 413 -27.42 -18.66 21.01
N ALA A 414 -26.56 -18.01 20.24
CA ALA A 414 -25.60 -17.06 20.80
C ALA A 414 -26.31 -15.89 21.46
N GLY A 415 -27.35 -15.39 20.79
CA GLY A 415 -28.12 -14.28 21.33
C GLY A 415 -28.78 -14.70 22.62
N ILE A 416 -29.37 -15.89 22.64
CA ILE A 416 -30.02 -16.41 23.82
C ILE A 416 -29.05 -16.47 25.01
N ASN A 417 -27.87 -17.05 24.77
CA ASN A 417 -26.90 -17.19 25.84
C ASN A 417 -26.21 -15.91 26.26
N ALA A 418 -26.12 -14.94 25.36
CA ALA A 418 -25.52 -13.66 25.70
C ALA A 418 -26.43 -12.96 26.70
N ALA A 419 -27.74 -12.99 26.43
CA ALA A 419 -28.72 -12.39 27.32
C ALA A 419 -28.66 -13.09 28.68
N LEU A 420 -28.65 -14.43 28.67
CA LEU A 420 -28.57 -15.19 29.92
C LEU A 420 -27.36 -14.74 30.72
N ARG A 421 -26.20 -14.71 30.07
CA ARG A 421 -24.97 -14.26 30.74
C ARG A 421 -25.17 -12.90 31.38
N ALA A 422 -25.76 -11.99 30.61
CA ALA A 422 -26.02 -10.63 31.06
C ALA A 422 -26.92 -10.63 32.30
N PHE A 423 -27.79 -11.62 32.39
CA PHE A 423 -28.70 -11.71 33.54
C PHE A 423 -28.14 -12.56 34.66
N GLY A 424 -26.89 -13.01 34.50
CA GLY A 424 -26.29 -13.83 35.53
C GLY A 424 -26.88 -15.23 35.60
N LYS A 425 -27.42 -15.74 34.50
CA LYS A 425 -28.00 -17.07 34.49
C LYS A 425 -27.08 -18.04 33.74
N GLU A 426 -27.48 -19.30 33.66
CA GLU A 426 -26.65 -20.28 32.97
C GLU A 426 -27.01 -20.47 31.52
N PRO A 427 -26.00 -20.43 30.64
CA PRO A 427 -26.21 -20.60 29.21
C PRO A 427 -26.73 -22.00 28.93
N ILE A 428 -27.49 -22.13 27.85
CA ILE A 428 -28.04 -23.42 27.47
C ILE A 428 -27.38 -23.83 26.17
N TYR A 429 -27.71 -25.02 25.69
CA TYR A 429 -27.18 -25.52 24.44
C TYR A 429 -28.22 -26.46 23.87
N LEU A 430 -28.14 -26.75 22.59
CA LEU A 430 -29.10 -27.61 21.94
C LEU A 430 -28.56 -29.01 21.68
N ARG A 431 -29.17 -30.01 22.32
CA ARG A 431 -28.75 -31.39 22.16
C ARG A 431 -28.89 -31.80 20.70
N ARG A 432 -27.85 -32.41 20.15
CA ARG A 432 -27.86 -32.83 18.77
C ARG A 432 -28.89 -33.91 18.48
N ASP A 433 -29.37 -34.59 19.52
CA ASP A 433 -30.37 -35.63 19.31
C ASP A 433 -31.79 -35.07 19.30
N GLU A 434 -31.92 -33.75 19.33
CA GLU A 434 -33.24 -33.12 19.33
C GLU A 434 -33.44 -32.04 18.28
N SER A 435 -32.36 -31.56 17.68
CA SER A 435 -32.49 -30.53 16.66
C SER A 435 -31.29 -30.50 15.74
N TYR A 436 -31.53 -30.00 14.53
CA TYR A 436 -30.47 -29.91 13.56
C TYR A 436 -29.51 -28.77 13.92
N ILE A 437 -30.02 -27.78 14.64
CA ILE A 437 -29.17 -26.68 15.05
C ILE A 437 -28.15 -27.27 16.03
N GLY A 438 -28.63 -28.20 16.86
CA GLY A 438 -27.75 -28.85 17.82
C GLY A 438 -26.69 -29.67 17.11
N VAL A 439 -27.07 -30.38 16.05
CA VAL A 439 -26.14 -31.19 15.30
C VAL A 439 -25.03 -30.31 14.73
N MET A 440 -25.44 -29.22 14.07
CA MET A 440 -24.48 -28.28 13.48
C MET A 440 -23.49 -27.75 14.52
N ILE A 441 -24.03 -27.20 15.60
CA ILE A 441 -23.20 -26.64 16.65
C ILE A 441 -22.29 -27.68 17.29
N ASP A 442 -22.80 -28.90 17.44
CA ASP A 442 -22.03 -29.99 18.01
C ASP A 442 -20.84 -30.32 17.09
N ASP A 443 -21.08 -30.44 15.79
CA ASP A 443 -20.00 -30.76 14.87
C ASP A 443 -18.94 -29.65 14.82
N LEU A 444 -19.37 -28.40 14.82
CA LEU A 444 -18.43 -27.28 14.76
C LEU A 444 -17.46 -27.25 15.94
N THR A 445 -18.02 -27.32 17.16
CA THR A 445 -17.23 -27.25 18.37
C THR A 445 -16.57 -28.57 18.80
N THR A 446 -17.00 -29.67 18.19
CA THR A 446 -16.44 -30.96 18.54
C THR A 446 -15.52 -31.54 17.45
N LYS A 447 -15.84 -31.28 16.18
CA LYS A 447 -15.03 -31.79 15.08
C LYS A 447 -14.10 -30.71 14.54
N GLY A 448 -14.56 -29.46 14.60
CA GLY A 448 -13.77 -28.36 14.06
C GLY A 448 -14.02 -28.33 12.56
N VAL A 449 -13.41 -27.40 11.83
CA VAL A 449 -13.61 -27.33 10.39
C VAL A 449 -12.34 -27.11 9.59
N THR A 450 -12.32 -27.71 8.40
CA THR A 450 -11.20 -27.65 7.47
C THR A 450 -11.58 -26.74 6.30
N GLU A 451 -12.89 -26.57 6.15
CA GLU A 451 -13.47 -25.75 5.10
C GLU A 451 -14.83 -25.30 5.63
N PRO A 452 -15.50 -24.41 4.90
CA PRO A 452 -16.82 -23.95 5.38
C PRO A 452 -17.83 -25.07 5.62
N TYR A 453 -18.42 -25.08 6.81
CA TYR A 453 -19.42 -26.07 7.19
C TYR A 453 -20.77 -25.77 6.52
N ARG A 454 -21.39 -26.80 5.97
CA ARG A 454 -22.69 -26.69 5.29
C ARG A 454 -23.60 -27.74 5.92
N LEU A 455 -24.83 -27.35 6.24
CA LEU A 455 -25.78 -28.27 6.87
C LEU A 455 -26.07 -29.59 6.16
N PHE A 456 -25.84 -29.69 4.86
CA PHE A 456 -26.13 -30.94 4.19
C PHE A 456 -25.05 -32.00 4.33
N THR A 457 -23.94 -31.65 4.99
CA THR A 457 -22.86 -32.60 5.19
C THR A 457 -22.97 -33.27 6.55
N SER A 458 -23.87 -32.78 7.38
CA SER A 458 -24.02 -33.35 8.70
C SER A 458 -24.82 -34.64 8.65
N ARG A 459 -24.57 -35.52 9.61
CA ARG A 459 -25.28 -36.78 9.68
C ARG A 459 -25.98 -36.95 11.01
N SER A 460 -27.28 -36.73 11.01
CA SER A 460 -28.07 -36.88 12.24
C SER A 460 -28.41 -38.34 12.44
N GLU A 461 -28.05 -38.87 13.60
CA GLU A 461 -28.34 -40.27 13.92
C GLU A 461 -29.81 -40.41 14.28
N TYR A 462 -30.52 -39.28 14.33
CA TYR A 462 -31.94 -39.27 14.64
C TYR A 462 -32.70 -38.54 13.53
N ARG A 463 -32.33 -38.82 12.29
CA ARG A 463 -32.98 -38.19 11.14
C ARG A 463 -34.48 -38.47 11.03
N LEU A 464 -34.96 -39.52 11.67
CA LEU A 464 -36.39 -39.82 11.60
C LEU A 464 -37.20 -39.02 12.62
N TYR A 465 -36.55 -38.59 13.70
CA TYR A 465 -37.23 -37.81 14.73
C TYR A 465 -37.06 -36.30 14.49
N ILE A 466 -35.91 -35.92 13.93
CA ILE A 466 -35.63 -34.51 13.65
C ILE A 466 -36.09 -34.19 12.24
N ARG A 467 -37.41 -34.05 12.08
CA ARG A 467 -38.02 -33.80 10.79
C ARG A 467 -38.45 -32.34 10.58
N GLN A 468 -38.93 -32.08 9.37
CA GLN A 468 -39.39 -30.75 8.98
C GLN A 468 -40.74 -30.40 9.57
N ASP A 469 -41.59 -31.41 9.73
CA ASP A 469 -42.93 -31.23 10.24
C ASP A 469 -43.08 -31.15 11.76
N ASN A 470 -42.01 -31.40 12.51
CA ASN A 470 -42.14 -31.38 13.95
C ASN A 470 -41.16 -30.49 14.72
N ALA A 471 -40.59 -29.50 14.05
CA ALA A 471 -39.68 -28.59 14.73
C ALA A 471 -40.42 -27.90 15.86
N ILE A 472 -41.68 -27.56 15.60
CA ILE A 472 -42.52 -26.88 16.59
C ILE A 472 -42.69 -27.70 17.86
N LEU A 473 -42.83 -29.01 17.72
CA LEU A 473 -43.02 -29.90 18.86
C LEU A 473 -41.71 -30.18 19.60
N ARG A 474 -40.59 -30.09 18.88
CA ARG A 474 -39.30 -30.36 19.48
C ARG A 474 -38.65 -29.16 20.20
N LEU A 475 -38.96 -27.94 19.76
CA LEU A 475 -38.33 -26.77 20.36
C LEU A 475 -39.23 -25.70 20.98
N ALA A 476 -40.54 -25.77 20.78
CA ALA A 476 -41.42 -24.75 21.35
C ALA A 476 -41.32 -24.57 22.87
N LYS A 477 -41.14 -25.66 23.59
CA LYS A 477 -41.04 -25.58 25.05
C LYS A 477 -39.87 -24.69 25.48
N LEU A 478 -38.71 -24.94 24.91
CA LEU A 478 -37.52 -24.15 25.24
C LEU A 478 -37.77 -22.71 24.84
N GLY A 479 -38.43 -22.51 23.69
CA GLY A 479 -38.72 -21.18 23.20
C GLY A 479 -39.58 -20.40 24.19
N ARG A 480 -40.61 -21.06 24.72
CA ARG A 480 -41.50 -20.43 25.69
C ARG A 480 -40.74 -20.23 27.00
N GLU A 481 -39.97 -21.24 27.39
CA GLU A 481 -39.19 -21.17 28.62
C GLU A 481 -38.27 -19.95 28.64
N LEU A 482 -37.68 -19.63 27.50
CA LEU A 482 -36.78 -18.49 27.39
C LEU A 482 -37.52 -17.18 27.29
N GLY A 483 -38.80 -17.23 26.96
CA GLY A 483 -39.56 -16.00 26.85
C GLY A 483 -39.68 -15.49 25.43
N LEU A 484 -39.12 -16.23 24.47
CA LEU A 484 -39.18 -15.83 23.06
C LEU A 484 -40.58 -16.03 22.51
N LEU A 485 -41.27 -17.07 22.99
CA LEU A 485 -42.65 -17.31 22.56
C LEU A 485 -43.54 -16.75 23.67
N SER A 486 -44.70 -16.23 23.30
CA SER A 486 -45.60 -15.67 24.29
C SER A 486 -46.37 -16.81 24.94
N GLU A 487 -47.16 -16.48 25.96
CA GLU A 487 -47.95 -17.48 26.68
C GLU A 487 -49.00 -18.05 25.71
N GLU A 488 -49.51 -17.18 24.85
CA GLU A 488 -50.52 -17.57 23.87
C GLU A 488 -49.98 -18.49 22.79
N GLN A 489 -48.78 -18.20 22.29
CA GLN A 489 -48.16 -19.03 21.25
C GLN A 489 -47.98 -20.45 21.75
N TYR A 490 -47.38 -20.60 22.92
CA TYR A 490 -47.16 -21.93 23.46
C TYR A 490 -48.48 -22.63 23.82
N LYS A 491 -49.50 -21.86 24.17
CA LYS A 491 -50.78 -22.47 24.51
C LYS A 491 -51.33 -23.20 23.31
N LEU A 492 -51.16 -22.63 22.12
CA LEU A 492 -51.64 -23.27 20.91
C LEU A 492 -50.89 -24.58 20.72
N VAL A 493 -49.58 -24.56 20.93
CA VAL A 493 -48.77 -25.74 20.79
C VAL A 493 -49.20 -26.84 21.73
N LYS A 494 -49.38 -26.51 23.01
CA LYS A 494 -49.81 -27.51 24.00
C LYS A 494 -51.15 -28.13 23.63
N GLU A 495 -52.06 -27.31 23.15
CA GLU A 495 -53.38 -27.81 22.76
C GLU A 495 -53.26 -28.84 21.64
N LEU A 496 -52.66 -28.44 20.52
CA LEU A 496 -52.49 -29.33 19.37
C LEU A 496 -51.76 -30.61 19.75
N GLU A 497 -50.73 -30.47 20.57
CA GLU A 497 -49.93 -31.60 21.01
C GLU A 497 -50.82 -32.59 21.78
N ARG A 498 -51.79 -32.03 22.50
CA ARG A 498 -52.73 -32.81 23.28
C ARG A 498 -53.72 -33.47 22.33
N GLU A 499 -54.24 -32.71 21.36
CA GLU A 499 -55.17 -33.28 20.40
C GLU A 499 -54.51 -34.44 19.65
N ILE A 500 -53.26 -34.22 19.24
CA ILE A 500 -52.50 -35.24 18.53
C ILE A 500 -52.44 -36.54 19.33
N GLU A 501 -52.10 -36.44 20.62
CA GLU A 501 -52.01 -37.63 21.46
C GLU A 501 -53.35 -38.31 21.66
N LYS A 502 -54.44 -37.54 21.65
CA LYS A 502 -55.76 -38.13 21.79
C LYS A 502 -55.96 -39.08 20.62
N TRP A 503 -55.98 -38.50 19.41
CA TRP A 503 -56.19 -39.28 18.20
C TRP A 503 -55.28 -40.48 18.03
N LYS A 504 -54.02 -40.35 18.44
CA LYS A 504 -53.11 -41.49 18.31
C LYS A 504 -53.61 -42.64 19.20
N GLU A 505 -54.00 -42.34 20.44
CA GLU A 505 -54.51 -43.35 21.36
C GLU A 505 -55.87 -43.88 20.87
N PHE A 506 -56.64 -43.02 20.22
CA PHE A 506 -57.94 -43.40 19.69
C PHE A 506 -57.78 -44.36 18.50
N TYR A 507 -56.98 -43.97 17.50
CA TYR A 507 -56.77 -44.84 16.33
C TYR A 507 -56.07 -46.14 16.70
N LYS A 508 -55.39 -46.14 17.85
CA LYS A 508 -54.68 -47.34 18.31
C LYS A 508 -55.62 -48.31 19.01
N SER A 509 -56.82 -47.84 19.35
CA SER A 509 -57.80 -48.66 20.04
C SER A 509 -58.98 -49.04 19.13
N GLU A 510 -59.08 -48.38 17.98
CA GLU A 510 -60.15 -48.67 17.03
C GLU A 510 -59.68 -49.69 16.00
N ARG A 511 -60.10 -50.93 16.18
CA ARG A 511 -59.75 -52.02 15.26
C ARG A 511 -60.66 -52.06 14.05
N VAL A 512 -60.20 -52.73 13.00
CA VAL A 512 -60.98 -52.88 11.77
C VAL A 512 -60.61 -54.20 11.11
N SER A 513 -61.59 -54.88 10.53
CA SER A 513 -61.34 -56.16 9.88
C SER A 513 -61.19 -56.01 8.37
N VAL A 514 -60.06 -56.48 7.85
CA VAL A 514 -59.78 -56.40 6.42
C VAL A 514 -59.47 -57.77 5.81
N ALA A 515 -59.83 -57.94 4.54
CA ALA A 515 -59.60 -59.20 3.85
C ALA A 515 -58.29 -59.16 3.08
N VAL A 516 -57.19 -59.53 3.74
CA VAL A 516 -55.88 -59.55 3.13
C VAL A 516 -55.71 -60.80 2.26
N GLY A 517 -56.16 -60.70 1.01
CA GLY A 517 -56.07 -61.82 0.10
C GLY A 517 -57.23 -62.78 0.29
N GLY A 518 -56.93 -63.97 0.79
CA GLY A 518 -57.96 -64.96 1.02
C GLY A 518 -58.19 -65.16 2.51
N ASP A 519 -57.52 -64.36 3.32
CA ASP A 519 -57.67 -64.44 4.77
C ASP A 519 -58.15 -63.11 5.32
N THR A 520 -58.78 -63.14 6.50
CA THR A 520 -59.29 -61.93 7.13
C THR A 520 -58.48 -61.58 8.39
N ARG A 521 -58.14 -60.31 8.53
CA ARG A 521 -57.36 -59.84 9.68
C ARG A 521 -58.03 -58.68 10.41
N SER A 522 -57.57 -58.42 11.62
CA SER A 522 -58.09 -57.32 12.44
C SER A 522 -56.97 -56.34 12.78
N TYR A 523 -56.97 -55.19 12.13
CA TYR A 523 -55.93 -54.19 12.33
C TYR A 523 -56.46 -52.87 12.88
N SER A 524 -55.66 -52.22 13.74
CA SER A 524 -56.06 -50.93 14.28
C SER A 524 -55.76 -49.86 13.22
N VAL A 525 -56.48 -48.75 13.27
CA VAL A 525 -56.28 -47.66 12.30
C VAL A 525 -54.82 -47.23 12.32
N ALA A 526 -54.24 -47.14 13.52
CA ALA A 526 -52.84 -46.75 13.67
C ALA A 526 -51.98 -47.66 12.82
N THR A 527 -52.24 -48.97 12.88
CA THR A 527 -51.48 -49.94 12.11
C THR A 527 -51.73 -49.81 10.61
N LEU A 528 -52.93 -49.37 10.23
CA LEU A 528 -53.24 -49.22 8.81
C LEU A 528 -52.40 -48.12 8.18
N MET A 529 -51.93 -47.18 9.00
CA MET A 529 -51.09 -46.07 8.53
C MET A 529 -49.71 -46.61 8.13
N THR A 530 -49.43 -47.80 8.63
CA THR A 530 -48.17 -48.49 8.38
C THR A 530 -48.30 -49.40 7.18
N MET A 531 -49.52 -49.47 6.63
CA MET A 531 -49.79 -50.33 5.49
C MET A 531 -50.33 -49.59 4.26
N ASN A 532 -49.77 -48.42 4.01
CA ASN A 532 -50.14 -47.59 2.86
C ASN A 532 -51.51 -46.94 2.88
N TYR A 533 -52.03 -46.70 4.08
CA TYR A 533 -53.32 -46.04 4.23
C TYR A 533 -53.05 -44.64 4.76
N THR A 534 -53.79 -43.67 4.25
CA THR A 534 -53.67 -42.30 4.74
C THR A 534 -54.93 -42.15 5.60
N LEU A 535 -55.00 -41.12 6.43
CA LEU A 535 -56.20 -40.93 7.22
C LEU A 535 -57.38 -40.75 6.27
N ASP A 536 -57.18 -40.02 5.17
CA ASP A 536 -58.24 -39.81 4.18
C ASP A 536 -58.74 -41.13 3.60
N ASP A 537 -57.83 -42.09 3.41
CA ASP A 537 -58.25 -43.40 2.89
C ASP A 537 -59.14 -44.07 3.92
N VAL A 538 -58.71 -44.01 5.18
CA VAL A 538 -59.44 -44.64 6.27
C VAL A 538 -60.84 -44.07 6.46
N LYS A 539 -60.99 -42.76 6.28
CA LYS A 539 -62.29 -42.12 6.42
C LYS A 539 -63.18 -42.47 5.23
N GLU A 540 -62.58 -42.52 4.05
CA GLU A 540 -63.31 -42.84 2.84
C GLU A 540 -63.79 -44.28 2.81
N LYS A 541 -62.92 -45.22 3.15
CA LYS A 541 -63.27 -46.63 3.14
C LYS A 541 -63.99 -47.13 4.39
N PHE A 542 -63.49 -46.78 5.57
CA PHE A 542 -64.10 -47.26 6.81
C PHE A 542 -65.01 -46.26 7.53
N GLY A 543 -65.08 -45.04 7.01
CA GLY A 543 -65.94 -44.03 7.60
C GLY A 543 -65.52 -43.45 8.94
N TYR A 544 -64.27 -43.60 9.33
CA TYR A 544 -63.81 -43.05 10.60
C TYR A 544 -63.67 -41.54 10.51
N GLU A 545 -63.58 -40.90 11.66
CA GLU A 545 -63.44 -39.45 11.74
C GLU A 545 -61.96 -39.08 11.68
N VAL A 546 -61.67 -37.84 11.31
CA VAL A 546 -60.29 -37.36 11.23
C VAL A 546 -60.18 -35.96 11.83
N PRO A 547 -59.04 -35.64 12.47
CA PRO A 547 -58.83 -34.33 13.08
C PRO A 547 -59.19 -33.24 12.08
N GLN A 548 -59.83 -32.19 12.55
CA GLN A 548 -60.23 -31.12 11.64
C GLN A 548 -59.17 -30.02 11.56
N HIS A 549 -58.28 -29.98 12.54
CA HIS A 549 -57.21 -29.00 12.52
C HIS A 549 -56.14 -29.52 11.56
N PRO A 550 -55.78 -28.72 10.54
CA PRO A 550 -54.78 -29.09 9.54
C PRO A 550 -53.50 -29.71 10.08
N TYR A 551 -52.94 -29.13 11.15
CA TYR A 551 -51.71 -29.66 11.70
C TYR A 551 -51.89 -30.99 12.43
N VAL A 552 -52.87 -31.05 13.32
CA VAL A 552 -53.13 -32.28 14.06
C VAL A 552 -53.40 -33.42 13.07
N LYS A 553 -54.21 -33.12 12.06
CA LYS A 553 -54.57 -34.09 11.03
C LYS A 553 -53.33 -34.71 10.39
N GLU A 554 -52.42 -33.87 9.91
CA GLU A 554 -51.22 -34.35 9.25
C GLU A 554 -50.17 -34.94 10.19
N GLU A 555 -49.96 -34.31 11.33
CA GLU A 555 -48.95 -34.77 12.28
C GLU A 555 -49.30 -36.14 12.88
N VAL A 556 -50.59 -36.41 13.02
CA VAL A 556 -51.05 -37.69 13.55
C VAL A 556 -50.71 -38.77 12.54
N GLU A 557 -51.04 -38.51 11.27
CA GLU A 557 -50.77 -39.47 10.21
C GLU A 557 -49.28 -39.76 10.11
N ILE A 558 -48.47 -38.72 10.21
CA ILE A 558 -47.01 -38.86 10.13
C ILE A 558 -46.41 -39.64 11.30
N GLN A 559 -46.87 -39.36 12.52
CA GLN A 559 -46.35 -40.04 13.70
C GLN A 559 -46.73 -41.52 13.76
N LEU A 560 -47.91 -41.86 13.25
CA LEU A 560 -48.37 -43.25 13.25
C LEU A 560 -47.64 -44.03 12.14
N LYS A 561 -47.50 -43.39 10.98
CA LYS A 561 -46.83 -44.01 9.85
C LYS A 561 -45.37 -44.31 10.18
N TYR A 562 -44.72 -43.38 10.90
CA TYR A 562 -43.31 -43.56 11.23
C TYR A 562 -42.99 -44.13 12.60
N GLU A 563 -44.01 -44.32 13.44
CA GLU A 563 -43.80 -44.85 14.79
C GLU A 563 -42.83 -46.04 14.80
N PRO A 564 -43.01 -47.01 13.89
CA PRO A 564 -42.15 -48.20 13.82
C PRO A 564 -40.67 -47.86 13.64
N TYR A 565 -40.37 -46.92 12.74
CA TYR A 565 -38.99 -46.54 12.49
C TYR A 565 -38.39 -45.65 13.57
N ILE A 566 -39.20 -44.76 14.12
CA ILE A 566 -38.72 -43.88 15.19
C ILE A 566 -38.32 -44.74 16.39
N GLU A 567 -39.16 -45.72 16.71
CA GLU A 567 -38.90 -46.62 17.83
C GLU A 567 -37.65 -47.47 17.61
N ARG A 568 -37.47 -47.93 16.38
CA ARG A 568 -36.29 -48.75 16.05
C ARG A 568 -35.05 -47.87 16.07
N GLU A 569 -35.18 -46.65 15.57
CA GLU A 569 -34.07 -45.71 15.55
C GLU A 569 -33.66 -45.39 16.99
N ARG A 570 -34.65 -45.22 17.86
CA ARG A 570 -34.42 -44.92 19.26
C ARG A 570 -33.75 -46.09 19.95
N LYS A 571 -34.16 -47.30 19.58
CA LYS A 571 -33.62 -48.53 20.16
C LYS A 571 -32.13 -48.68 19.83
N LEU A 572 -31.79 -48.46 18.57
CA LEU A 572 -30.41 -48.59 18.12
C LEU A 572 -29.45 -47.58 18.77
N ASN A 573 -29.95 -46.40 19.09
CA ASN A 573 -29.13 -45.36 19.69
C ASN A 573 -29.25 -45.25 21.21
N GLU A 574 -29.87 -46.23 21.84
CA GLU A 574 -30.04 -46.22 23.30
C GLU A 574 -28.75 -45.92 24.04
N LYS A 575 -27.64 -46.45 23.53
CA LYS A 575 -26.35 -46.25 24.16
C LYS A 575 -25.82 -44.83 23.95
N LEU A 576 -26.20 -44.22 22.82
CA LEU A 576 -25.80 -42.84 22.53
C LEU A 576 -26.58 -41.94 23.49
N LYS A 577 -27.82 -42.33 23.75
CA LYS A 577 -28.70 -41.60 24.65
C LYS A 577 -28.15 -41.63 26.07
N LYS A 578 -27.67 -42.79 26.49
CA LYS A 578 -27.10 -42.94 27.83
C LYS A 578 -25.93 -41.98 28.00
N LEU A 579 -25.00 -42.02 27.05
CA LEU A 579 -23.83 -41.16 27.13
C LEU A 579 -24.22 -39.68 27.14
N GLU A 580 -25.15 -39.32 26.26
CA GLU A 580 -25.62 -37.94 26.15
C GLU A 580 -26.25 -37.42 27.45
N ASP A 581 -26.86 -38.33 28.21
CA ASP A 581 -27.50 -37.93 29.48
C ASP A 581 -26.50 -37.94 30.63
N THR A 582 -25.25 -38.27 30.34
CA THR A 582 -24.23 -38.29 31.39
C THR A 582 -23.41 -37.01 31.35
N LYS A 583 -23.74 -36.11 32.27
CA LYS A 583 -23.06 -34.82 32.35
C LYS A 583 -21.64 -34.94 32.90
N ILE A 584 -20.79 -34.01 32.46
CA ILE A 584 -19.41 -33.94 32.92
C ILE A 584 -19.25 -32.61 33.65
N PRO A 585 -18.74 -32.65 34.90
CA PRO A 585 -18.53 -31.45 35.71
C PRO A 585 -17.67 -30.42 35.00
N PRO A 586 -18.07 -29.14 35.03
CA PRO A 586 -17.28 -28.09 34.36
C PRO A 586 -15.95 -27.88 35.07
N ASP A 587 -15.86 -28.35 36.31
CA ASP A 587 -14.67 -28.22 37.13
C ASP A 587 -13.91 -29.54 37.22
N ILE A 588 -14.14 -30.42 36.25
CA ILE A 588 -13.48 -31.71 36.22
C ILE A 588 -11.98 -31.61 35.91
N ASP A 589 -11.17 -32.27 36.74
CA ASP A 589 -9.72 -32.28 36.54
C ASP A 589 -9.38 -33.60 35.87
N TYR A 590 -9.26 -33.58 34.54
CA TYR A 590 -8.95 -34.78 33.78
C TYR A 590 -7.63 -35.45 34.17
N ASP A 591 -6.80 -34.74 34.94
CA ASP A 591 -5.53 -35.31 35.36
C ASP A 591 -5.70 -36.29 36.51
N LYS A 592 -6.78 -36.15 37.27
CA LYS A 592 -7.04 -37.03 38.41
C LYS A 592 -7.81 -38.30 38.04
N ILE A 593 -8.07 -38.49 36.75
CA ILE A 593 -8.82 -39.66 36.32
C ILE A 593 -7.96 -40.89 36.02
N PRO A 594 -8.17 -41.97 36.78
CA PRO A 594 -7.40 -43.21 36.60
C PRO A 594 -7.79 -43.89 35.29
N GLY A 595 -6.81 -44.54 34.66
CA GLY A 595 -7.06 -45.26 33.43
C GLY A 595 -7.31 -44.41 32.19
N LEU A 596 -6.80 -43.18 32.18
CA LEU A 596 -6.99 -42.30 31.05
C LEU A 596 -5.61 -41.91 30.51
N THR A 597 -5.32 -42.30 29.27
CA THR A 597 -4.01 -42.01 28.68
C THR A 597 -3.64 -40.52 28.73
N LYS A 598 -2.37 -40.22 28.48
CA LYS A 598 -1.89 -38.84 28.51
C LYS A 598 -2.35 -38.08 27.27
N GLU A 599 -2.37 -38.76 26.13
CA GLU A 599 -2.79 -38.16 24.87
C GLU A 599 -4.28 -37.87 24.90
N ALA A 600 -5.00 -38.58 25.77
CA ALA A 600 -6.44 -38.40 25.90
C ALA A 600 -6.74 -37.22 26.81
N ARG A 601 -6.05 -37.15 27.94
CA ARG A 601 -6.26 -36.04 28.87
C ARG A 601 -6.03 -34.75 28.11
N GLU A 602 -5.10 -34.80 27.17
CA GLU A 602 -4.76 -33.64 26.37
C GLU A 602 -5.93 -33.14 25.54
N LYS A 603 -6.59 -34.06 24.85
CA LYS A 603 -7.73 -33.67 24.03
C LYS A 603 -8.93 -33.31 24.89
N LEU A 604 -9.16 -34.08 25.95
CA LEU A 604 -10.27 -33.82 26.85
C LEU A 604 -10.02 -32.55 27.64
N LYS A 605 -8.77 -32.08 27.62
CA LYS A 605 -8.41 -30.88 28.35
C LYS A 605 -8.75 -29.66 27.50
N LYS A 606 -8.55 -29.77 26.19
CA LYS A 606 -8.82 -28.68 25.27
C LYS A 606 -10.26 -28.55 24.78
N PHE A 607 -10.90 -29.68 24.46
CA PHE A 607 -12.27 -29.66 23.99
C PHE A 607 -13.26 -29.36 25.12
N LYS A 608 -12.89 -29.75 26.34
CA LYS A 608 -13.73 -29.54 27.51
C LYS A 608 -15.20 -29.90 27.25
N PRO A 609 -15.49 -31.18 26.97
CA PRO A 609 -16.85 -31.66 26.70
C PRO A 609 -17.83 -31.42 27.85
N ILE A 610 -19.10 -31.21 27.52
CA ILE A 610 -20.12 -30.97 28.53
C ILE A 610 -20.84 -32.26 28.93
N THR A 611 -20.73 -33.28 28.09
CA THR A 611 -21.35 -34.56 28.37
C THR A 611 -20.45 -35.68 27.86
N VAL A 612 -20.65 -36.89 28.36
CA VAL A 612 -19.85 -38.02 27.93
C VAL A 612 -20.16 -38.33 26.48
N GLY A 613 -21.41 -38.05 26.09
CA GLY A 613 -21.79 -38.28 24.70
C GLY A 613 -20.98 -37.40 23.77
N GLN A 614 -20.78 -36.14 24.16
CA GLN A 614 -20.01 -35.23 23.33
C GLN A 614 -18.56 -35.65 23.36
N ALA A 615 -18.11 -36.05 24.55
CA ALA A 615 -16.73 -36.50 24.73
C ALA A 615 -16.39 -37.65 23.80
N SER A 616 -17.34 -38.54 23.57
CA SER A 616 -17.09 -39.69 22.70
C SER A 616 -17.03 -39.34 21.22
N ARG A 617 -17.49 -38.15 20.83
CA ARG A 617 -17.45 -37.75 19.44
C ARG A 617 -16.14 -37.09 19.06
N ILE A 618 -15.36 -36.72 20.07
CA ILE A 618 -14.07 -36.10 19.82
C ILE A 618 -13.25 -37.10 19.03
N ASP A 619 -12.78 -36.68 17.85
CA ASP A 619 -11.97 -37.57 17.01
C ASP A 619 -10.65 -37.93 17.69
N GLY A 620 -10.51 -39.20 18.05
CA GLY A 620 -9.28 -39.64 18.69
C GLY A 620 -9.49 -40.29 20.05
N ILE A 621 -10.62 -40.01 20.70
CA ILE A 621 -10.90 -40.60 22.00
C ILE A 621 -11.29 -42.06 21.77
N THR A 622 -10.82 -42.94 22.65
CA THR A 622 -11.10 -44.37 22.53
C THR A 622 -12.22 -44.84 23.47
N PRO A 623 -12.93 -45.92 23.09
CA PRO A 623 -14.02 -46.47 23.91
C PRO A 623 -13.56 -46.73 25.34
N ALA A 624 -12.27 -46.99 25.49
CA ALA A 624 -11.69 -47.24 26.80
C ALA A 624 -11.73 -45.96 27.63
N ALA A 625 -11.25 -44.87 27.04
CA ALA A 625 -11.22 -43.57 27.70
C ALA A 625 -12.62 -43.23 28.22
N ILE A 626 -13.62 -43.40 27.36
CA ILE A 626 -15.00 -43.13 27.73
C ILE A 626 -15.34 -43.91 28.99
N THR A 627 -14.88 -45.16 29.02
CA THR A 627 -15.13 -46.04 30.17
C THR A 627 -14.46 -45.49 31.42
N ALA A 628 -13.17 -45.17 31.32
CA ALA A 628 -12.45 -44.62 32.45
C ALA A 628 -13.19 -43.42 33.00
N LEU A 629 -13.65 -42.56 32.08
CA LEU A 629 -14.39 -41.36 32.42
C LEU A 629 -15.72 -41.72 33.10
N LEU A 630 -16.45 -42.66 32.52
CA LEU A 630 -17.72 -43.07 33.10
C LEU A 630 -17.50 -43.66 34.49
N VAL A 631 -16.47 -44.48 34.64
CA VAL A 631 -16.15 -45.07 35.92
C VAL A 631 -15.86 -43.97 36.93
N TYR A 632 -15.05 -43.00 36.51
CA TYR A 632 -14.67 -41.88 37.36
C TYR A 632 -15.89 -41.06 37.81
N LEU A 633 -16.87 -40.92 36.91
CA LEU A 633 -18.07 -40.16 37.23
C LEU A 633 -19.02 -40.93 38.13
N GLY A 634 -18.64 -42.15 38.47
CA GLY A 634 -19.47 -42.97 39.35
C GLY A 634 -20.49 -43.85 38.65
N LYS A 635 -20.49 -43.83 37.32
CA LYS A 635 -21.43 -44.66 36.57
C LYS A 635 -20.79 -45.98 36.16
N SER B 19 -9.68 -8.74 -26.29
CA SER B 19 -9.69 -9.79 -25.22
C SER B 19 -10.01 -9.12 -23.88
N HIS B 20 -9.56 -7.87 -23.74
CA HIS B 20 -9.83 -7.09 -22.53
C HIS B 20 -11.02 -6.20 -22.91
N MET B 21 -11.27 -6.13 -24.21
CA MET B 21 -12.34 -5.32 -24.75
C MET B 21 -13.66 -6.08 -24.62
N ALA B 22 -14.70 -5.40 -24.16
CA ALA B 22 -16.01 -6.01 -23.99
C ALA B 22 -16.60 -6.32 -25.38
N TRP B 23 -17.53 -7.26 -25.42
CA TRP B 23 -18.15 -7.67 -26.68
C TRP B 23 -19.13 -6.66 -27.28
N VAL B 24 -19.58 -6.93 -28.50
CA VAL B 24 -20.50 -6.05 -29.21
C VAL B 24 -21.76 -5.80 -28.37
N VAL B 25 -22.24 -6.83 -27.71
CA VAL B 25 -23.43 -6.70 -26.88
C VAL B 25 -23.15 -5.80 -25.67
N ASP B 26 -21.87 -5.54 -25.40
CA ASP B 26 -21.47 -4.66 -24.30
C ASP B 26 -20.86 -3.34 -24.79
N GLU B 27 -21.36 -2.84 -25.92
CA GLU B 27 -20.91 -1.58 -26.48
C GLU B 27 -22.05 -0.59 -26.31
N PHE B 28 -21.74 0.65 -25.94
CA PHE B 28 -22.80 1.61 -25.72
C PHE B 28 -22.66 2.94 -26.45
N ASP B 29 -23.76 3.68 -26.49
CA ASP B 29 -23.76 5.00 -27.09
C ASP B 29 -23.33 5.94 -25.99
N VAL B 30 -23.93 5.77 -24.82
CA VAL B 30 -23.66 6.60 -23.66
C VAL B 30 -23.33 5.81 -22.39
N VAL B 31 -22.30 6.25 -21.68
CA VAL B 31 -21.91 5.62 -20.43
C VAL B 31 -22.04 6.67 -19.31
N VAL B 32 -22.88 6.40 -18.33
CA VAL B 32 -23.04 7.30 -17.20
C VAL B 32 -22.35 6.70 -15.98
N ILE B 33 -21.40 7.44 -15.43
CA ILE B 33 -20.66 6.99 -14.26
C ILE B 33 -21.37 7.53 -13.03
N GLY B 34 -22.17 6.67 -12.39
CA GLY B 34 -22.87 7.08 -11.19
C GLY B 34 -24.36 6.81 -11.20
N GLY B 35 -24.87 6.29 -10.09
CA GLY B 35 -26.30 6.00 -9.98
C GLY B 35 -26.97 6.92 -8.99
N GLY B 36 -26.36 8.10 -8.81
CA GLY B 36 -26.89 9.08 -7.90
C GLY B 36 -27.93 9.96 -8.57
N HIS B 37 -28.21 11.11 -7.97
CA HIS B 37 -29.21 12.02 -8.50
C HIS B 37 -28.92 12.61 -9.88
N ALA B 38 -27.64 12.85 -10.20
CA ALA B 38 -27.27 13.37 -11.50
C ALA B 38 -27.26 12.21 -12.51
N GLY B 39 -26.70 11.09 -12.07
CA GLY B 39 -26.59 9.92 -12.92
C GLY B 39 -27.92 9.34 -13.36
N ILE B 40 -28.89 9.31 -12.45
CA ILE B 40 -30.20 8.77 -12.75
C ILE B 40 -30.88 9.60 -13.83
N GLU B 41 -30.91 10.92 -13.68
CA GLU B 41 -31.55 11.77 -14.67
C GLU B 41 -30.78 11.73 -16.00
N ALA B 42 -29.46 11.60 -15.94
CA ALA B 42 -28.68 11.54 -17.16
C ALA B 42 -28.90 10.21 -17.90
N ALA B 43 -28.85 9.11 -17.15
CA ALA B 43 -29.03 7.78 -17.73
C ALA B 43 -30.44 7.55 -18.26
N LEU B 44 -31.45 8.01 -17.53
CA LEU B 44 -32.82 7.84 -17.98
C LEU B 44 -33.11 8.70 -19.21
N ALA B 45 -32.56 9.91 -19.24
CA ALA B 45 -32.79 10.81 -20.37
C ALA B 45 -32.19 10.29 -21.67
N ALA B 46 -30.93 9.86 -21.61
CA ALA B 46 -30.26 9.33 -22.79
C ALA B 46 -30.94 8.04 -23.26
N ALA B 47 -31.32 7.18 -22.32
CA ALA B 47 -31.96 5.93 -22.69
C ALA B 47 -33.31 6.17 -23.31
N ARG B 48 -34.07 7.10 -22.74
CA ARG B 48 -35.40 7.42 -23.27
C ARG B 48 -35.33 8.09 -24.64
N MET B 49 -34.19 8.70 -24.95
CA MET B 49 -33.99 9.35 -26.24
C MET B 49 -33.50 8.34 -27.27
N GLY B 50 -33.38 7.08 -26.86
CA GLY B 50 -32.96 6.03 -27.78
C GLY B 50 -31.50 5.60 -27.73
N ALA B 51 -30.70 6.20 -26.85
CA ALA B 51 -29.30 5.83 -26.77
C ALA B 51 -29.09 4.59 -25.91
N LYS B 52 -28.30 3.64 -26.42
CA LYS B 52 -27.97 2.41 -25.69
C LYS B 52 -27.13 2.95 -24.53
N THR B 53 -27.68 2.90 -23.31
CA THR B 53 -26.98 3.48 -22.18
C THR B 53 -26.61 2.55 -21.03
N ALA B 54 -25.40 2.72 -20.53
CA ALA B 54 -24.91 1.94 -19.41
C ALA B 54 -24.69 2.88 -18.22
N MET B 55 -25.23 2.51 -17.07
CA MET B 55 -25.07 3.33 -15.87
C MET B 55 -24.18 2.57 -14.90
N PHE B 56 -22.95 3.04 -14.71
CA PHE B 56 -22.05 2.38 -13.77
C PHE B 56 -22.25 2.90 -12.35
N VAL B 57 -22.10 2.02 -11.37
CA VAL B 57 -22.30 2.38 -9.98
C VAL B 57 -21.46 1.45 -9.11
N LEU B 58 -21.00 1.92 -7.95
CA LEU B 58 -20.18 1.09 -7.07
C LEU B 58 -20.95 -0.03 -6.39
N ASN B 59 -22.19 0.25 -6.02
CA ASN B 59 -23.04 -0.73 -5.36
C ASN B 59 -24.41 -0.54 -6.00
N ALA B 60 -24.84 -1.52 -6.78
CA ALA B 60 -26.13 -1.43 -7.47
C ALA B 60 -27.32 -1.21 -6.52
N ASP B 61 -27.15 -1.56 -5.26
CA ASP B 61 -28.24 -1.39 -4.32
C ASP B 61 -28.37 0.02 -3.76
N THR B 62 -27.44 0.91 -4.10
CA THR B 62 -27.50 2.29 -3.60
C THR B 62 -28.03 3.28 -4.64
N ILE B 63 -28.53 2.78 -5.77
CA ILE B 63 -29.06 3.66 -6.80
C ILE B 63 -30.21 4.51 -6.27
N GLY B 64 -30.12 5.84 -6.46
CA GLY B 64 -31.16 6.73 -6.00
C GLY B 64 -31.18 7.02 -4.50
N GLN B 65 -30.10 6.70 -3.83
CA GLN B 65 -30.02 6.89 -2.39
C GLN B 65 -29.85 8.34 -1.96
N MET B 66 -30.63 8.74 -0.95
CA MET B 66 -30.56 10.10 -0.40
C MET B 66 -29.67 10.01 0.84
N SER B 67 -28.47 10.57 0.74
CA SER B 67 -27.50 10.52 1.83
C SER B 67 -27.53 11.68 2.82
N CYS B 68 -28.35 12.69 2.54
CA CYS B 68 -28.41 13.82 3.46
C CYS B 68 -29.83 14.05 3.96
N ASN B 69 -30.31 15.28 3.84
CA ASN B 69 -31.66 15.63 4.29
C ASN B 69 -32.69 14.80 3.53
N PRO B 70 -33.68 14.24 4.25
CA PRO B 70 -34.72 13.43 3.59
C PRO B 70 -35.77 14.31 2.94
N ALA B 71 -35.33 15.35 2.23
CA ALA B 71 -36.29 16.25 1.60
C ALA B 71 -35.98 16.57 0.16
N ILE B 72 -37.02 16.99 -0.55
CA ILE B 72 -36.93 17.37 -1.94
C ILE B 72 -37.65 18.70 -2.07
N GLY B 73 -36.98 19.69 -2.66
CA GLY B 73 -37.62 20.98 -2.81
C GLY B 73 -37.00 22.02 -1.92
N GLY B 74 -37.67 23.16 -1.79
CA GLY B 74 -37.15 24.25 -0.99
C GLY B 74 -37.22 25.53 -1.81
N ILE B 75 -36.57 26.59 -1.34
CA ILE B 75 -36.59 27.87 -2.03
C ILE B 75 -36.38 27.82 -3.55
N ALA B 76 -35.20 27.42 -3.99
CA ALA B 76 -34.97 27.36 -5.43
C ALA B 76 -35.04 25.92 -5.94
N LYS B 77 -34.66 24.98 -5.08
CA LYS B 77 -34.68 23.56 -5.42
C LYS B 77 -36.03 23.09 -5.96
N GLY B 78 -37.11 23.48 -5.27
CA GLY B 78 -38.45 23.08 -5.69
C GLY B 78 -38.84 23.43 -7.12
N ILE B 79 -38.41 24.61 -7.58
CA ILE B 79 -38.73 25.04 -8.93
C ILE B 79 -37.94 24.21 -9.94
N VAL B 80 -36.69 23.89 -9.60
CA VAL B 80 -35.84 23.08 -10.45
C VAL B 80 -36.44 21.68 -10.64
N VAL B 81 -37.09 21.16 -9.60
CA VAL B 81 -37.73 19.84 -9.66
C VAL B 81 -38.89 19.94 -10.66
N ARG B 82 -39.66 21.01 -10.56
CA ARG B 82 -40.80 21.24 -11.45
C ARG B 82 -40.30 21.31 -12.90
N GLU B 83 -39.11 21.88 -13.10
CA GLU B 83 -38.54 22.00 -14.45
C GLU B 83 -38.03 20.66 -14.96
N ILE B 84 -37.39 19.89 -14.09
CA ILE B 84 -36.90 18.56 -14.45
C ILE B 84 -38.10 17.75 -14.92
N ASP B 85 -39.19 17.85 -14.17
CA ASP B 85 -40.41 17.13 -14.48
C ASP B 85 -41.03 17.56 -15.79
N ALA B 86 -40.93 18.86 -16.10
CA ALA B 86 -41.49 19.40 -17.33
C ALA B 86 -40.69 18.97 -18.55
N LEU B 87 -39.40 18.72 -18.34
CA LEU B 87 -38.51 18.30 -19.41
C LEU B 87 -38.63 16.80 -19.70
N GLY B 88 -39.20 16.06 -18.76
CA GLY B 88 -39.34 14.62 -18.92
C GLY B 88 -38.45 13.80 -17.98
N GLY B 89 -37.99 14.43 -16.89
CA GLY B 89 -37.14 13.74 -15.92
C GLY B 89 -37.94 12.95 -14.90
N GLU B 90 -37.28 12.30 -13.94
CA GLU B 90 -37.98 11.50 -12.94
C GLU B 90 -38.15 12.06 -11.53
N MET B 91 -37.18 12.85 -11.06
CA MET B 91 -37.27 13.37 -9.69
C MET B 91 -38.67 13.79 -9.27
N GLY B 92 -39.36 14.58 -10.08
CA GLY B 92 -40.71 14.98 -9.73
C GLY B 92 -41.63 13.78 -9.47
N LYS B 93 -41.69 12.85 -10.41
CA LYS B 93 -42.55 11.68 -10.24
C LYS B 93 -42.15 10.91 -8.98
N ALA B 94 -40.84 10.79 -8.77
CA ALA B 94 -40.32 10.06 -7.62
C ALA B 94 -40.81 10.59 -6.28
N ILE B 95 -40.68 11.89 -6.03
CA ILE B 95 -41.11 12.43 -4.74
C ILE B 95 -42.62 12.42 -4.57
N ASP B 96 -43.37 12.55 -5.68
CA ASP B 96 -44.83 12.51 -5.60
C ASP B 96 -45.32 11.15 -5.15
N GLN B 97 -44.63 10.09 -5.58
CA GLN B 97 -45.03 8.73 -5.21
C GLN B 97 -44.48 8.29 -3.86
N THR B 98 -43.40 8.94 -3.41
CA THR B 98 -42.78 8.56 -2.15
C THR B 98 -42.74 9.61 -1.06
N GLY B 99 -43.31 10.79 -1.34
CA GLY B 99 -43.32 11.85 -0.35
C GLY B 99 -44.29 11.59 0.78
N ILE B 100 -43.92 11.97 1.99
CA ILE B 100 -44.79 11.76 3.14
C ILE B 100 -45.28 13.07 3.76
N GLN B 101 -44.86 14.18 3.15
CA GLN B 101 -45.27 15.52 3.57
C GLN B 101 -44.96 16.53 2.47
N PHE B 102 -45.95 17.35 2.12
CA PHE B 102 -45.78 18.36 1.08
C PHE B 102 -46.32 19.71 1.52
N LYS B 103 -45.59 20.78 1.22
CA LYS B 103 -46.05 22.11 1.55
C LYS B 103 -45.41 23.14 0.64
N MET B 104 -45.94 24.36 0.69
CA MET B 104 -45.40 25.45 -0.12
C MET B 104 -44.66 26.40 0.82
N LEU B 105 -43.52 26.90 0.39
CA LEU B 105 -42.73 27.84 1.20
C LEU B 105 -43.03 29.26 0.72
N ASN B 106 -42.97 30.23 1.63
CA ASN B 106 -43.26 31.63 1.34
C ASN B 106 -44.72 31.79 0.90
N THR B 107 -45.62 31.20 1.70
CA THR B 107 -47.05 31.23 1.38
C THR B 107 -47.78 32.51 1.75
N ARG B 108 -47.05 33.53 2.19
CA ARG B 108 -47.69 34.78 2.56
C ARG B 108 -47.23 35.92 1.68
N LYS B 109 -46.63 35.61 0.52
CA LYS B 109 -46.12 36.66 -0.35
C LYS B 109 -46.46 36.53 -1.85
N GLY B 110 -47.63 35.99 -2.17
CA GLY B 110 -47.99 35.85 -3.57
C GLY B 110 -47.43 34.58 -4.19
N LYS B 111 -48.27 33.87 -4.91
CA LYS B 111 -47.90 32.60 -5.56
C LYS B 111 -46.65 32.61 -6.43
N ALA B 112 -46.20 33.78 -6.86
CA ALA B 112 -45.02 33.86 -7.71
C ALA B 112 -43.69 33.57 -7.02
N VAL B 113 -43.60 33.85 -5.72
CA VAL B 113 -42.35 33.60 -4.99
C VAL B 113 -42.37 32.32 -4.17
N GLN B 114 -43.45 31.55 -4.31
CA GLN B 114 -43.60 30.28 -3.60
C GLN B 114 -42.81 29.15 -4.25
N SER B 115 -42.40 28.18 -3.45
CA SER B 115 -41.64 27.04 -3.96
C SER B 115 -41.98 25.81 -3.12
N PRO B 116 -42.30 24.69 -3.79
CA PRO B 116 -42.66 23.42 -3.15
C PRO B 116 -41.53 22.76 -2.36
N ARG B 117 -41.91 22.05 -1.31
CA ARG B 117 -40.97 21.31 -0.49
C ARG B 117 -41.67 20.09 0.10
N ALA B 118 -41.01 18.94 0.02
CA ALA B 118 -41.58 17.71 0.54
C ALA B 118 -40.59 16.90 1.34
N GLN B 119 -41.11 16.13 2.28
CA GLN B 119 -40.30 15.24 3.09
C GLN B 119 -40.44 13.92 2.36
N ALA B 120 -39.33 13.21 2.17
CA ALA B 120 -39.39 11.94 1.45
C ALA B 120 -39.15 10.72 2.32
N ASP B 121 -39.79 9.61 1.96
CA ASP B 121 -39.53 8.37 2.66
C ASP B 121 -38.28 7.89 1.91
N LYS B 122 -37.10 8.13 2.49
CA LYS B 122 -35.82 7.76 1.88
C LYS B 122 -35.81 6.38 1.25
N LYS B 123 -36.32 5.40 1.99
CA LYS B 123 -36.33 4.04 1.49
C LYS B 123 -37.19 3.89 0.24
N ARG B 124 -38.44 4.33 0.32
CA ARG B 124 -39.34 4.22 -0.82
C ARG B 124 -38.80 5.01 -2.02
N TYR B 125 -38.17 6.15 -1.75
CA TYR B 125 -37.61 6.96 -2.81
C TYR B 125 -36.51 6.20 -3.56
N ARG B 126 -35.59 5.58 -2.80
CA ARG B 126 -34.50 4.81 -3.39
C ARG B 126 -35.05 3.67 -4.26
N GLU B 127 -35.99 2.90 -3.70
CA GLU B 127 -36.59 1.79 -4.43
C GLU B 127 -37.24 2.25 -5.72
N TYR B 128 -37.96 3.36 -5.64
CA TYR B 128 -38.64 3.91 -6.80
C TYR B 128 -37.64 4.15 -7.93
N MET B 129 -36.55 4.86 -7.60
CA MET B 129 -35.52 5.15 -8.60
C MET B 129 -34.84 3.90 -9.16
N LYS B 130 -34.59 2.93 -8.28
CA LYS B 130 -33.95 1.69 -8.71
C LYS B 130 -34.90 0.94 -9.64
N LYS B 131 -36.18 0.88 -9.27
CA LYS B 131 -37.14 0.19 -10.11
C LYS B 131 -37.26 0.83 -11.51
N VAL B 132 -37.36 2.15 -11.58
CA VAL B 132 -37.49 2.84 -12.86
C VAL B 132 -36.25 2.61 -13.72
N CYS B 133 -35.07 2.75 -13.12
CA CYS B 133 -33.82 2.54 -13.85
C CYS B 133 -33.63 1.11 -14.36
N GLU B 134 -33.99 0.13 -13.56
CA GLU B 134 -33.82 -1.27 -13.96
C GLU B 134 -34.73 -1.68 -15.10
N ASN B 135 -35.92 -1.10 -15.15
CA ASN B 135 -36.86 -1.47 -16.20
C ASN B 135 -36.92 -0.54 -17.41
N GLN B 136 -36.05 0.46 -17.42
CA GLN B 136 -36.00 1.42 -18.53
C GLN B 136 -35.31 0.77 -19.74
N GLU B 137 -36.04 0.71 -20.85
CA GLU B 137 -35.53 0.15 -22.10
C GLU B 137 -34.27 0.90 -22.58
N ASN B 138 -33.28 0.16 -23.08
CA ASN B 138 -32.03 0.74 -23.56
C ASN B 138 -31.07 1.11 -22.43
N LEU B 139 -31.51 0.97 -21.19
CA LEU B 139 -30.65 1.29 -20.06
C LEU B 139 -30.13 0.02 -19.38
N TYR B 140 -28.81 -0.05 -19.20
CA TYR B 140 -28.19 -1.18 -18.54
C TYR B 140 -27.39 -0.69 -17.32
N ILE B 141 -27.54 -1.39 -16.21
CA ILE B 141 -26.82 -1.04 -14.99
C ILE B 141 -25.63 -1.97 -14.85
N LYS B 142 -24.48 -1.38 -14.55
CA LYS B 142 -23.24 -2.13 -14.39
C LYS B 142 -22.60 -1.79 -13.05
N GLN B 143 -22.52 -2.77 -12.16
CA GLN B 143 -21.88 -2.53 -10.87
C GLN B 143 -20.40 -2.77 -11.09
N GLU B 144 -19.65 -1.67 -11.21
CA GLU B 144 -18.23 -1.77 -11.48
C GLU B 144 -17.66 -0.36 -11.39
N GLU B 145 -16.42 -0.25 -10.88
CA GLU B 145 -15.79 1.07 -10.77
C GLU B 145 -15.01 1.48 -12.02
N VAL B 146 -15.45 2.58 -12.63
CA VAL B 146 -14.78 3.12 -13.82
C VAL B 146 -13.54 3.84 -13.31
N VAL B 147 -12.38 3.47 -13.82
CA VAL B 147 -11.14 4.07 -13.36
C VAL B 147 -10.44 4.86 -14.44
N ASP B 148 -10.97 4.83 -15.66
CA ASP B 148 -10.34 5.55 -16.74
C ASP B 148 -11.26 5.72 -17.93
N ILE B 149 -11.07 6.83 -18.65
CA ILE B 149 -11.86 7.14 -19.84
C ILE B 149 -10.91 7.11 -21.03
N ILE B 150 -11.28 6.37 -22.07
CA ILE B 150 -10.44 6.23 -23.24
C ILE B 150 -10.69 7.34 -24.25
N VAL B 151 -9.62 8.03 -24.63
CA VAL B 151 -9.71 9.13 -25.56
C VAL B 151 -8.88 8.97 -26.82
N LYS B 152 -9.48 9.31 -27.96
CA LYS B 152 -8.84 9.22 -29.26
C LYS B 152 -9.02 10.56 -29.98
N ASN B 153 -7.95 11.34 -30.05
CA ASN B 153 -7.96 12.65 -30.68
C ASN B 153 -8.98 13.55 -29.99
N ASN B 154 -8.85 13.64 -28.67
CA ASN B 154 -9.74 14.44 -27.84
C ASN B 154 -11.21 14.11 -28.10
N GLN B 155 -11.49 12.83 -28.26
CA GLN B 155 -12.83 12.34 -28.49
C GLN B 155 -13.05 11.09 -27.64
N VAL B 156 -14.10 11.10 -26.82
CA VAL B 156 -14.40 9.94 -25.98
C VAL B 156 -14.65 8.74 -26.87
N VAL B 157 -14.01 7.62 -26.55
CA VAL B 157 -14.16 6.43 -27.34
C VAL B 157 -14.45 5.18 -26.50
N GLY B 158 -14.18 5.28 -25.20
CA GLY B 158 -14.41 4.14 -24.34
C GLY B 158 -14.23 4.43 -22.85
N VAL B 159 -14.30 3.37 -22.06
CA VAL B 159 -14.19 3.49 -20.62
C VAL B 159 -13.58 2.20 -20.06
N ARG B 160 -12.74 2.32 -19.02
CA ARG B 160 -12.10 1.15 -18.41
C ARG B 160 -12.41 1.06 -16.91
N THR B 161 -12.57 -0.16 -16.41
CA THR B 161 -12.86 -0.37 -14.99
C THR B 161 -11.69 -0.99 -14.25
N ASN B 162 -11.81 -1.10 -12.93
CA ASN B 162 -10.73 -1.66 -12.12
C ASN B 162 -10.59 -3.16 -12.25
N LEU B 163 -11.43 -3.77 -13.08
CA LEU B 163 -11.35 -5.21 -13.27
C LEU B 163 -10.53 -5.51 -14.53
N GLY B 164 -9.88 -4.48 -15.07
CA GLY B 164 -9.05 -4.62 -16.25
C GLY B 164 -9.81 -4.76 -17.56
N VAL B 165 -11.05 -4.28 -17.58
CA VAL B 165 -11.87 -4.39 -18.77
C VAL B 165 -12.23 -3.05 -19.41
N GLU B 166 -12.55 -3.07 -20.70
CA GLU B 166 -12.90 -1.84 -21.42
C GLU B 166 -14.24 -1.96 -22.14
N TYR B 167 -15.02 -0.88 -22.11
CA TYR B 167 -16.31 -0.86 -22.79
C TYR B 167 -16.31 0.29 -23.80
N LYS B 168 -16.80 0.05 -25.00
CA LYS B 168 -16.87 1.10 -26.01
C LYS B 168 -18.10 1.97 -25.77
N THR B 169 -17.94 3.27 -26.01
CA THR B 169 -19.02 4.24 -25.85
C THR B 169 -18.69 5.46 -26.70
N LYS B 170 -19.69 6.28 -27.01
CA LYS B 170 -19.46 7.48 -27.80
C LYS B 170 -19.40 8.72 -26.92
N ALA B 171 -20.00 8.63 -25.73
CA ALA B 171 -20.02 9.75 -24.80
C ALA B 171 -20.04 9.25 -23.37
N VAL B 172 -19.56 10.08 -22.46
CA VAL B 172 -19.52 9.72 -21.06
C VAL B 172 -20.04 10.86 -20.19
N VAL B 173 -20.84 10.53 -19.19
CA VAL B 173 -21.34 11.52 -18.26
C VAL B 173 -20.80 11.13 -16.90
N VAL B 174 -19.93 11.96 -16.34
CA VAL B 174 -19.33 11.69 -15.05
C VAL B 174 -20.12 12.34 -13.92
N THR B 175 -20.54 11.55 -12.95
CA THR B 175 -21.30 12.04 -11.80
C THR B 175 -20.87 11.28 -10.54
N THR B 176 -19.56 11.32 -10.25
CA THR B 176 -19.02 10.61 -9.10
C THR B 176 -19.51 11.12 -7.75
N GLY B 177 -20.23 12.22 -7.75
CA GLY B 177 -20.78 12.75 -6.51
C GLY B 177 -19.73 13.03 -5.45
N THR B 178 -19.94 12.52 -4.25
CA THR B 178 -19.01 12.73 -3.16
C THR B 178 -18.02 11.58 -3.02
N PHE B 179 -17.91 10.74 -4.06
CA PHE B 179 -17.03 9.57 -3.99
C PHE B 179 -15.57 9.65 -4.44
N LEU B 180 -15.30 10.33 -5.55
CA LEU B 180 -13.93 10.40 -6.05
C LEU B 180 -12.94 10.86 -4.97
N ASN B 181 -12.09 9.93 -4.56
CA ASN B 181 -11.10 10.15 -3.52
C ASN B 181 -11.73 10.73 -2.27
N GLY B 182 -12.93 10.25 -1.95
CA GLY B 182 -13.64 10.74 -0.77
C GLY B 182 -13.01 10.35 0.55
N VAL B 183 -12.98 11.30 1.48
CA VAL B 183 -12.42 11.06 2.81
C VAL B 183 -13.43 11.53 3.85
N ILE B 184 -13.82 10.63 4.75
CA ILE B 184 -14.77 10.95 5.80
C ILE B 184 -14.06 11.56 7.00
N TYR B 185 -14.65 12.62 7.55
CA TYR B 185 -14.08 13.32 8.71
C TYR B 185 -14.98 13.28 9.93
N ILE B 186 -14.41 12.89 11.07
CA ILE B 186 -15.12 12.84 12.34
C ILE B 186 -14.05 13.09 13.39
N GLY B 187 -14.12 14.24 14.03
CA GLY B 187 -13.10 14.55 15.02
C GLY B 187 -11.76 14.52 14.32
N ASP B 188 -10.83 13.73 14.83
CA ASP B 188 -9.50 13.62 14.25
C ASP B 188 -9.38 12.43 13.29
N LYS B 189 -10.43 11.60 13.23
CA LYS B 189 -10.41 10.44 12.37
C LYS B 189 -10.67 10.78 10.92
N MET B 190 -9.91 10.14 10.04
CA MET B 190 -10.06 10.31 8.60
C MET B 190 -10.26 8.90 8.05
N ILE B 191 -11.41 8.68 7.41
CA ILE B 191 -11.73 7.36 6.88
C ILE B 191 -12.03 7.40 5.39
N PRO B 192 -11.33 6.59 4.60
CA PRO B 192 -11.56 6.55 3.16
C PRO B 192 -13.01 6.14 2.91
N GLY B 193 -13.69 6.79 1.97
CA GLY B 193 -15.06 6.44 1.68
C GLY B 193 -15.80 7.54 0.95
N GLY B 194 -16.77 7.15 0.11
CA GLY B 194 -17.55 8.13 -0.61
C GLY B 194 -18.69 8.59 0.26
N ARG B 195 -19.05 7.74 1.22
CA ARG B 195 -20.12 8.02 2.18
C ARG B 195 -19.88 7.13 3.39
N LEU B 196 -20.40 7.54 4.54
CA LEU B 196 -20.23 6.77 5.76
C LEU B 196 -20.72 5.34 5.50
N GLY B 197 -19.85 4.35 5.71
CA GLY B 197 -20.23 2.97 5.50
C GLY B 197 -20.13 2.51 4.05
N GLU B 198 -19.66 3.38 3.17
CA GLU B 198 -19.53 3.02 1.77
C GLU B 198 -18.12 3.27 1.24
N PRO B 199 -17.72 2.53 0.19
CA PRO B 199 -16.38 2.69 -0.37
C PRO B 199 -16.29 3.96 -1.22
N ARG B 200 -15.08 4.30 -1.64
CA ARG B 200 -14.88 5.47 -2.47
C ARG B 200 -14.21 5.01 -3.75
N SER B 201 -14.16 5.89 -4.74
CA SER B 201 -13.52 5.57 -6.01
C SER B 201 -12.18 6.32 -5.99
N GLU B 202 -11.23 5.87 -6.81
CA GLU B 202 -9.91 6.51 -6.81
C GLU B 202 -9.24 6.71 -8.17
N GLY B 203 -9.08 5.62 -8.90
CA GLY B 203 -8.41 5.66 -10.18
C GLY B 203 -8.78 6.75 -11.17
N LEU B 204 -10.06 7.06 -11.28
CA LEU B 204 -10.49 8.06 -12.24
C LEU B 204 -9.77 9.40 -12.13
N SER B 205 -9.28 9.75 -10.94
CA SER B 205 -8.58 11.01 -10.78
C SER B 205 -7.29 11.05 -11.60
N ASP B 206 -6.72 9.87 -11.89
CA ASP B 206 -5.49 9.82 -12.69
C ASP B 206 -5.75 10.28 -14.12
N PHE B 207 -6.92 9.95 -14.65
CA PHE B 207 -7.30 10.35 -16.00
C PHE B 207 -7.31 11.87 -16.11
N TYR B 208 -7.91 12.52 -15.12
CA TYR B 208 -7.97 13.97 -15.11
C TYR B 208 -6.62 14.66 -14.95
N ARG B 209 -5.72 14.09 -14.15
CA ARG B 209 -4.40 14.70 -14.00
C ARG B 209 -3.67 14.51 -15.32
N ARG B 210 -3.83 13.33 -15.91
CA ARG B 210 -3.19 12.99 -17.17
C ARG B 210 -3.59 13.93 -18.32
N PHE B 211 -4.79 14.49 -18.26
CA PHE B 211 -5.23 15.41 -19.29
C PHE B 211 -5.15 16.83 -18.81
N ASP B 212 -4.40 17.01 -17.73
CA ASP B 212 -4.20 18.34 -17.18
C ASP B 212 -5.48 19.11 -16.79
N PHE B 213 -6.45 18.42 -16.21
CA PHE B 213 -7.68 19.07 -15.78
C PHE B 213 -7.40 19.60 -14.38
N PRO B 214 -7.98 20.76 -14.02
CA PRO B 214 -7.76 21.30 -12.67
C PRO B 214 -8.63 20.45 -11.73
N LEU B 215 -8.17 20.21 -10.52
CA LEU B 215 -8.92 19.42 -9.55
C LEU B 215 -8.88 20.06 -8.18
N ILE B 216 -10.07 20.33 -7.62
CA ILE B 216 -10.15 20.94 -6.30
C ILE B 216 -10.93 20.02 -5.37
N ARG B 217 -10.82 20.26 -4.07
CA ARG B 217 -11.53 19.45 -3.11
C ARG B 217 -12.54 20.24 -2.30
N PHE B 218 -13.78 19.78 -2.31
CA PHE B 218 -14.84 20.43 -1.56
C PHE B 218 -15.22 19.53 -0.40
N LYS B 219 -15.72 20.15 0.67
CA LYS B 219 -16.11 19.41 1.86
C LYS B 219 -17.45 19.89 2.40
N THR B 220 -18.34 18.94 2.69
CA THR B 220 -19.65 19.26 3.23
C THR B 220 -20.00 18.28 4.34
N GLY B 221 -20.78 18.74 5.30
CA GLY B 221 -21.15 17.88 6.41
C GLY B 221 -22.63 17.54 6.45
N THR B 222 -22.95 16.55 7.28
CA THR B 222 -24.32 16.08 7.45
C THR B 222 -24.51 15.83 8.95
N PRO B 223 -25.77 15.88 9.43
CA PRO B 223 -26.06 15.66 10.85
C PRO B 223 -26.03 14.18 11.19
N ALA B 224 -26.19 13.86 12.47
CA ALA B 224 -26.22 12.48 12.91
C ALA B 224 -27.64 11.99 12.65
N ARG B 225 -27.87 10.69 12.82
CA ARG B 225 -29.20 10.11 12.66
C ARG B 225 -29.60 9.69 14.06
N LEU B 226 -30.77 10.16 14.52
CA LEU B 226 -31.24 9.89 15.88
C LEU B 226 -32.38 8.90 16.00
N ASP B 227 -32.44 8.24 17.16
CA ASP B 227 -33.46 7.26 17.47
C ASP B 227 -34.72 8.00 17.95
N LYS B 228 -35.81 7.88 17.20
CA LYS B 228 -37.07 8.53 17.52
C LYS B 228 -37.65 8.19 18.90
N ARG B 229 -37.43 6.97 19.38
CA ARG B 229 -37.97 6.58 20.67
C ARG B 229 -37.22 7.18 21.85
N THR B 230 -36.09 7.83 21.58
CA THR B 230 -35.32 8.45 22.66
C THR B 230 -35.48 9.98 22.67
N ILE B 231 -36.43 10.47 21.89
CA ILE B 231 -36.70 11.90 21.79
C ILE B 231 -38.04 12.27 22.43
N ASP B 232 -38.04 13.35 23.20
CA ASP B 232 -39.27 13.82 23.84
C ASP B 232 -39.85 14.94 22.98
N PHE B 233 -40.94 14.66 22.29
CA PHE B 233 -41.58 15.66 21.42
C PHE B 233 -42.72 16.38 22.13
N SER B 234 -42.98 16.00 23.37
CA SER B 234 -44.08 16.59 24.14
C SER B 234 -44.21 18.11 24.12
N ALA B 235 -43.09 18.82 24.23
CA ALA B 235 -43.13 20.26 24.24
C ALA B 235 -42.58 20.90 22.96
N LEU B 236 -42.47 20.12 21.90
CA LEU B 236 -41.94 20.67 20.65
C LEU B 236 -43.02 21.11 19.68
N GLU B 237 -42.75 22.21 18.97
CA GLU B 237 -43.70 22.76 18.00
C GLU B 237 -43.84 21.85 16.78
N VAL B 238 -45.07 21.50 16.45
CA VAL B 238 -45.34 20.64 15.30
C VAL B 238 -45.26 21.43 14.00
N ALA B 239 -44.72 20.79 12.95
CA ALA B 239 -44.58 21.43 11.64
C ALA B 239 -45.17 20.48 10.60
N PRO B 240 -46.46 20.64 10.30
CA PRO B 240 -47.18 19.82 9.32
C PRO B 240 -47.06 20.29 7.88
N GLY B 241 -47.69 19.54 6.98
CA GLY B 241 -47.68 19.90 5.57
C GLY B 241 -48.90 20.75 5.29
N ASP B 242 -49.15 21.07 4.03
CA ASP B 242 -50.31 21.86 3.66
C ASP B 242 -51.43 20.94 3.21
N ASP B 243 -52.66 21.46 3.28
CA ASP B 243 -53.83 20.73 2.84
C ASP B 243 -54.72 21.72 2.11
N PRO B 244 -54.94 21.51 0.81
CA PRO B 244 -54.39 20.39 0.03
C PRO B 244 -52.89 20.56 -0.17
N PRO B 245 -52.15 19.45 -0.26
CA PRO B 245 -50.71 19.53 -0.47
C PRO B 245 -50.34 19.64 -1.95
N PRO B 246 -49.29 20.41 -2.26
CA PRO B 246 -48.86 20.58 -3.66
C PRO B 246 -48.10 19.35 -4.15
N LYS B 247 -48.11 19.14 -5.48
CA LYS B 247 -47.40 18.01 -6.09
C LYS B 247 -46.19 18.56 -6.81
N PHE B 248 -45.21 17.71 -7.08
CA PHE B 248 -44.04 18.17 -7.79
C PHE B 248 -44.13 17.85 -9.27
N SER B 249 -44.85 16.80 -9.59
CA SER B 249 -44.99 16.40 -10.98
C SER B 249 -46.31 16.83 -11.62
N PHE B 250 -46.24 17.20 -12.89
CA PHE B 250 -47.42 17.60 -13.63
C PHE B 250 -48.08 16.35 -14.17
N TRP B 251 -47.32 15.26 -14.20
CA TRP B 251 -47.78 13.98 -14.76
C TRP B 251 -48.41 12.94 -13.86
N THR B 252 -48.18 13.04 -12.55
CA THR B 252 -48.77 12.09 -11.63
C THR B 252 -50.23 12.46 -11.37
N GLU B 253 -50.97 11.57 -10.71
CA GLU B 253 -52.38 11.80 -10.43
C GLU B 253 -52.56 12.83 -9.31
N PRO B 254 -53.40 13.86 -9.51
CA PRO B 254 -54.24 14.22 -10.67
C PRO B 254 -53.41 14.79 -11.82
N VAL B 255 -53.46 14.14 -12.97
CA VAL B 255 -52.71 14.57 -14.15
C VAL B 255 -53.04 15.98 -14.65
N GLY B 256 -52.01 16.71 -15.07
CA GLY B 256 -52.20 18.06 -15.57
C GLY B 256 -52.54 19.05 -14.48
N SER B 257 -52.04 18.80 -13.29
CA SER B 257 -52.30 19.67 -12.14
C SER B 257 -51.12 19.60 -11.15
N TYR B 258 -51.00 20.62 -10.31
CA TYR B 258 -49.92 20.65 -9.32
C TYR B 258 -50.39 20.56 -7.87
N TRP B 259 -51.62 20.10 -7.65
CA TRP B 259 -52.16 19.93 -6.31
C TRP B 259 -52.76 18.55 -6.09
N PHE B 260 -52.47 17.96 -4.93
CA PHE B 260 -53.01 16.66 -4.57
C PHE B 260 -54.43 16.94 -4.05
N PRO B 261 -55.26 15.90 -3.89
CA PRO B 261 -56.63 16.13 -3.40
C PRO B 261 -56.55 16.46 -1.91
N LYS B 262 -57.58 17.13 -1.38
CA LYS B 262 -57.58 17.45 0.04
C LYS B 262 -57.62 16.13 0.81
N GLY B 263 -57.05 16.12 2.01
CA GLY B 263 -57.09 14.91 2.83
C GLY B 263 -55.98 13.88 2.67
N LYS B 264 -55.06 14.10 1.74
CA LYS B 264 -53.95 13.16 1.56
C LYS B 264 -53.19 12.99 2.89
N GLU B 265 -52.87 11.76 3.22
CA GLU B 265 -52.17 11.43 4.45
C GLU B 265 -50.71 11.94 4.49
N GLN B 266 -50.37 12.73 5.51
CA GLN B 266 -49.01 13.26 5.65
C GLN B 266 -48.52 13.07 7.09
N VAL B 267 -47.22 13.26 7.31
CA VAL B 267 -46.65 13.12 8.65
C VAL B 267 -46.17 14.49 9.12
N ASN B 268 -45.76 14.59 10.38
CA ASN B 268 -45.30 15.87 10.91
C ASN B 268 -43.79 15.90 11.09
N CYS B 269 -43.29 17.11 11.28
CA CYS B 269 -41.88 17.36 11.56
C CYS B 269 -41.97 18.15 12.85
N TRP B 270 -40.86 18.27 13.57
CA TRP B 270 -40.88 18.98 14.84
C TRP B 270 -39.77 20.01 14.93
N ILE B 271 -40.01 21.07 15.69
CA ILE B 271 -39.04 22.15 15.82
C ILE B 271 -38.41 22.26 17.21
N THR B 272 -37.13 22.60 17.24
CA THR B 272 -36.40 22.81 18.49
C THR B 272 -35.32 23.84 18.19
N TYR B 273 -34.54 24.20 19.22
CA TYR B 273 -33.49 25.19 19.06
C TYR B 273 -32.31 24.83 19.91
N THR B 274 -31.17 25.39 19.56
CA THR B 274 -29.97 25.17 20.34
C THR B 274 -30.07 26.13 21.53
N THR B 275 -29.28 25.88 22.56
CA THR B 275 -29.30 26.73 23.74
C THR B 275 -27.90 27.28 23.93
N PRO B 276 -27.74 28.28 24.81
CA PRO B 276 -26.41 28.86 25.04
C PRO B 276 -25.45 27.77 25.50
N LYS B 277 -25.98 26.77 26.20
CA LYS B 277 -25.16 25.67 26.69
C LYS B 277 -24.63 24.87 25.49
N THR B 278 -25.48 24.72 24.46
CA THR B 278 -25.08 24.00 23.27
C THR B 278 -23.87 24.69 22.66
N HIS B 279 -23.97 26.00 22.56
CA HIS B 279 -22.90 26.81 21.99
C HIS B 279 -21.62 26.79 22.82
N GLU B 280 -21.75 26.72 24.13
CA GLU B 280 -20.56 26.69 24.96
C GLU B 280 -19.89 25.33 24.86
N ILE B 281 -20.68 24.31 24.55
CA ILE B 281 -20.13 22.97 24.42
C ILE B 281 -19.25 22.90 23.18
N ILE B 282 -19.67 23.58 22.13
CA ILE B 282 -18.93 23.60 20.88
C ILE B 282 -17.63 24.40 20.98
N ARG B 283 -17.64 25.48 21.74
CA ARG B 283 -16.46 26.31 21.88
C ARG B 283 -15.34 25.65 22.67
N LYS B 284 -15.69 24.92 23.72
CA LYS B 284 -14.69 24.24 24.53
C LYS B 284 -13.94 23.18 23.72
N ASN B 285 -14.65 22.57 22.77
CA ASN B 285 -14.09 21.50 21.96
C ASN B 285 -13.70 21.91 20.55
N LEU B 286 -13.34 23.17 20.37
CA LEU B 286 -12.98 23.60 19.04
C LEU B 286 -11.55 24.11 18.98
N HIS B 287 -10.80 23.63 17.99
CA HIS B 287 -9.42 24.05 17.80
C HIS B 287 -9.31 24.89 16.54
N ARG B 288 -8.38 25.85 16.55
CA ARG B 288 -8.18 26.75 15.42
C ARG B 288 -7.52 26.13 14.20
N THR B 289 -7.98 26.58 13.04
CA THR B 289 -7.50 26.12 11.75
C THR B 289 -7.62 27.27 10.74
N ALA B 290 -6.73 27.28 9.75
CA ALA B 290 -6.74 28.32 8.73
C ALA B 290 -8.01 28.25 7.88
N ARG B 302 -18.24 30.83 2.40
CA ARG B 302 -19.29 31.72 2.89
C ARG B 302 -20.38 30.98 3.63
N TYR B 303 -21.02 30.03 2.96
CA TYR B 303 -22.10 29.28 3.60
C TYR B 303 -21.57 28.00 4.25
N CYS B 304 -21.28 28.10 5.55
CA CYS B 304 -20.77 26.98 6.33
C CYS B 304 -21.89 26.57 7.29
N PRO B 305 -22.82 25.71 6.81
CA PRO B 305 -23.97 25.20 7.56
C PRO B 305 -23.70 24.36 8.81
N SER B 306 -22.47 23.92 9.01
CA SER B 306 -22.16 23.12 10.18
C SER B 306 -22.38 24.00 11.40
N ILE B 307 -23.29 23.58 12.28
CA ILE B 307 -23.61 24.32 13.48
C ILE B 307 -22.35 24.91 14.13
N GLU B 308 -21.29 24.12 14.20
CA GLU B 308 -20.03 24.54 14.80
C GLU B 308 -19.39 25.72 14.09
N ASP B 309 -19.69 25.88 12.81
CA ASP B 309 -19.12 26.98 12.05
C ASP B 309 -19.98 28.24 12.15
N LYS B 310 -21.30 28.07 12.04
CA LYS B 310 -22.20 29.22 12.11
C LYS B 310 -22.39 29.86 13.49
N ILE B 311 -21.63 29.40 14.49
CA ILE B 311 -21.73 30.00 15.80
C ILE B 311 -20.44 30.78 16.03
N VAL B 312 -19.48 30.55 15.15
CA VAL B 312 -18.20 31.26 15.21
C VAL B 312 -18.30 32.38 14.21
N LYS B 313 -19.23 32.22 13.28
CA LYS B 313 -19.49 33.21 12.23
C LYS B 313 -20.60 34.14 12.68
N PHE B 314 -21.44 33.66 13.59
CA PHE B 314 -22.56 34.45 14.12
C PHE B 314 -22.58 34.30 15.64
N PRO B 315 -21.49 34.73 16.30
CA PRO B 315 -21.32 34.67 17.75
C PRO B 315 -22.47 35.24 18.56
N ASP B 316 -23.22 36.17 17.97
CA ASP B 316 -24.30 36.81 18.69
C ASP B 316 -25.67 36.15 18.66
N LYS B 317 -25.85 35.12 17.83
CA LYS B 317 -27.14 34.45 17.79
C LYS B 317 -27.28 33.53 19.01
N GLU B 318 -28.29 33.77 19.83
CA GLU B 318 -28.50 32.98 21.04
C GLU B 318 -29.00 31.56 20.80
N ARG B 319 -29.81 31.39 19.76
CA ARG B 319 -30.35 30.08 19.42
C ARG B 319 -30.43 29.89 17.91
N HIS B 320 -30.41 28.63 17.49
CA HIS B 320 -30.51 28.27 16.09
C HIS B 320 -31.63 27.26 15.94
N GLN B 321 -32.47 27.46 14.93
CA GLN B 321 -33.59 26.57 14.71
C GLN B 321 -33.17 25.20 14.21
N ILE B 322 -33.87 24.18 14.66
CA ILE B 322 -33.56 22.82 14.28
C ILE B 322 -34.85 22.11 13.90
N PHE B 323 -34.85 21.45 12.74
CA PHE B 323 -36.02 20.73 12.30
C PHE B 323 -35.77 19.23 12.43
N LEU B 324 -36.60 18.57 13.23
CA LEU B 324 -36.48 17.14 13.42
C LEU B 324 -37.43 16.52 12.41
N GLU B 325 -36.90 15.83 11.41
CA GLU B 325 -37.74 15.22 10.40
C GLU B 325 -37.61 13.71 10.31
N PRO B 326 -38.71 13.02 10.03
CA PRO B 326 -38.73 11.56 9.91
C PRO B 326 -37.98 11.20 8.63
N GLU B 327 -37.51 9.97 8.53
CA GLU B 327 -36.82 9.58 7.32
C GLU B 327 -37.65 8.58 6.54
N GLY B 328 -38.82 8.24 7.09
CA GLY B 328 -39.71 7.31 6.42
C GLY B 328 -40.77 6.85 7.39
N LEU B 329 -41.70 6.02 6.91
CA LEU B 329 -42.78 5.51 7.74
C LEU B 329 -42.36 4.27 8.54
N ASP B 330 -41.47 3.46 7.98
CA ASP B 330 -41.04 2.24 8.66
C ASP B 330 -39.85 2.41 9.58
N THR B 331 -39.00 3.38 9.28
CA THR B 331 -37.79 3.63 10.07
C THR B 331 -38.01 4.55 11.27
N ILE B 332 -37.17 4.38 12.30
CA ILE B 332 -37.25 5.20 13.49
C ILE B 332 -36.17 6.27 13.47
N GLU B 333 -35.42 6.33 12.37
CA GLU B 333 -34.35 7.31 12.27
C GLU B 333 -34.87 8.73 12.05
N ILE B 334 -34.31 9.67 12.82
CA ILE B 334 -34.68 11.08 12.75
C ILE B 334 -33.51 11.92 12.27
N TYR B 335 -33.76 12.77 11.29
CA TYR B 335 -32.72 13.64 10.75
C TYR B 335 -32.83 15.02 11.40
N PRO B 336 -31.81 15.41 12.19
CA PRO B 336 -31.82 16.72 12.86
C PRO B 336 -31.30 17.81 11.92
N ASN B 337 -32.19 18.41 11.16
CA ASN B 337 -31.81 19.47 10.22
C ASN B 337 -31.33 20.71 10.96
N GLY B 338 -30.09 21.10 10.68
CA GLY B 338 -29.50 22.26 11.33
C GLY B 338 -28.39 21.88 12.28
N LEU B 339 -28.10 20.59 12.39
CA LEU B 339 -27.05 20.12 13.28
C LEU B 339 -25.94 19.32 12.59
N SER B 340 -25.56 19.75 11.39
CA SER B 340 -24.47 19.09 10.69
C SER B 340 -23.20 19.45 11.44
N THR B 341 -22.31 18.48 11.60
CA THR B 341 -21.07 18.72 12.31
C THR B 341 -20.06 17.64 11.96
N SER B 342 -18.79 17.90 12.26
CA SER B 342 -17.74 16.94 12.00
C SER B 342 -16.93 16.77 13.29
N LEU B 343 -17.56 17.13 14.40
CA LEU B 343 -16.93 17.03 15.72
C LEU B 343 -16.75 15.57 16.13
N PRO B 344 -15.88 15.31 17.13
CA PRO B 344 -15.69 13.92 17.58
C PRO B 344 -17.03 13.39 18.07
N GLU B 345 -17.24 12.08 17.93
CA GLU B 345 -18.50 11.48 18.34
C GLU B 345 -18.85 11.72 19.81
N GLU B 346 -17.87 11.66 20.71
CA GLU B 346 -18.15 11.89 22.13
C GLU B 346 -18.62 13.32 22.37
N VAL B 347 -18.17 14.25 21.54
CA VAL B 347 -18.59 15.64 21.68
C VAL B 347 -20.01 15.76 21.12
N GLN B 348 -20.29 15.00 20.06
CA GLN B 348 -21.61 15.01 19.46
C GLN B 348 -22.65 14.60 20.50
N TRP B 349 -22.37 13.55 21.27
CA TRP B 349 -23.32 13.10 22.30
C TRP B 349 -23.67 14.26 23.21
N GLU B 350 -22.65 14.99 23.62
CA GLU B 350 -22.83 16.11 24.50
C GLU B 350 -23.63 17.26 23.88
N MET B 351 -23.32 17.65 22.66
CA MET B 351 -24.07 18.76 22.07
C MET B 351 -25.51 18.38 21.73
N TYR B 352 -25.70 17.21 21.14
CA TYR B 352 -27.06 16.78 20.79
C TYR B 352 -27.95 16.71 22.02
N ARG B 353 -27.38 16.28 23.13
CA ARG B 353 -28.13 16.15 24.38
C ARG B 353 -28.34 17.45 25.14
N SER B 354 -27.81 18.55 24.63
CA SER B 354 -28.01 19.85 25.27
C SER B 354 -29.23 20.51 24.64
N ILE B 355 -29.71 19.93 23.56
CA ILE B 355 -30.86 20.46 22.85
C ILE B 355 -32.18 19.93 23.44
N PRO B 356 -33.11 20.85 23.77
CA PRO B 356 -34.41 20.50 24.36
C PRO B 356 -35.11 19.39 23.59
N GLY B 357 -35.46 18.32 24.29
CA GLY B 357 -36.15 17.20 23.68
C GLY B 357 -35.21 16.04 23.40
N LEU B 358 -33.91 16.37 23.29
CA LEU B 358 -32.86 15.39 23.00
C LEU B 358 -31.96 15.05 24.20
N GLU B 359 -32.35 15.49 25.39
CA GLU B 359 -31.54 15.25 26.59
C GLU B 359 -31.07 13.81 26.70
N ASN B 360 -31.92 12.87 26.27
CA ASN B 360 -31.58 11.46 26.37
C ASN B 360 -31.58 10.77 25.02
N VAL B 361 -31.30 11.51 23.96
CA VAL B 361 -31.31 10.94 22.62
C VAL B 361 -30.16 9.97 22.38
N VAL B 362 -30.44 8.98 21.54
CA VAL B 362 -29.46 7.97 21.18
C VAL B 362 -29.15 8.08 19.68
N LEU B 363 -27.87 8.14 19.33
CA LEU B 363 -27.50 8.24 17.94
C LEU B 363 -27.53 6.85 17.30
N ILE B 364 -27.90 6.81 16.03
CA ILE B 364 -27.92 5.57 15.26
C ILE B 364 -26.74 5.66 14.29
N ARG B 365 -26.50 6.87 13.75
CA ARG B 365 -25.39 7.13 12.84
C ARG B 365 -24.76 8.45 13.28
N PRO B 366 -23.42 8.48 13.41
CA PRO B 366 -22.74 9.71 13.83
C PRO B 366 -22.77 10.74 12.72
N ALA B 367 -22.58 12.00 13.10
CA ALA B 367 -22.56 13.08 12.12
C ALA B 367 -21.15 13.09 11.55
N TYR B 368 -20.99 13.55 10.31
CA TYR B 368 -19.66 13.61 9.70
C TYR B 368 -19.59 14.58 8.54
N ALA B 369 -18.39 14.77 8.03
CA ALA B 369 -18.16 15.64 6.88
C ALA B 369 -17.41 14.83 5.81
N ILE B 370 -17.68 15.11 4.55
CA ILE B 370 -17.04 14.40 3.46
C ILE B 370 -16.29 15.37 2.55
N GLU B 371 -15.08 14.97 2.14
CA GLU B 371 -14.25 15.77 1.25
C GLU B 371 -14.03 14.92 0.01
N TYR B 372 -14.29 15.49 -1.16
CA TYR B 372 -14.17 14.75 -2.42
C TYR B 372 -13.59 15.59 -3.55
N ASP B 373 -13.15 14.93 -4.63
CA ASP B 373 -12.59 15.65 -5.77
C ASP B 373 -13.67 16.29 -6.60
N VAL B 374 -13.34 17.46 -7.15
CA VAL B 374 -14.24 18.25 -7.99
C VAL B 374 -13.46 18.87 -9.14
N VAL B 375 -14.03 18.83 -10.34
CA VAL B 375 -13.39 19.46 -11.49
C VAL B 375 -14.14 20.77 -11.71
N PRO B 376 -13.44 21.92 -11.56
CA PRO B 376 -14.06 23.24 -11.73
C PRO B 376 -14.95 23.30 -12.97
N PRO B 377 -16.21 23.73 -12.79
CA PRO B 377 -17.20 23.84 -13.86
C PRO B 377 -16.76 24.75 -15.02
N THR B 378 -15.76 25.59 -14.77
CA THR B 378 -15.27 26.48 -15.81
C THR B 378 -14.60 25.71 -16.93
N GLU B 379 -14.50 24.39 -16.77
CA GLU B 379 -13.89 23.53 -17.79
C GLU B 379 -14.98 23.08 -18.76
N LEU B 380 -16.21 23.54 -18.53
CA LEU B 380 -17.33 23.14 -19.37
C LEU B 380 -18.07 24.30 -20.04
N TYR B 381 -18.75 23.99 -21.15
CA TYR B 381 -19.57 24.96 -21.87
C TYR B 381 -20.94 24.82 -21.19
N PRO B 382 -21.86 25.74 -21.45
CA PRO B 382 -23.18 25.63 -20.82
C PRO B 382 -23.92 24.33 -21.19
N THR B 383 -23.37 23.59 -22.16
CA THR B 383 -23.98 22.32 -22.57
C THR B 383 -23.53 21.20 -21.62
N LEU B 384 -22.61 21.54 -20.73
CA LEU B 384 -22.01 20.65 -19.73
C LEU B 384 -20.94 19.74 -20.35
N GLU B 385 -20.61 20.01 -21.62
CA GLU B 385 -19.57 19.25 -22.29
C GLU B 385 -18.20 19.87 -21.96
N THR B 386 -17.20 19.02 -21.84
CA THR B 386 -15.84 19.45 -21.53
C THR B 386 -15.17 20.17 -22.71
N LYS B 387 -14.51 21.29 -22.42
CA LYS B 387 -13.83 22.05 -23.48
C LYS B 387 -12.62 21.31 -24.03
N LYS B 388 -11.99 20.48 -23.19
CA LYS B 388 -10.82 19.72 -23.59
C LYS B 388 -11.14 18.45 -24.38
N ILE B 389 -12.25 17.80 -24.04
CA ILE B 389 -12.62 16.54 -24.68
C ILE B 389 -14.07 16.46 -25.15
N ARG B 390 -14.25 16.23 -26.45
CA ARG B 390 -15.56 16.12 -27.05
C ARG B 390 -16.22 14.82 -26.60
N GLY B 391 -17.49 14.89 -26.20
CA GLY B 391 -18.20 13.69 -25.77
C GLY B 391 -18.14 13.42 -24.27
N LEU B 392 -17.38 14.24 -23.54
CA LEU B 392 -17.22 14.10 -22.10
C LEU B 392 -18.04 15.18 -21.38
N PHE B 393 -18.91 14.75 -20.47
CA PHE B 393 -19.76 15.67 -19.71
C PHE B 393 -19.63 15.42 -18.22
N HIS B 394 -19.92 16.44 -17.41
CA HIS B 394 -19.85 16.35 -15.96
C HIS B 394 -21.15 16.85 -15.33
N ALA B 395 -21.51 16.32 -14.17
CA ALA B 395 -22.73 16.76 -13.50
C ALA B 395 -22.78 16.39 -12.01
N GLY B 396 -23.46 17.22 -11.22
CA GLY B 396 -23.59 16.97 -9.79
C GLY B 396 -22.47 17.49 -8.92
N ASN B 397 -22.32 16.89 -7.74
CA ASN B 397 -21.28 17.32 -6.81
C ASN B 397 -19.89 17.33 -7.46
N PHE B 398 -19.65 16.41 -8.39
CA PHE B 398 -18.36 16.35 -9.07
C PHE B 398 -18.20 17.63 -9.89
N ASN B 399 -19.31 18.30 -10.13
CA ASN B 399 -19.30 19.52 -10.92
C ASN B 399 -19.26 20.78 -10.06
N GLY B 400 -19.12 20.60 -8.75
CA GLY B 400 -19.05 21.77 -7.87
C GLY B 400 -20.31 22.22 -7.15
N THR B 401 -21.42 21.52 -7.33
CA THR B 401 -22.63 21.91 -6.63
C THR B 401 -22.87 20.92 -5.51
N THR B 402 -23.88 21.18 -4.69
CA THR B 402 -24.25 20.25 -3.65
C THR B 402 -25.77 20.28 -3.52
N GLY B 403 -26.37 19.11 -3.33
CA GLY B 403 -27.81 18.99 -3.23
C GLY B 403 -28.35 18.03 -4.29
N TYR B 404 -29.44 17.34 -3.97
CA TYR B 404 -30.04 16.38 -4.91
C TYR B 404 -30.57 17.08 -6.15
N GLU B 405 -31.36 18.12 -5.95
CA GLU B 405 -31.95 18.85 -7.05
C GLU B 405 -30.95 19.52 -7.99
N GLU B 406 -29.92 20.16 -7.45
CA GLU B 406 -28.92 20.81 -8.31
C GLU B 406 -28.23 19.75 -9.18
N ALA B 407 -28.03 18.56 -8.61
CA ALA B 407 -27.40 17.46 -9.34
C ALA B 407 -28.32 16.93 -10.45
N ALA B 408 -29.57 16.64 -10.11
CA ALA B 408 -30.53 16.12 -11.08
C ALA B 408 -30.79 17.13 -12.20
N GLY B 409 -30.71 18.42 -11.86
CA GLY B 409 -30.93 19.45 -12.86
C GLY B 409 -29.84 19.41 -13.91
N GLN B 410 -28.59 19.21 -13.47
CA GLN B 410 -27.47 19.13 -14.40
C GLN B 410 -27.49 17.80 -15.11
N GLY B 411 -27.86 16.76 -14.37
CA GLY B 411 -27.91 15.42 -14.92
C GLY B 411 -28.75 15.25 -16.17
N ILE B 412 -29.97 15.76 -16.14
CA ILE B 412 -30.85 15.66 -17.29
C ILE B 412 -30.26 16.38 -18.51
N VAL B 413 -29.62 17.53 -18.28
CA VAL B 413 -29.01 18.28 -19.37
C VAL B 413 -27.83 17.49 -19.96
N ALA B 414 -26.95 16.99 -19.10
CA ALA B 414 -25.80 16.22 -19.53
C ALA B 414 -26.22 14.94 -20.23
N GLY B 415 -27.27 14.31 -19.72
CA GLY B 415 -27.77 13.09 -20.34
C GLY B 415 -28.28 13.39 -21.73
N ILE B 416 -29.10 14.43 -21.84
CA ILE B 416 -29.65 14.84 -23.12
C ILE B 416 -28.55 15.11 -24.16
N ASN B 417 -27.56 15.92 -23.79
CA ASN B 417 -26.47 16.24 -24.69
C ASN B 417 -25.56 15.07 -25.03
N ALA B 418 -25.42 14.14 -24.09
CA ALA B 418 -24.59 12.95 -24.34
C ALA B 418 -25.23 12.11 -25.45
N ALA B 419 -26.53 11.85 -25.32
CA ALA B 419 -27.27 11.08 -26.33
C ALA B 419 -27.21 11.82 -27.68
N LEU B 420 -27.44 13.13 -27.66
CA LEU B 420 -27.38 13.92 -28.88
C LEU B 420 -26.02 13.74 -29.54
N ARG B 421 -24.96 13.85 -28.75
CA ARG B 421 -23.61 13.66 -29.29
C ARG B 421 -23.51 12.28 -29.93
N ALA B 422 -23.98 11.27 -29.20
CA ALA B 422 -23.94 9.90 -29.69
C ALA B 422 -24.63 9.75 -31.03
N PHE B 423 -25.61 10.62 -31.30
CA PHE B 423 -26.33 10.54 -32.56
C PHE B 423 -25.80 11.50 -33.62
N GLY B 424 -24.78 12.27 -33.29
CA GLY B 424 -24.22 13.20 -34.25
C GLY B 424 -25.05 14.47 -34.44
N LYS B 425 -25.78 14.87 -33.40
CA LYS B 425 -26.58 16.08 -33.47
C LYS B 425 -25.92 17.11 -32.57
N GLU B 426 -26.33 18.37 -32.65
CA GLU B 426 -25.70 19.38 -31.81
C GLU B 426 -26.30 19.50 -30.43
N PRO B 427 -25.44 19.54 -29.40
CA PRO B 427 -25.87 19.66 -28.01
C PRO B 427 -26.66 20.94 -27.79
N ILE B 428 -27.52 20.95 -26.78
CA ILE B 428 -28.32 22.12 -26.48
C ILE B 428 -27.89 22.67 -25.13
N TYR B 429 -28.56 23.72 -24.68
CA TYR B 429 -28.26 24.32 -23.39
C TYR B 429 -29.51 25.08 -22.99
N LEU B 430 -29.66 25.37 -21.70
CA LEU B 430 -30.84 26.10 -21.25
C LEU B 430 -30.53 27.55 -20.94
N ARG B 431 -31.21 28.46 -21.63
CA ARG B 431 -30.99 29.88 -21.41
C ARG B 431 -31.38 30.23 -19.99
N ARG B 432 -30.55 31.02 -19.32
CA ARG B 432 -30.85 31.40 -17.95
C ARG B 432 -32.10 32.27 -17.84
N ASP B 433 -32.51 32.89 -18.94
CA ASP B 433 -33.70 33.73 -18.89
C ASP B 433 -34.98 32.93 -19.10
N GLU B 434 -34.88 31.60 -19.02
CA GLU B 434 -36.06 30.75 -19.20
C GLU B 434 -36.22 29.65 -18.16
N SER B 435 -35.16 29.31 -17.44
CA SER B 435 -35.25 28.28 -16.43
C SER B 435 -34.20 28.46 -15.35
N TYR B 436 -34.51 27.95 -14.17
CA TYR B 436 -33.58 28.05 -13.07
C TYR B 436 -32.43 27.06 -13.25
N ILE B 437 -32.67 25.99 -14.02
CA ILE B 437 -31.62 25.03 -14.29
C ILE B 437 -30.58 25.78 -15.12
N GLY B 438 -31.06 26.55 -16.08
CA GLY B 438 -30.19 27.33 -16.93
C GLY B 438 -29.40 28.35 -16.11
N VAL B 439 -30.04 28.94 -15.12
CA VAL B 439 -29.36 29.91 -14.25
C VAL B 439 -28.18 29.22 -13.57
N MET B 440 -28.44 28.06 -12.98
CA MET B 440 -27.42 27.27 -12.30
C MET B 440 -26.23 26.93 -13.21
N ILE B 441 -26.52 26.34 -14.36
CA ILE B 441 -25.47 25.95 -15.30
C ILE B 441 -24.67 27.16 -15.79
N ASP B 442 -25.37 28.27 -16.01
CA ASP B 442 -24.71 29.49 -16.47
C ASP B 442 -23.74 30.00 -15.38
N ASP B 443 -24.23 30.10 -14.15
CA ASP B 443 -23.37 30.55 -13.07
C ASP B 443 -22.17 29.63 -12.85
N LEU B 444 -22.40 28.32 -12.92
CA LEU B 444 -21.31 27.37 -12.74
C LEU B 444 -20.21 27.49 -13.79
N THR B 445 -20.61 27.56 -15.05
CA THR B 445 -19.64 27.63 -16.13
C THR B 445 -19.13 29.03 -16.46
N THR B 446 -19.76 30.06 -15.90
CA THR B 446 -19.33 31.42 -16.18
C THR B 446 -18.70 32.11 -14.98
N LYS B 447 -19.16 31.76 -13.78
CA LYS B 447 -18.63 32.36 -12.56
C LYS B 447 -17.65 31.42 -11.86
N GLY B 448 -17.83 30.11 -12.08
CA GLY B 448 -16.97 29.14 -11.41
C GLY B 448 -17.38 29.08 -9.96
N VAL B 449 -16.70 28.25 -9.16
CA VAL B 449 -17.03 28.14 -7.75
C VAL B 449 -15.80 28.06 -6.85
N THR B 450 -15.93 28.61 -5.65
CA THR B 450 -14.85 28.61 -4.67
C THR B 450 -15.33 27.75 -3.50
N GLU B 451 -16.62 27.39 -3.56
CA GLU B 451 -17.27 26.55 -2.56
C GLU B 451 -18.46 25.88 -3.25
N PRO B 452 -19.04 24.85 -2.62
CA PRO B 452 -20.18 24.17 -3.26
C PRO B 452 -21.33 25.12 -3.58
N TYR B 453 -21.77 25.11 -4.84
CA TYR B 453 -22.87 25.94 -5.32
C TYR B 453 -24.23 25.42 -4.87
N ARG B 454 -25.09 26.33 -4.43
CA ARG B 454 -26.44 25.99 -3.98
C ARG B 454 -27.43 26.88 -4.73
N LEU B 455 -28.55 26.31 -5.13
CA LEU B 455 -29.56 27.05 -5.89
C LEU B 455 -30.17 28.31 -5.26
N PHE B 456 -30.15 28.43 -3.93
CA PHE B 456 -30.74 29.61 -3.34
C PHE B 456 -29.85 30.85 -3.43
N THR B 457 -28.58 30.64 -3.78
CA THR B 457 -27.66 31.78 -3.88
C THR B 457 -27.68 32.45 -5.25
N SER B 458 -28.31 31.81 -6.22
CA SER B 458 -28.36 32.40 -7.55
C SER B 458 -29.40 33.52 -7.59
N ARG B 459 -29.25 34.43 -8.54
CA ARG B 459 -30.17 35.54 -8.69
C ARG B 459 -30.70 35.61 -10.11
N SER B 460 -31.97 35.30 -10.28
CA SER B 460 -32.58 35.35 -11.59
C SER B 460 -33.15 36.73 -11.88
N GLU B 461 -32.73 37.33 -12.98
CA GLU B 461 -33.22 38.64 -13.35
C GLU B 461 -34.64 38.52 -13.89
N TYR B 462 -35.11 37.28 -14.05
CA TYR B 462 -36.46 37.03 -14.54
C TYR B 462 -37.24 36.19 -13.52
N ARG B 463 -37.01 36.47 -12.24
CA ARG B 463 -37.67 35.73 -11.16
C ARG B 463 -39.19 35.72 -11.24
N LEU B 464 -39.78 36.66 -11.99
CA LEU B 464 -41.23 36.70 -12.11
C LEU B 464 -41.73 35.81 -13.24
N TYR B 465 -40.85 35.52 -14.20
CA TYR B 465 -41.22 34.66 -15.33
C TYR B 465 -40.91 33.19 -15.01
N ILE B 466 -39.79 32.96 -14.33
CA ILE B 466 -39.37 31.61 -13.98
C ILE B 466 -39.97 31.27 -12.62
N ARG B 467 -41.22 30.81 -12.64
CA ARG B 467 -41.97 30.49 -11.44
C ARG B 467 -42.18 28.98 -11.25
N GLN B 468 -42.76 28.63 -10.10
CA GLN B 468 -43.05 27.25 -9.77
C GLN B 468 -44.27 26.73 -10.50
N ASP B 469 -45.20 27.63 -10.80
CA ASP B 469 -46.44 27.24 -11.46
C ASP B 469 -46.39 27.09 -12.98
N ASN B 470 -45.37 27.64 -13.63
CA ASN B 470 -45.29 27.54 -15.08
C ASN B 470 -44.07 26.84 -15.67
N ALA B 471 -43.42 25.99 -14.88
CA ALA B 471 -42.27 25.25 -15.38
C ALA B 471 -42.70 24.46 -16.60
N ILE B 472 -43.88 23.86 -16.51
CA ILE B 472 -44.42 23.05 -17.60
C ILE B 472 -44.59 23.86 -18.90
N LEU B 473 -45.07 25.09 -18.78
CA LEU B 473 -45.26 25.96 -19.94
C LEU B 473 -43.93 26.46 -20.52
N ARG B 474 -42.91 26.52 -19.68
CA ARG B 474 -41.59 27.00 -20.12
C ARG B 474 -40.70 25.92 -20.73
N LEU B 475 -40.87 24.66 -20.32
CA LEU B 475 -40.00 23.60 -20.82
C LEU B 475 -40.60 22.40 -21.52
N ALA B 476 -41.93 22.30 -21.58
CA ALA B 476 -42.56 21.15 -22.24
C ALA B 476 -42.23 21.04 -23.73
N LYS B 477 -42.14 22.18 -24.42
CA LYS B 477 -41.84 22.11 -25.85
C LYS B 477 -40.48 21.48 -26.11
N LEU B 478 -39.46 21.88 -25.35
CA LEU B 478 -38.14 21.31 -25.54
C LEU B 478 -38.22 19.84 -25.18
N GLY B 479 -38.93 19.54 -24.09
CA GLY B 479 -39.08 18.16 -23.64
C GLY B 479 -39.66 17.27 -24.71
N ARG B 480 -40.68 17.77 -25.40
CA ARG B 480 -41.30 17.00 -26.46
C ARG B 480 -40.36 16.91 -27.67
N GLU B 481 -39.71 18.03 -27.98
CA GLU B 481 -38.79 18.07 -29.12
C GLU B 481 -37.67 17.03 -29.01
N LEU B 482 -37.19 16.80 -27.79
CA LEU B 482 -36.12 15.84 -27.54
C LEU B 482 -36.62 14.40 -27.54
N GLY B 483 -37.92 14.21 -27.33
CA GLY B 483 -38.47 12.87 -27.31
C GLY B 483 -38.69 12.36 -25.90
N LEU B 484 -38.38 13.19 -24.92
CA LEU B 484 -38.55 12.82 -23.51
C LEU B 484 -40.04 12.78 -23.15
N LEU B 485 -40.82 13.70 -23.69
CA LEU B 485 -42.27 13.71 -23.45
C LEU B 485 -42.93 13.03 -24.64
N SER B 486 -44.03 12.34 -24.40
CA SER B 486 -44.72 11.65 -25.49
C SER B 486 -45.62 12.65 -26.21
N GLU B 487 -46.16 12.23 -27.35
CA GLU B 487 -47.05 13.06 -28.14
C GLU B 487 -48.28 13.39 -27.29
N GLU B 488 -48.77 12.42 -26.55
CA GLU B 488 -49.93 12.61 -25.71
C GLU B 488 -49.67 13.61 -24.58
N GLN B 489 -48.48 13.56 -23.98
CA GLN B 489 -48.17 14.47 -22.89
C GLN B 489 -48.16 15.91 -23.36
N TYR B 490 -47.49 16.16 -24.48
CA TYR B 490 -47.41 17.52 -25.00
C TYR B 490 -48.77 18.03 -25.51
N LYS B 491 -49.61 17.12 -26.00
CA LYS B 491 -50.91 17.49 -26.51
C LYS B 491 -51.72 18.10 -25.37
N LEU B 492 -51.54 17.56 -24.18
CA LEU B 492 -52.25 18.08 -23.01
C LEU B 492 -51.79 19.51 -22.75
N VAL B 493 -50.48 19.72 -22.77
CA VAL B 493 -49.93 21.04 -22.54
C VAL B 493 -50.47 22.07 -23.55
N LYS B 494 -50.49 21.69 -24.82
CA LYS B 494 -51.00 22.59 -25.85
C LYS B 494 -52.47 22.91 -25.65
N GLU B 495 -53.27 21.91 -25.30
CA GLU B 495 -54.70 22.12 -25.06
C GLU B 495 -54.88 23.13 -23.92
N LEU B 496 -54.22 22.88 -22.79
CA LEU B 496 -54.31 23.76 -21.63
C LEU B 496 -53.80 25.15 -21.98
N GLU B 497 -52.73 25.19 -22.74
CA GLU B 497 -52.11 26.46 -23.17
C GLU B 497 -53.12 27.27 -23.96
N ARG B 498 -53.93 26.59 -24.77
CA ARG B 498 -54.95 27.27 -25.57
C ARG B 498 -56.11 27.76 -24.72
N GLU B 499 -56.58 26.92 -23.79
CA GLU B 499 -57.68 27.31 -22.90
C GLU B 499 -57.27 28.54 -22.09
N ILE B 500 -56.02 28.53 -21.63
CA ILE B 500 -55.49 29.63 -20.84
C ILE B 500 -55.57 30.94 -21.63
N GLU B 501 -55.16 30.91 -22.89
CA GLU B 501 -55.20 32.10 -23.72
C GLU B 501 -56.63 32.55 -24.02
N LYS B 502 -57.52 31.60 -24.29
CA LYS B 502 -58.91 31.95 -24.56
C LYS B 502 -59.48 32.68 -23.35
N TRP B 503 -59.24 32.15 -22.16
CA TRP B 503 -59.75 32.76 -20.94
C TRP B 503 -59.19 34.16 -20.65
N LYS B 504 -57.91 34.34 -20.89
CA LYS B 504 -57.31 35.65 -20.64
C LYS B 504 -57.93 36.70 -21.56
N GLU B 505 -58.14 36.37 -22.83
CA GLU B 505 -58.72 37.33 -23.76
C GLU B 505 -60.19 37.60 -23.42
N PHE B 506 -60.83 36.61 -22.80
CA PHE B 506 -62.21 36.77 -22.39
C PHE B 506 -62.28 37.76 -21.24
N TYR B 507 -61.50 37.52 -20.18
CA TYR B 507 -61.50 38.42 -19.03
C TYR B 507 -60.93 39.80 -19.37
N LYS B 508 -60.24 39.92 -20.50
CA LYS B 508 -59.68 41.21 -20.90
C LYS B 508 -60.67 42.05 -21.69
N SER B 509 -61.77 41.45 -22.12
CA SER B 509 -62.79 42.17 -22.88
C SER B 509 -64.10 42.31 -22.10
N GLU B 510 -64.18 41.68 -20.93
CA GLU B 510 -65.37 41.77 -20.11
C GLU B 510 -65.20 42.82 -19.01
N ARG B 511 -65.80 43.99 -19.21
CA ARG B 511 -65.71 45.09 -18.25
C ARG B 511 -66.77 44.99 -17.15
N VAL B 512 -66.43 45.55 -15.99
CA VAL B 512 -67.32 45.56 -14.83
C VAL B 512 -67.25 46.94 -14.19
N SER B 513 -68.27 47.29 -13.43
CA SER B 513 -68.34 48.59 -12.76
C SER B 513 -68.11 48.45 -11.26
N VAL B 514 -67.14 49.19 -10.74
CA VAL B 514 -66.82 49.12 -9.32
C VAL B 514 -66.78 50.50 -8.65
N ALA B 515 -67.06 50.52 -7.35
CA ALA B 515 -67.09 51.76 -6.58
C ALA B 515 -65.79 52.04 -5.81
N VAL B 516 -64.87 52.74 -6.47
CA VAL B 516 -63.61 53.12 -5.84
C VAL B 516 -63.87 54.35 -4.97
N GLY B 517 -64.48 54.11 -3.81
CA GLY B 517 -64.82 55.20 -2.91
C GLY B 517 -66.21 55.73 -3.25
N GLY B 518 -66.28 57.02 -3.55
CA GLY B 518 -67.55 57.62 -3.92
C GLY B 518 -67.53 57.87 -5.42
N ASP B 519 -66.81 57.00 -6.13
CA ASP B 519 -66.67 57.10 -7.57
C ASP B 519 -66.94 55.74 -8.23
N THR B 520 -67.25 55.76 -9.53
CA THR B 520 -67.52 54.53 -10.28
C THR B 520 -66.49 54.35 -11.40
N ARG B 521 -65.96 53.14 -11.49
CA ARG B 521 -64.95 52.84 -12.50
C ARG B 521 -65.34 51.65 -13.37
N SER B 522 -64.84 51.66 -14.60
CA SER B 522 -65.09 50.59 -15.54
C SER B 522 -63.76 49.83 -15.70
N TYR B 523 -63.69 48.64 -15.13
CA TYR B 523 -62.49 47.84 -15.20
C TYR B 523 -62.75 46.48 -15.82
N SER B 524 -61.77 45.99 -16.57
CA SER B 524 -61.91 44.67 -17.18
C SER B 524 -61.64 43.65 -16.08
N VAL B 525 -62.24 42.47 -16.19
CA VAL B 525 -62.05 41.41 -15.20
C VAL B 525 -60.56 41.16 -15.00
N ALA B 526 -59.81 41.19 -16.10
CA ALA B 526 -58.37 40.98 -16.05
C ALA B 526 -57.68 41.99 -15.15
N THR B 527 -58.12 43.24 -15.23
CA THR B 527 -57.55 44.31 -14.42
C THR B 527 -57.85 44.09 -12.95
N LEU B 528 -59.03 43.58 -12.64
CA LEU B 528 -59.41 43.34 -11.25
C LEU B 528 -58.46 42.35 -10.59
N MET B 529 -57.80 41.51 -11.39
CA MET B 529 -56.86 40.53 -10.85
C MET B 529 -55.64 41.22 -10.25
N THR B 530 -55.44 42.50 -10.60
CA THR B 530 -54.31 43.26 -10.06
C THR B 530 -54.82 44.23 -9.01
N MET B 531 -56.10 44.09 -8.66
CA MET B 531 -56.71 44.95 -7.66
C MET B 531 -57.26 44.16 -6.49
N ASN B 532 -56.61 43.05 -6.20
CA ASN B 532 -56.96 42.15 -5.09
C ASN B 532 -58.20 41.28 -5.27
N TYR B 533 -58.58 41.05 -6.53
CA TYR B 533 -59.73 40.19 -6.82
C TYR B 533 -59.19 38.87 -7.33
N THR B 534 -59.77 37.77 -6.88
CA THR B 534 -59.39 36.45 -7.39
C THR B 534 -60.53 36.04 -8.31
N LEU B 535 -60.30 35.04 -9.15
CA LEU B 535 -61.38 34.60 -10.03
C LEU B 535 -62.57 34.17 -9.19
N ASP B 536 -62.33 33.52 -8.04
CA ASP B 536 -63.41 33.11 -7.16
C ASP B 536 -64.21 34.34 -6.71
N ASP B 537 -63.52 35.47 -6.50
CA ASP B 537 -64.21 36.69 -6.08
C ASP B 537 -65.06 37.23 -7.23
N VAL B 538 -64.49 37.24 -8.43
CA VAL B 538 -65.18 37.74 -9.60
C VAL B 538 -66.46 36.95 -9.91
N LYS B 539 -66.41 35.64 -9.72
CA LYS B 539 -67.57 34.79 -9.97
C LYS B 539 -68.64 35.01 -8.91
N GLU B 540 -68.21 35.01 -7.66
CA GLU B 540 -69.12 35.17 -6.53
C GLU B 540 -69.81 36.53 -6.49
N LYS B 541 -69.07 37.58 -6.86
CA LYS B 541 -69.61 38.93 -6.84
C LYS B 541 -70.22 39.40 -8.16
N PHE B 542 -69.55 39.09 -9.26
CA PHE B 542 -70.05 39.53 -10.56
C PHE B 542 -70.68 38.42 -11.42
N GLY B 543 -70.70 37.21 -10.89
CA GLY B 543 -71.30 36.09 -11.59
C GLY B 543 -70.69 35.59 -12.89
N TYR B 544 -69.45 35.97 -13.18
CA TYR B 544 -68.80 35.49 -14.39
C TYR B 544 -68.43 34.01 -14.25
N GLU B 545 -68.19 33.38 -15.38
CA GLU B 545 -67.79 31.98 -15.42
C GLU B 545 -66.29 31.90 -15.17
N VAL B 546 -65.84 30.74 -14.69
CA VAL B 546 -64.42 30.54 -14.45
C VAL B 546 -64.02 29.21 -15.09
N PRO B 547 -62.72 28.99 -15.34
CA PRO B 547 -62.28 27.74 -15.96
C PRO B 547 -62.61 26.56 -15.06
N GLN B 548 -62.89 25.41 -15.66
CA GLN B 548 -63.23 24.22 -14.89
C GLN B 548 -62.01 23.33 -14.63
N HIS B 549 -61.02 23.41 -15.52
CA HIS B 549 -59.80 22.63 -15.35
C HIS B 549 -58.93 23.32 -14.28
N PRO B 550 -58.53 22.57 -13.24
CA PRO B 550 -57.72 23.06 -12.12
C PRO B 550 -56.51 23.92 -12.50
N TYR B 551 -55.75 23.49 -13.51
CA TYR B 551 -54.58 24.24 -13.91
C TYR B 551 -54.94 25.52 -14.64
N VAL B 552 -55.86 25.42 -15.61
CA VAL B 552 -56.26 26.59 -16.36
C VAL B 552 -56.81 27.65 -15.41
N LYS B 553 -57.64 27.21 -14.47
CA LYS B 553 -58.27 28.10 -13.50
C LYS B 553 -57.25 28.88 -12.68
N GLU B 554 -56.17 28.21 -12.26
CA GLU B 554 -55.15 28.86 -11.46
C GLU B 554 -54.09 29.61 -12.26
N GLU B 555 -53.72 29.09 -13.41
CA GLU B 555 -52.69 29.72 -14.22
C GLU B 555 -53.21 31.02 -14.86
N VAL B 556 -54.49 31.05 -15.21
CA VAL B 556 -55.09 32.23 -15.79
C VAL B 556 -55.00 33.36 -14.77
N GLU B 557 -55.39 33.04 -13.54
CA GLU B 557 -55.37 34.02 -12.46
C GLU B 557 -53.96 34.55 -12.20
N ILE B 558 -53.00 33.62 -12.09
CA ILE B 558 -51.61 33.98 -11.84
C ILE B 558 -51.05 34.83 -12.98
N GLN B 559 -51.34 34.43 -14.21
CA GLN B 559 -50.84 35.17 -15.37
C GLN B 559 -51.42 36.58 -15.43
N LEU B 560 -52.70 36.71 -15.11
CA LEU B 560 -53.32 38.04 -15.14
C LEU B 560 -52.83 38.91 -13.98
N LYS B 561 -52.76 38.33 -12.79
CA LYS B 561 -52.30 39.07 -11.61
C LYS B 561 -50.88 39.61 -11.78
N TYR B 562 -50.01 38.83 -12.41
CA TYR B 562 -48.61 39.23 -12.58
C TYR B 562 -48.23 39.85 -13.93
N GLU B 563 -49.17 39.89 -14.87
CA GLU B 563 -48.89 40.45 -16.19
C GLU B 563 -48.16 41.79 -16.13
N PRO B 564 -48.60 42.70 -15.26
CA PRO B 564 -47.98 44.03 -15.09
C PRO B 564 -46.50 43.94 -14.76
N TYR B 565 -46.17 43.14 -13.75
CA TYR B 565 -44.78 43.00 -13.31
C TYR B 565 -43.91 42.24 -14.31
N ILE B 566 -44.48 41.22 -14.94
CA ILE B 566 -43.75 40.43 -15.92
C ILE B 566 -43.33 41.31 -17.10
N GLU B 567 -44.24 42.19 -17.52
CA GLU B 567 -43.98 43.11 -18.63
C GLU B 567 -42.94 44.14 -18.24
N ARG B 568 -42.99 44.62 -17.00
CA ARG B 568 -42.03 45.61 -16.55
C ARG B 568 -40.66 44.93 -16.45
N GLU B 569 -40.66 43.71 -15.91
CA GLU B 569 -39.43 42.96 -15.76
C GLU B 569 -38.79 42.71 -17.13
N ARG B 570 -39.62 42.41 -18.12
CA ARG B 570 -39.15 42.16 -19.47
C ARG B 570 -38.61 43.42 -20.14
N LYS B 571 -39.21 44.57 -19.83
CA LYS B 571 -38.79 45.83 -20.42
C LYS B 571 -37.46 46.28 -19.83
N LEU B 572 -37.31 46.08 -18.52
CA LEU B 572 -36.08 46.46 -17.85
C LEU B 572 -34.88 45.64 -18.29
N ASN B 573 -35.14 44.41 -18.76
CA ASN B 573 -34.07 43.53 -19.20
C ASN B 573 -33.88 43.45 -20.71
N GLU B 574 -34.63 44.25 -21.47
CA GLU B 574 -34.53 44.25 -22.93
C GLU B 574 -33.10 44.14 -23.44
N LYS B 575 -32.19 44.91 -22.87
CA LYS B 575 -30.81 44.86 -23.30
C LYS B 575 -30.20 43.47 -23.07
N LEU B 576 -30.44 42.90 -21.89
CA LEU B 576 -29.94 41.57 -21.56
C LEU B 576 -30.40 40.55 -22.60
N LYS B 577 -31.66 40.67 -23.02
CA LYS B 577 -32.24 39.77 -24.02
C LYS B 577 -31.50 39.97 -25.34
N LYS B 578 -31.19 41.23 -25.64
CA LYS B 578 -30.48 41.58 -26.87
C LYS B 578 -29.14 40.87 -26.91
N LEU B 579 -28.36 40.99 -25.83
CA LEU B 579 -27.06 40.36 -25.76
C LEU B 579 -27.17 38.83 -25.79
N GLU B 580 -28.16 38.29 -25.10
CA GLU B 580 -28.35 36.84 -25.04
C GLU B 580 -28.73 36.25 -26.40
N ASP B 581 -29.36 37.06 -27.25
CA ASP B 581 -29.75 36.59 -28.58
C ASP B 581 -28.60 36.73 -29.57
N THR B 582 -27.48 37.28 -29.12
CA THR B 582 -26.34 37.46 -30.01
C THR B 582 -25.36 36.29 -29.86
N LYS B 583 -25.39 35.40 -30.84
CA LYS B 583 -24.52 34.24 -30.83
C LYS B 583 -23.07 34.58 -31.15
N ILE B 584 -22.17 33.80 -30.56
CA ILE B 584 -20.74 33.96 -30.77
C ILE B 584 -20.25 32.70 -31.46
N PRO B 585 -19.61 32.84 -32.63
CA PRO B 585 -19.10 31.68 -33.37
C PRO B 585 -18.18 30.83 -32.51
N PRO B 586 -18.31 29.50 -32.62
CA PRO B 586 -17.49 28.56 -31.85
C PRO B 586 -16.00 28.68 -32.17
N ASP B 587 -15.70 29.13 -33.38
CA ASP B 587 -14.33 29.25 -33.84
C ASP B 587 -13.81 30.68 -33.97
N ILE B 588 -14.33 31.60 -33.17
CA ILE B 588 -13.86 32.97 -33.24
C ILE B 588 -12.43 33.09 -32.71
N ASP B 589 -11.63 33.90 -33.38
CA ASP B 589 -10.24 34.11 -32.96
C ASP B 589 -10.16 35.43 -32.22
N TYR B 590 -10.31 35.37 -30.89
CA TYR B 590 -10.26 36.57 -30.06
C TYR B 590 -9.03 37.44 -30.30
N ASP B 591 -7.95 36.82 -30.81
CA ASP B 591 -6.72 37.56 -31.09
C ASP B 591 -6.94 38.53 -32.26
N LYS B 592 -7.93 38.22 -33.10
CA LYS B 592 -8.22 39.07 -34.25
C LYS B 592 -9.24 40.18 -33.99
N ILE B 593 -9.66 40.35 -32.75
CA ILE B 593 -10.64 41.38 -32.44
C ILE B 593 -10.01 42.70 -31.98
N PRO B 594 -10.15 43.76 -32.80
CA PRO B 594 -9.58 45.06 -32.45
C PRO B 594 -10.39 45.74 -31.35
N GLY B 595 -9.71 46.48 -30.49
CA GLY B 595 -10.38 47.19 -29.41
C GLY B 595 -10.61 46.33 -28.20
N LEU B 596 -9.93 45.20 -28.13
CA LEU B 596 -10.07 44.28 -27.02
C LEU B 596 -8.75 44.19 -26.24
N THR B 597 -8.82 44.53 -24.95
CA THR B 597 -7.63 44.49 -24.09
C THR B 597 -6.99 43.11 -24.12
N LYS B 598 -5.81 43.00 -23.51
CA LYS B 598 -5.11 41.73 -23.48
C LYS B 598 -5.61 40.86 -22.33
N GLU B 599 -6.08 41.49 -21.25
CA GLU B 599 -6.61 40.75 -20.12
C GLU B 599 -8.03 40.28 -20.43
N ALA B 600 -8.70 40.98 -21.33
CA ALA B 600 -10.06 40.65 -21.71
C ALA B 600 -10.06 39.48 -22.68
N ARG B 601 -9.06 39.42 -23.55
CA ARG B 601 -8.99 38.32 -24.50
C ARG B 601 -8.60 37.04 -23.76
N GLU B 602 -7.87 37.19 -22.66
CA GLU B 602 -7.46 36.04 -21.87
C GLU B 602 -8.66 35.40 -21.19
N LYS B 603 -9.64 36.22 -20.81
CA LYS B 603 -10.82 35.70 -20.16
C LYS B 603 -11.76 35.09 -21.19
N LEU B 604 -11.81 35.71 -22.36
CA LEU B 604 -12.68 35.23 -23.43
C LEU B 604 -12.20 33.93 -24.02
N LYS B 605 -10.88 33.75 -24.08
CA LYS B 605 -10.30 32.54 -24.63
C LYS B 605 -10.47 31.37 -23.66
N LYS B 606 -10.47 31.68 -22.36
CA LYS B 606 -10.62 30.63 -21.36
C LYS B 606 -12.07 30.22 -21.13
N PHE B 607 -12.97 31.18 -20.96
CA PHE B 607 -14.37 30.84 -20.75
C PHE B 607 -15.06 30.42 -22.04
N LYS B 608 -14.62 30.95 -23.17
CA LYS B 608 -15.21 30.62 -24.47
C LYS B 608 -16.74 30.72 -24.46
N PRO B 609 -17.29 31.92 -24.18
CA PRO B 609 -18.74 32.14 -24.14
C PRO B 609 -19.42 31.76 -25.45
N ILE B 610 -20.66 31.28 -25.38
CA ILE B 610 -21.37 30.91 -26.60
C ILE B 610 -22.29 32.05 -27.07
N THR B 611 -22.51 33.04 -26.21
CA THR B 611 -23.32 34.19 -26.56
C THR B 611 -22.67 35.44 -25.96
N VAL B 612 -23.03 36.62 -26.46
CA VAL B 612 -22.45 37.85 -25.92
C VAL B 612 -23.01 38.09 -24.53
N GLY B 613 -24.22 37.61 -24.30
CA GLY B 613 -24.85 37.76 -23.01
C GLY B 613 -24.05 37.03 -21.94
N GLN B 614 -23.64 35.80 -22.23
CA GLN B 614 -22.85 35.04 -21.28
C GLN B 614 -21.50 35.72 -21.11
N ALA B 615 -20.96 36.24 -22.22
CA ALA B 615 -19.67 36.91 -22.20
C ALA B 615 -19.70 38.11 -21.25
N SER B 616 -20.80 38.86 -21.29
CA SER B 616 -20.96 40.03 -20.45
C SER B 616 -21.17 39.65 -19.00
N ARG B 617 -21.24 38.35 -18.72
CA ARG B 617 -21.43 37.89 -17.35
C ARG B 617 -20.13 37.42 -16.72
N ILE B 618 -19.07 37.37 -17.51
CA ILE B 618 -17.77 36.96 -17.02
C ILE B 618 -17.24 38.07 -16.12
N ASP B 619 -16.75 37.71 -14.94
CA ASP B 619 -16.21 38.72 -14.04
C ASP B 619 -14.96 39.35 -14.64
N GLY B 620 -14.96 40.68 -14.70
CA GLY B 620 -13.81 41.37 -15.26
C GLY B 620 -14.05 41.98 -16.62
N ILE B 621 -14.91 41.35 -17.42
CA ILE B 621 -15.22 41.87 -18.73
C ILE B 621 -15.84 43.25 -18.59
N THR B 622 -15.30 44.21 -19.36
CA THR B 622 -15.76 45.58 -19.33
C THR B 622 -16.80 45.87 -20.41
N PRO B 623 -17.72 46.81 -20.16
CA PRO B 623 -18.75 47.15 -21.15
C PRO B 623 -18.11 47.51 -22.48
N ALA B 624 -16.89 48.01 -22.42
CA ALA B 624 -16.15 48.40 -23.62
C ALA B 624 -15.75 47.15 -24.41
N ALA B 625 -15.30 46.12 -23.70
CA ALA B 625 -14.90 44.87 -24.33
C ALA B 625 -16.09 44.25 -25.06
N ILE B 626 -17.27 44.33 -24.44
CA ILE B 626 -18.48 43.77 -25.03
C ILE B 626 -18.83 44.50 -26.32
N THR B 627 -18.56 45.81 -26.35
CA THR B 627 -18.83 46.62 -27.53
C THR B 627 -17.90 46.21 -28.67
N ALA B 628 -16.61 46.12 -28.36
CA ALA B 628 -15.64 45.72 -29.37
C ALA B 628 -16.08 44.42 -30.01
N LEU B 629 -16.54 43.50 -29.17
CA LEU B 629 -17.01 42.20 -29.63
C LEU B 629 -18.29 42.29 -30.44
N LEU B 630 -19.18 43.20 -30.04
CA LEU B 630 -20.44 43.39 -30.77
C LEU B 630 -20.12 43.98 -32.14
N VAL B 631 -19.17 44.92 -32.16
CA VAL B 631 -18.75 45.56 -33.40
C VAL B 631 -18.14 44.50 -34.32
N TYR B 632 -17.25 43.68 -33.76
CA TYR B 632 -16.59 42.62 -34.51
C TYR B 632 -17.60 41.65 -35.13
N LEU B 633 -18.69 41.40 -34.42
CA LEU B 633 -19.73 40.50 -34.91
C LEU B 633 -20.68 41.21 -35.87
N GLY B 634 -20.34 42.44 -36.23
CA GLY B 634 -21.17 43.21 -37.14
C GLY B 634 -22.49 43.66 -36.55
N LYS B 635 -22.44 44.23 -35.34
CA LYS B 635 -23.65 44.71 -34.66
C LYS B 635 -23.61 46.23 -34.51
N SER C 19 9.26 21.40 17.74
CA SER C 19 9.56 20.05 18.29
C SER C 19 9.78 19.06 17.14
N HIS C 20 9.29 19.40 15.96
CA HIS C 20 9.51 18.59 14.77
C HIS C 20 10.62 19.33 14.03
N MET C 21 10.86 20.55 14.47
CA MET C 21 11.87 21.42 13.88
C MET C 21 13.23 21.07 14.49
N ALA C 22 14.25 20.95 13.64
CA ALA C 22 15.59 20.64 14.10
C ALA C 22 16.16 21.83 14.90
N TRP C 23 17.13 21.56 15.77
CA TRP C 23 17.71 22.60 16.60
C TRP C 23 18.63 23.58 15.86
N VAL C 24 19.04 24.63 16.57
CA VAL C 24 19.91 25.66 15.99
C VAL C 24 21.18 25.04 15.39
N VAL C 25 21.74 24.07 16.08
CA VAL C 25 22.94 23.40 15.59
C VAL C 25 22.66 22.63 14.31
N ASP C 26 21.38 22.41 14.01
CA ASP C 26 20.98 21.70 12.80
C ASP C 26 20.28 22.63 11.78
N GLU C 27 20.72 23.87 11.73
CA GLU C 27 20.18 24.86 10.79
C GLU C 27 21.29 25.14 9.78
N PHE C 28 20.94 25.25 8.51
CA PHE C 28 21.97 25.45 7.50
C PHE C 28 21.72 26.62 6.56
N ASP C 29 22.79 26.99 5.85
CA ASP C 29 22.72 28.05 4.86
C ASP C 29 22.26 27.36 3.58
N VAL C 30 22.92 26.24 3.28
CA VAL C 30 22.62 25.47 2.07
C VAL C 30 22.38 24.00 2.33
N VAL C 31 21.36 23.46 1.69
CA VAL C 31 21.04 22.04 1.80
C VAL C 31 21.16 21.41 0.42
N VAL C 32 22.04 20.43 0.27
CA VAL C 32 22.17 19.75 -1.00
C VAL C 32 21.56 18.36 -0.88
N ILE C 33 20.60 18.08 -1.75
CA ILE C 33 19.93 16.80 -1.76
C ILE C 33 20.65 15.88 -2.73
N GLY C 34 21.51 15.01 -2.22
CA GLY C 34 22.23 14.10 -3.09
C GLY C 34 23.73 14.07 -2.88
N GLY C 35 24.31 12.87 -2.83
CA GLY C 35 25.75 12.72 -2.65
C GLY C 35 26.40 12.19 -3.91
N GLY C 36 25.75 12.45 -5.05
CA GLY C 36 26.26 12.00 -6.33
C GLY C 36 27.23 13.01 -6.91
N HIS C 37 27.46 12.91 -8.20
CA HIS C 37 28.39 13.80 -8.89
C HIS C 37 28.04 15.28 -8.88
N ALA C 38 26.74 15.60 -8.97
CA ALA C 38 26.30 16.99 -8.92
C ALA C 38 26.31 17.46 -7.46
N GLY C 39 25.82 16.61 -6.58
CA GLY C 39 25.75 16.94 -5.16
C GLY C 39 27.09 17.19 -4.51
N ILE C 40 28.08 16.39 -4.87
CA ILE C 40 29.41 16.54 -4.29
C ILE C 40 30.01 17.89 -4.68
N GLU C 41 29.99 18.24 -5.96
CA GLU C 41 30.56 19.52 -6.37
C GLU C 41 29.75 20.69 -5.80
N ALA C 42 28.43 20.51 -5.67
CA ALA C 42 27.61 21.58 -5.12
C ALA C 42 27.89 21.78 -3.63
N ALA C 43 27.90 20.67 -2.89
CA ALA C 43 28.13 20.69 -1.45
C ALA C 43 29.54 21.17 -1.07
N LEU C 44 30.54 20.72 -1.81
CA LEU C 44 31.91 21.15 -1.54
C LEU C 44 32.13 22.62 -1.87
N ALA C 45 31.51 23.09 -2.95
CA ALA C 45 31.66 24.48 -3.38
C ALA C 45 31.04 25.45 -2.36
N ALA C 46 29.80 25.17 -1.95
CA ALA C 46 29.12 26.01 -0.99
C ALA C 46 29.84 26.00 0.36
N ALA C 47 30.29 24.83 0.79
CA ALA C 47 30.99 24.71 2.06
C ALA C 47 32.31 25.47 2.02
N ARG C 48 33.04 25.32 0.92
CA ARG C 48 34.32 26.00 0.79
C ARG C 48 34.17 27.51 0.69
N MET C 49 32.99 27.98 0.27
CA MET C 49 32.72 29.41 0.17
C MET C 49 32.26 29.95 1.53
N GLY C 50 32.21 29.08 2.53
CA GLY C 50 31.81 29.50 3.86
C GLY C 50 30.38 29.23 4.29
N ALA C 51 29.58 28.61 3.43
CA ALA C 51 28.19 28.35 3.79
C ALA C 51 28.08 27.07 4.62
N LYS C 52 27.32 27.13 5.72
CA LYS C 52 27.11 25.95 6.55
C LYS C 52 26.25 25.07 5.66
N THR C 53 26.83 23.95 5.23
CA THR C 53 26.16 23.09 4.28
C THR C 53 25.87 21.66 4.72
N ALA C 54 24.66 21.20 4.40
CA ALA C 54 24.24 19.85 4.72
C ALA C 54 24.02 19.09 3.41
N MET C 55 24.62 17.92 3.30
CA MET C 55 24.46 17.11 2.10
C MET C 55 23.63 15.88 2.45
N PHE C 56 22.39 15.82 1.98
CA PHE C 56 21.56 14.65 2.28
C PHE C 56 21.79 13.56 1.23
N VAL C 57 21.69 12.31 1.68
CA VAL C 57 21.91 11.17 0.81
C VAL C 57 21.16 9.98 1.38
N LEU C 58 20.71 9.07 0.52
CA LEU C 58 19.96 7.90 0.98
C LEU C 58 20.81 6.87 1.72
N ASN C 59 22.05 6.70 1.28
CA ASN C 59 22.96 5.75 1.90
C ASN C 59 24.30 6.48 1.93
N ALA C 60 24.76 6.85 3.12
CA ALA C 60 26.02 7.59 3.26
C ALA C 60 27.22 6.86 2.66
N ASP C 61 27.12 5.54 2.51
CA ASP C 61 28.23 4.79 1.96
C ASP C 61 28.30 4.82 0.44
N THR C 62 27.32 5.43 -0.23
CA THR C 62 27.34 5.49 -1.69
C THR C 62 27.78 6.85 -2.24
N ILE C 63 28.27 7.73 -1.37
CA ILE C 63 28.71 9.05 -1.81
C ILE C 63 29.84 8.94 -2.83
N GLY C 64 29.68 9.61 -3.97
CA GLY C 64 30.70 9.58 -5.01
C GLY C 64 30.74 8.30 -5.83
N GLN C 65 29.68 7.50 -5.76
CA GLN C 65 29.66 6.25 -6.49
C GLN C 65 29.44 6.38 -7.99
N MET C 66 30.24 5.64 -8.77
CA MET C 66 30.12 5.64 -10.23
C MET C 66 29.27 4.42 -10.59
N SER C 67 28.04 4.67 -11.04
CA SER C 67 27.11 3.60 -11.38
C SER C 67 27.12 3.12 -12.82
N CYS C 68 27.88 3.80 -13.68
CA CYS C 68 27.91 3.37 -15.06
C CYS C 68 29.33 3.07 -15.51
N ASN C 69 29.75 3.68 -16.62
CA ASN C 69 31.09 3.47 -17.16
C ASN C 69 32.13 3.89 -16.13
N PRO C 70 33.18 3.07 -15.93
CA PRO C 70 34.22 3.42 -14.95
C PRO C 70 35.20 4.41 -15.56
N ALA C 71 34.70 5.44 -16.23
CA ALA C 71 35.59 6.39 -16.87
C ALA C 71 35.22 7.83 -16.62
N ILE C 72 36.21 8.70 -16.76
CA ILE C 72 36.04 10.13 -16.60
C ILE C 72 36.72 10.79 -17.78
N GLY C 73 35.99 11.68 -18.45
CA GLY C 73 36.55 12.35 -19.60
C GLY C 73 35.90 11.89 -20.88
N GLY C 74 36.53 12.21 -22.00
CA GLY C 74 35.97 11.86 -23.30
C GLY C 74 35.97 13.11 -24.17
N ILE C 75 35.29 13.04 -25.31
CA ILE C 75 35.24 14.17 -26.23
C ILE C 75 34.97 15.54 -25.59
N ALA C 76 33.78 15.74 -25.03
CA ALA C 76 33.49 17.04 -24.41
C ALA C 76 33.63 16.97 -22.89
N LYS C 77 33.32 15.79 -22.34
CA LYS C 77 33.41 15.56 -20.90
C LYS C 77 34.76 15.97 -20.32
N GLY C 78 35.85 15.54 -20.95
CA GLY C 78 37.19 15.84 -20.48
C GLY C 78 37.51 17.31 -20.28
N ILE C 79 37.01 18.16 -21.17
CA ILE C 79 37.26 19.58 -21.06
C ILE C 79 36.48 20.16 -19.89
N VAL C 80 35.26 19.65 -19.68
CA VAL C 80 34.41 20.10 -18.58
C VAL C 80 35.09 19.76 -17.23
N VAL C 81 35.78 18.64 -17.17
CA VAL C 81 36.49 18.24 -15.95
C VAL C 81 37.61 19.25 -15.69
N ARG C 82 38.33 19.61 -16.75
CA ARG C 82 39.43 20.57 -16.67
C ARG C 82 38.88 21.91 -16.15
N GLU C 83 37.66 22.26 -16.58
CA GLU C 83 37.03 23.51 -16.16
C GLU C 83 36.57 23.46 -14.71
N ILE C 84 36.01 22.33 -14.31
CA ILE C 84 35.57 22.16 -12.92
C ILE C 84 36.80 22.32 -12.03
N ASP C 85 37.90 21.72 -12.45
CA ASP C 85 39.13 21.79 -11.69
C ASP C 85 39.69 23.21 -11.62
N ALA C 86 39.52 23.97 -12.70
CA ALA C 86 40.02 25.34 -12.75
C ALA C 86 39.20 26.27 -11.86
N LEU C 87 37.93 25.91 -11.66
CA LEU C 87 37.03 26.70 -10.83
C LEU C 87 37.22 26.41 -9.35
N GLY C 88 37.85 25.28 -9.04
CA GLY C 88 38.05 24.90 -7.65
C GLY C 88 37.23 23.68 -7.23
N GLY C 89 36.77 22.89 -8.20
CA GLY C 89 35.99 21.69 -7.91
C GLY C 89 36.87 20.49 -7.58
N GLU C 90 36.27 19.32 -7.34
CA GLU C 90 37.03 18.11 -6.98
C GLU C 90 37.22 17.04 -8.06
N MET C 91 36.25 16.85 -8.94
CA MET C 91 36.34 15.80 -9.95
C MET C 91 37.75 15.62 -10.53
N GLY C 92 38.36 16.71 -10.98
CA GLY C 92 39.70 16.61 -11.52
C GLY C 92 40.69 15.96 -10.55
N LYS C 93 40.78 16.49 -9.33
CA LYS C 93 41.68 15.93 -8.33
C LYS C 93 41.37 14.45 -8.10
N ALA C 94 40.07 14.13 -8.03
CA ALA C 94 39.61 12.78 -7.78
C ALA C 94 40.14 11.76 -8.79
N ILE C 95 39.94 12.02 -10.09
CA ILE C 95 40.40 11.07 -11.09
C ILE C 95 41.92 10.96 -11.17
N ASP C 96 42.61 12.06 -10.91
CA ASP C 96 44.06 12.06 -10.94
C ASP C 96 44.64 11.14 -9.88
N GLN C 97 44.00 11.11 -8.71
CA GLN C 97 44.45 10.27 -7.60
C GLN C 97 43.97 8.83 -7.70
N THR C 98 42.87 8.61 -8.42
CA THR C 98 42.32 7.26 -8.53
C THR C 98 42.27 6.66 -9.94
N GLY C 99 42.77 7.39 -10.93
CA GLY C 99 42.75 6.88 -12.29
C GLY C 99 43.78 5.79 -12.51
N ILE C 100 43.43 4.78 -13.30
CA ILE C 100 44.35 3.69 -13.57
C ILE C 100 44.79 3.64 -15.04
N GLN C 101 44.30 4.59 -15.82
CA GLN C 101 44.65 4.73 -17.23
C GLN C 101 44.26 6.12 -17.73
N PHE C 102 45.20 6.80 -18.39
CA PHE C 102 44.96 8.14 -18.91
C PHE C 102 45.44 8.28 -20.36
N LYS C 103 44.64 8.92 -21.20
CA LYS C 103 45.06 9.14 -22.57
C LYS C 103 44.33 10.34 -23.17
N MET C 104 44.80 10.77 -24.32
CA MET C 104 44.22 11.91 -25.01
C MET C 104 43.44 11.36 -26.21
N LEU C 105 42.26 11.91 -26.48
CA LEU C 105 41.45 11.48 -27.62
C LEU C 105 41.67 12.47 -28.77
N ASN C 106 41.58 11.99 -30.00
CA ASN C 106 41.80 12.83 -31.20
C ASN C 106 43.24 13.33 -31.22
N THR C 107 44.20 12.43 -31.01
CA THR C 107 45.60 12.79 -30.98
C THR C 107 46.29 12.97 -32.33
N ARG C 108 45.51 12.93 -33.40
CA ARG C 108 46.10 13.08 -34.72
C ARG C 108 45.56 14.32 -35.43
N LYS C 109 44.93 15.23 -34.68
CA LYS C 109 44.34 16.43 -35.29
C LYS C 109 44.65 17.76 -34.62
N GLY C 110 45.84 17.91 -34.05
CA GLY C 110 46.17 19.18 -33.40
C GLY C 110 45.63 19.24 -31.98
N LYS C 111 46.49 19.67 -31.06
CA LYS C 111 46.16 19.76 -29.64
C LYS C 111 44.89 20.51 -29.26
N ALA C 112 44.36 21.33 -30.17
CA ALA C 112 43.16 22.10 -29.89
C ALA C 112 41.87 21.28 -29.83
N VAL C 113 41.79 20.19 -30.58
CA VAL C 113 40.59 19.35 -30.60
C VAL C 113 40.70 18.11 -29.71
N GLN C 114 41.81 18.01 -28.98
CA GLN C 114 42.04 16.88 -28.10
C GLN C 114 41.28 17.01 -26.78
N SER C 115 40.95 15.88 -26.17
CA SER C 115 40.24 15.89 -24.90
C SER C 115 40.66 14.67 -24.08
N PRO C 116 41.01 14.87 -22.80
CA PRO C 116 41.45 13.83 -21.87
C PRO C 116 40.39 12.79 -21.54
N ARG C 117 40.84 11.56 -21.29
CA ARG C 117 39.96 10.46 -20.92
C ARG C 117 40.73 9.50 -20.03
N ALA C 118 40.13 9.12 -18.91
CA ALA C 118 40.78 8.21 -17.98
C ALA C 118 39.85 7.11 -17.51
N GLN C 119 40.43 5.98 -17.16
CA GLN C 119 39.70 4.84 -16.62
C GLN C 119 39.88 5.02 -15.13
N ALA C 120 38.80 4.88 -14.37
CA ALA C 120 38.92 5.05 -12.92
C ALA C 120 38.74 3.78 -12.12
N ASP C 121 39.41 3.73 -10.98
CA ASP C 121 39.25 2.59 -10.07
C ASP C 121 38.00 3.05 -9.31
N LYS C 122 36.83 2.55 -9.73
CA LYS C 122 35.57 2.93 -9.11
C LYS C 122 35.59 2.97 -7.59
N LYS C 123 36.17 1.94 -6.99
CA LYS C 123 36.23 1.87 -5.54
C LYS C 123 37.04 3.02 -4.96
N ARG C 124 38.27 3.18 -5.43
CA ARG C 124 39.15 4.23 -4.95
C ARG C 124 38.51 5.61 -5.18
N TYR C 125 37.86 5.77 -6.33
CA TYR C 125 37.22 7.02 -6.65
C TYR C 125 36.13 7.36 -5.62
N ARG C 126 35.28 6.39 -5.31
CA ARG C 126 34.21 6.60 -4.34
C ARG C 126 34.78 6.99 -2.98
N GLU C 127 35.77 6.23 -2.50
CA GLU C 127 36.39 6.52 -1.21
C GLU C 127 37.00 7.91 -1.17
N TYR C 128 37.65 8.30 -2.25
CA TYR C 128 38.27 9.60 -2.34
C TYR C 128 37.21 10.68 -2.11
N MET C 129 36.11 10.60 -2.84
CA MET C 129 35.04 11.59 -2.70
C MET C 129 34.40 11.58 -1.31
N LYS C 130 34.23 10.40 -0.73
CA LYS C 130 33.64 10.29 0.59
C LYS C 130 34.59 10.92 1.61
N LYS C 131 35.88 10.62 1.48
CA LYS C 131 36.86 11.19 2.40
C LYS C 131 36.89 12.72 2.35
N VAL C 132 36.93 13.29 1.15
CA VAL C 132 36.97 14.75 0.99
C VAL C 132 35.71 15.39 1.58
N CYS C 133 34.55 14.83 1.26
CA CYS C 133 33.30 15.37 1.77
C CYS C 133 33.16 15.29 3.29
N GLU C 134 33.59 14.18 3.88
CA GLU C 134 33.48 14.03 5.33
C GLU C 134 34.38 14.96 6.12
N ASN C 135 35.53 15.30 5.55
CA ASN C 135 36.46 16.16 6.26
C ASN C 135 36.43 17.64 5.85
N GLN C 136 35.50 17.99 4.97
CA GLN C 136 35.37 19.37 4.52
C GLN C 136 34.68 20.21 5.60
N GLU C 137 35.37 21.25 6.05
CA GLU C 137 34.84 22.16 7.06
C GLU C 137 33.53 22.83 6.58
N ASN C 138 32.57 22.98 7.49
CA ASN C 138 31.26 23.57 7.18
C ASN C 138 30.33 22.62 6.44
N LEU C 139 30.82 21.44 6.08
CA LEU C 139 29.99 20.47 5.38
C LEU C 139 29.55 19.33 6.31
N TYR C 140 28.25 19.08 6.35
CA TYR C 140 27.68 18.02 7.17
C TYR C 140 26.91 17.05 6.29
N ILE C 141 27.13 15.76 6.50
CA ILE C 141 26.45 14.74 5.75
C ILE C 141 25.30 14.18 6.58
N LYS C 142 24.14 14.09 5.96
CA LYS C 142 22.94 13.59 6.64
C LYS C 142 22.32 12.44 5.84
N GLN C 143 22.32 11.23 6.40
CA GLN C 143 21.72 10.11 5.69
C GLN C 143 20.25 10.15 6.05
N GLU C 144 19.44 10.65 5.12
CA GLU C 144 18.00 10.79 5.37
C GLU C 144 17.37 11.21 4.05
N GLU C 145 16.15 10.73 3.78
CA GLU C 145 15.46 11.08 2.54
C GLU C 145 14.62 12.36 2.65
N VAL C 146 14.98 13.36 1.87
CA VAL C 146 14.25 14.62 1.85
C VAL C 146 13.00 14.36 1.03
N VAL C 147 11.84 14.64 1.60
CA VAL C 147 10.59 14.39 0.91
C VAL C 147 9.83 15.66 0.61
N ASP C 148 10.32 16.80 1.08
CA ASP C 148 9.61 18.04 0.83
C ASP C 148 10.48 19.26 1.11
N ILE C 149 10.23 20.33 0.37
CA ILE C 149 10.95 21.58 0.51
C ILE C 149 9.96 22.62 1.02
N ILE C 150 10.35 23.32 2.09
CA ILE C 150 9.48 24.30 2.69
C ILE C 150 9.64 25.68 2.05
N VAL C 151 8.52 26.22 1.58
CA VAL C 151 8.52 27.51 0.91
C VAL C 151 7.66 28.57 1.58
N LYS C 152 8.21 29.79 1.67
CA LYS C 152 7.52 30.92 2.26
C LYS C 152 7.63 32.09 1.30
N ASN C 153 6.51 32.41 0.64
CA ASN C 153 6.46 33.51 -0.33
C ASN C 153 7.43 33.23 -1.47
N ASN C 154 7.34 32.03 -2.03
CA ASN C 154 8.22 31.65 -3.14
C ASN C 154 9.69 31.81 -2.78
N GLN C 155 10.02 31.50 -1.53
CA GLN C 155 11.39 31.59 -1.04
C GLN C 155 11.69 30.33 -0.22
N VAL C 156 12.76 29.65 -0.56
CA VAL C 156 13.15 28.44 0.17
C VAL C 156 13.43 28.81 1.61
N VAL C 157 12.86 28.07 2.54
CA VAL C 157 13.07 28.36 3.94
C VAL C 157 13.41 27.12 4.77
N GLY C 158 13.18 25.94 4.20
CA GLY C 158 13.47 24.72 4.92
C GLY C 158 13.34 23.46 4.10
N VAL C 159 13.50 22.32 4.77
CA VAL C 159 13.41 21.03 4.09
C VAL C 159 12.90 19.99 5.10
N ARG C 160 12.09 19.04 4.62
CA ARG C 160 11.52 17.99 5.49
C ARG C 160 11.89 16.60 5.00
N THR C 161 12.12 15.67 5.93
CA THR C 161 12.47 14.30 5.56
C THR C 161 11.35 13.33 5.89
N ASN C 162 11.53 12.07 5.50
CA ASN C 162 10.52 11.06 5.73
C ASN C 162 10.44 10.61 7.19
N LEU C 163 11.28 11.16 8.04
CA LEU C 163 11.25 10.80 9.45
C LEU C 163 10.40 11.82 10.23
N GLY C 164 9.70 12.68 9.49
CA GLY C 164 8.84 13.67 10.10
C GLY C 164 9.56 14.86 10.70
N VAL C 165 10.76 15.13 10.23
CA VAL C 165 11.55 16.22 10.76
C VAL C 165 11.82 17.33 9.74
N GLU C 166 12.10 18.53 10.24
CA GLU C 166 12.37 19.67 9.37
C GLU C 166 13.69 20.35 9.71
N TYR C 167 14.42 20.78 8.68
CA TYR C 167 15.69 21.49 8.87
C TYR C 167 15.60 22.85 8.20
N LYS C 168 16.06 23.90 8.86
CA LYS C 168 16.03 25.24 8.27
C LYS C 168 17.23 25.42 7.34
N THR C 169 17.00 26.11 6.23
CA THR C 169 18.05 26.39 5.26
C THR C 169 17.63 27.61 4.45
N LYS C 170 18.58 28.25 3.77
CA LYS C 170 18.26 29.43 2.98
C LYS C 170 18.18 29.08 1.50
N ALA C 171 18.81 27.97 1.12
CA ALA C 171 18.80 27.55 -0.27
C ALA C 171 18.90 26.04 -0.35
N VAL C 172 18.41 25.49 -1.45
CA VAL C 172 18.45 24.05 -1.65
C VAL C 172 18.92 23.70 -3.07
N VAL C 173 19.78 22.70 -3.17
CA VAL C 173 20.26 22.24 -4.46
C VAL C 173 19.77 20.81 -4.59
N VAL C 174 18.89 20.56 -5.54
CA VAL C 174 18.34 19.23 -5.74
C VAL C 174 19.12 18.48 -6.82
N THR C 175 19.61 17.29 -6.47
CA THR C 175 20.38 16.46 -7.39
C THR C 175 20.04 14.99 -7.15
N THR C 176 18.76 14.67 -7.25
CA THR C 176 18.28 13.31 -7.02
C THR C 176 18.79 12.29 -8.00
N GLY C 177 19.46 12.74 -9.06
CA GLY C 177 20.01 11.82 -10.04
C GLY C 177 18.99 10.90 -10.67
N THR C 178 19.26 9.60 -10.66
CA THR C 178 18.35 8.62 -11.25
C THR C 178 17.43 8.01 -10.20
N PHE C 179 17.32 8.65 -9.03
CA PHE C 179 16.52 8.11 -7.94
C PHE C 179 15.04 8.48 -7.79
N LEU C 180 14.70 9.75 -8.00
CA LEU C 180 13.31 10.18 -7.83
C LEU C 180 12.34 9.30 -8.62
N ASN C 181 11.55 8.53 -7.88
CA ASN C 181 10.57 7.60 -8.45
C ASN C 181 11.21 6.68 -9.49
N GLY C 182 12.44 6.25 -9.20
CA GLY C 182 13.16 5.39 -10.12
C GLY C 182 12.59 3.99 -10.24
N VAL C 183 12.55 3.49 -11.48
CA VAL C 183 12.05 2.15 -11.74
C VAL C 183 13.08 1.42 -12.60
N ILE C 184 13.55 0.27 -12.13
CA ILE C 184 14.52 -0.54 -12.87
C ILE C 184 13.83 -1.46 -13.86
N TYR C 185 14.37 -1.53 -15.08
CA TYR C 185 13.80 -2.36 -16.14
C TYR C 185 14.74 -3.47 -16.59
N ILE C 186 14.22 -4.69 -16.66
CA ILE C 186 14.97 -5.85 -17.10
C ILE C 186 13.93 -6.79 -17.69
N GLY C 187 13.96 -6.94 -19.01
CA GLY C 187 12.96 -7.78 -19.64
C GLY C 187 11.61 -7.20 -19.31
N ASP C 188 10.72 -8.01 -18.74
CA ASP C 188 9.39 -7.56 -18.36
C ASP C 188 9.30 -7.16 -16.90
N LYS C 189 10.39 -7.36 -16.16
CA LYS C 189 10.40 -7.02 -14.75
C LYS C 189 10.60 -5.53 -14.52
N MET C 190 9.84 -5.00 -13.57
CA MET C 190 9.94 -3.60 -13.18
C MET C 190 10.19 -3.62 -11.68
N ILE C 191 11.32 -3.06 -11.27
CA ILE C 191 11.70 -3.05 -9.86
C ILE C 191 11.94 -1.64 -9.34
N PRO C 192 11.24 -1.26 -8.26
CA PRO C 192 11.43 0.08 -7.69
C PRO C 192 12.89 0.23 -7.26
N GLY C 193 13.50 1.37 -7.52
CA GLY C 193 14.87 1.58 -7.13
C GLY C 193 15.54 2.71 -7.88
N GLY C 194 16.50 3.38 -7.25
CA GLY C 194 17.21 4.46 -7.91
C GLY C 194 18.35 3.87 -8.70
N ARG C 195 18.79 2.69 -8.29
CA ARG C 195 19.88 1.96 -8.94
C ARG C 195 19.72 0.50 -8.58
N LEU C 196 20.26 -0.38 -9.42
CA LEU C 196 20.15 -1.82 -9.15
C LEU C 196 20.71 -2.09 -7.75
N GLY C 197 19.90 -2.70 -6.90
CA GLY C 197 20.34 -3.01 -5.54
C GLY C 197 20.22 -1.87 -4.57
N GLU C 198 19.67 -0.74 -5.02
CA GLU C 198 19.51 0.43 -4.15
C GLU C 198 18.08 0.94 -4.14
N PRO C 199 17.68 1.59 -3.05
CA PRO C 199 16.32 2.13 -2.93
C PRO C 199 16.14 3.38 -3.78
N ARG C 200 14.90 3.83 -3.89
CA ARG C 200 14.61 5.03 -4.65
C ARG C 200 13.92 6.02 -3.71
N SER C 201 13.79 7.26 -4.15
CA SER C 201 13.13 8.28 -3.35
C SER C 201 11.76 8.47 -4.01
N GLU C 202 10.80 9.00 -3.26
CA GLU C 202 9.45 9.19 -3.79
C GLU C 202 8.73 10.49 -3.44
N GLY C 203 8.59 10.75 -2.16
CA GLY C 203 7.89 11.93 -1.69
C GLY C 203 8.18 13.27 -2.32
N LEU C 204 9.43 13.55 -2.62
CA LEU C 204 9.79 14.84 -3.20
C LEU C 204 9.01 15.21 -4.45
N SER C 205 8.54 14.21 -5.20
CA SER C 205 7.79 14.50 -6.41
C SER C 205 6.47 15.22 -6.09
N ASP C 206 5.96 15.02 -4.87
CA ASP C 206 4.70 15.67 -4.46
C ASP C 206 4.89 17.18 -4.37
N PHE C 207 6.06 17.61 -3.90
CA PHE C 207 6.37 19.03 -3.77
C PHE C 207 6.30 19.69 -5.13
N TYR C 208 6.90 19.06 -6.13
CA TYR C 208 6.89 19.60 -7.48
C TYR C 208 5.51 19.64 -8.13
N ARG C 209 4.67 18.65 -7.88
CA ARG C 209 3.34 18.69 -8.46
C ARG C 209 2.57 19.79 -7.75
N ARG C 210 2.77 19.90 -6.44
CA ARG C 210 2.10 20.90 -5.63
C ARG C 210 2.41 22.34 -6.09
N PHE C 211 3.59 22.57 -6.65
CA PHE C 211 3.94 23.89 -7.12
C PHE C 211 3.82 23.96 -8.62
N ASP C 212 3.10 23.00 -9.18
CA ASP C 212 2.85 22.97 -10.61
C ASP C 212 4.10 22.98 -11.51
N PHE C 213 5.12 22.23 -11.11
CA PHE C 213 6.34 22.14 -11.92
C PHE C 213 6.07 21.03 -12.95
N PRO C 214 6.61 21.17 -14.16
CA PRO C 214 6.39 20.11 -15.17
C PRO C 214 7.35 18.96 -14.77
N LEU C 215 6.93 17.73 -15.00
CA LEU C 215 7.76 16.57 -14.66
C LEU C 215 7.74 15.55 -15.79
N ILE C 216 8.92 15.19 -16.28
CA ILE C 216 9.01 14.20 -17.34
C ILE C 216 9.86 13.03 -16.87
N ARG C 217 9.78 11.92 -17.59
CA ARG C 217 10.53 10.72 -17.25
C ARG C 217 11.56 10.36 -18.31
N PHE C 218 12.82 10.25 -17.89
CA PHE C 218 13.87 9.88 -18.82
C PHE C 218 14.34 8.47 -18.45
N LYS C 219 14.83 7.74 -19.44
CA LYS C 219 15.29 6.38 -19.23
C LYS C 219 16.63 6.12 -19.92
N THR C 220 17.57 5.53 -19.17
CA THR C 220 18.88 5.22 -19.73
C THR C 220 19.32 3.84 -19.25
N GLY C 221 20.10 3.16 -20.08
CA GLY C 221 20.56 1.83 -19.71
C GLY C 221 22.04 1.75 -19.45
N THR C 222 22.45 0.62 -18.88
CA THR C 222 23.85 0.35 -18.54
C THR C 222 24.11 -1.12 -18.90
N PRO C 223 25.37 -1.48 -19.16
CA PRO C 223 25.70 -2.87 -19.50
C PRO C 223 25.76 -3.75 -18.25
N ALA C 224 25.97 -5.04 -18.46
CA ALA C 224 26.09 -5.97 -17.36
C ALA C 224 27.53 -5.85 -16.84
N ARG C 225 27.82 -6.49 -15.70
CA ARG C 225 29.18 -6.48 -15.16
C ARG C 225 29.65 -7.93 -15.32
N LEU C 226 30.79 -8.12 -15.96
CA LEU C 226 31.33 -9.45 -16.25
C LEU C 226 32.52 -9.89 -15.42
N ASP C 227 32.64 -11.20 -15.26
CA ASP C 227 33.73 -11.79 -14.50
C ASP C 227 34.97 -11.91 -15.41
N LYS C 228 36.04 -11.21 -15.04
CA LYS C 228 37.29 -11.21 -15.81
C LYS C 228 37.92 -12.58 -16.04
N ARG C 229 37.76 -13.50 -15.08
CA ARG C 229 38.35 -14.82 -15.20
C ARG C 229 37.62 -15.71 -16.21
N THR C 230 36.45 -15.28 -16.67
CA THR C 230 35.69 -16.07 -17.64
C THR C 230 35.78 -15.48 -19.04
N ILE C 231 36.68 -14.52 -19.24
CA ILE C 231 36.87 -13.89 -20.54
C ILE C 231 38.22 -14.26 -21.16
N ASP C 232 38.20 -14.57 -22.45
CA ASP C 232 39.41 -14.94 -23.17
C ASP C 232 39.91 -13.69 -23.90
N PHE C 233 41.00 -13.10 -23.41
CA PHE C 233 41.54 -11.89 -24.02
C PHE C 233 42.66 -12.21 -25.00
N SER C 234 42.99 -13.49 -25.14
CA SER C 234 44.09 -13.93 -25.99
C SER C 234 44.14 -13.32 -27.41
N ALA C 235 42.99 -13.22 -28.06
CA ALA C 235 42.96 -12.69 -29.41
C ALA C 235 42.34 -11.29 -29.49
N LEU C 236 42.23 -10.60 -28.36
CA LEU C 236 41.63 -9.25 -28.37
C LEU C 236 42.67 -8.14 -28.45
N GLU C 237 42.33 -7.09 -29.18
CA GLU C 237 43.21 -5.94 -29.36
C GLU C 237 43.35 -5.14 -28.06
N VAL C 238 44.59 -4.90 -27.64
CA VAL C 238 44.86 -4.15 -26.43
C VAL C 238 44.70 -2.65 -26.65
N ALA C 239 44.16 -1.96 -25.66
CA ALA C 239 43.95 -0.52 -25.74
C ALA C 239 44.54 0.13 -24.49
N PRO C 240 45.82 0.52 -24.55
CA PRO C 240 46.55 1.16 -23.45
C PRO C 240 46.35 2.65 -23.33
N GLY C 241 47.00 3.23 -22.33
CA GLY C 241 46.91 4.66 -22.12
C GLY C 241 48.09 5.31 -22.83
N ASP C 242 48.28 6.61 -22.66
CA ASP C 242 49.39 7.29 -23.30
C ASP C 242 50.53 7.43 -22.31
N ASP C 243 51.73 7.62 -22.85
CA ASP C 243 52.92 7.81 -22.04
C ASP C 243 53.75 8.89 -22.71
N PRO C 244 53.95 10.03 -22.03
CA PRO C 244 53.41 10.28 -20.67
C PRO C 244 51.90 10.47 -20.70
N PRO C 245 51.21 10.10 -19.62
CA PRO C 245 49.76 10.25 -19.58
C PRO C 245 49.34 11.65 -19.11
N PRO C 246 48.23 12.18 -19.67
CA PRO C 246 47.76 13.51 -19.28
C PRO C 246 47.04 13.47 -17.92
N LYS C 247 47.03 14.60 -17.22
CA LYS C 247 46.35 14.71 -15.93
C LYS C 247 45.10 15.53 -16.13
N PHE C 248 44.15 15.42 -15.21
CA PHE C 248 42.92 16.19 -15.32
C PHE C 248 43.00 17.43 -14.46
N SER C 249 43.76 17.36 -13.39
CA SER C 249 43.88 18.50 -12.49
C SER C 249 45.16 19.32 -12.69
N PHE C 250 45.01 20.62 -12.56
CA PHE C 250 46.14 21.53 -12.68
C PHE C 250 46.85 21.57 -11.34
N TRP C 251 46.14 21.17 -10.28
CA TRP C 251 46.64 21.23 -8.91
C TRP C 251 47.35 20.03 -8.31
N THR C 252 47.16 18.85 -8.89
CA THR C 252 47.83 17.66 -8.39
C THR C 252 49.28 17.64 -8.87
N GLU C 253 50.08 16.73 -8.33
CA GLU C 253 51.49 16.62 -8.71
C GLU C 253 51.65 15.98 -10.08
N PRO C 254 52.44 16.60 -10.98
CA PRO C 254 53.22 17.85 -10.91
C PRO C 254 52.33 19.09 -10.97
N VAL C 255 52.37 19.91 -9.93
CA VAL C 255 51.56 21.12 -9.84
C VAL C 255 51.81 22.12 -10.99
N GLY C 256 50.73 22.74 -11.45
CA GLY C 256 50.84 23.73 -12.52
C GLY C 256 51.17 23.11 -13.87
N SER C 257 50.71 21.88 -14.08
CA SER C 257 50.96 21.16 -15.31
C SER C 257 49.83 20.17 -15.58
N TYR C 258 49.68 19.77 -16.84
CA TYR C 258 48.63 18.82 -17.22
C TYR C 258 49.16 17.47 -17.70
N TRP C 259 50.41 17.16 -17.38
CA TRP C 259 51.00 15.88 -17.76
C TRP C 259 51.67 15.18 -16.58
N PHE C 260 51.46 13.87 -16.47
CA PHE C 260 52.08 13.06 -15.44
C PHE C 260 53.49 12.77 -15.94
N PRO C 261 54.38 12.27 -15.06
CA PRO C 261 55.75 11.97 -15.52
C PRO C 261 55.70 10.71 -16.38
N LYS C 262 56.70 10.52 -17.23
CA LYS C 262 56.77 9.34 -18.07
C LYS C 262 56.89 8.12 -17.15
N GLY C 263 56.35 6.98 -17.58
CA GLY C 263 56.46 5.78 -16.77
C GLY C 263 55.40 5.47 -15.72
N LYS C 264 54.44 6.36 -15.54
CA LYS C 264 53.37 6.12 -14.55
C LYS C 264 52.68 4.79 -14.88
N GLU C 265 52.42 3.99 -13.86
CA GLU C 265 51.77 2.69 -14.05
C GLU C 265 50.30 2.79 -14.44
N GLN C 266 49.96 2.14 -15.56
CA GLN C 266 48.58 2.14 -16.05
C GLN C 266 48.15 0.72 -16.41
N VAL C 267 46.85 0.52 -16.63
CA VAL C 267 46.33 -0.80 -16.99
C VAL C 267 45.80 -0.74 -18.42
N ASN C 268 45.43 -1.89 -18.97
CA ASN C 268 44.91 -1.93 -20.33
C ASN C 268 43.41 -2.15 -20.38
N CYS C 269 42.85 -1.88 -21.55
CA CYS C 269 41.44 -2.11 -21.84
C CYS C 269 41.52 -3.01 -23.08
N TRP C 270 40.44 -3.68 -23.43
CA TRP C 270 40.47 -4.58 -24.58
C TRP C 270 39.32 -4.34 -25.52
N ILE C 271 39.53 -4.62 -26.80
CA ILE C 271 38.51 -4.39 -27.81
C ILE C 271 37.93 -5.66 -28.42
N THR C 272 36.63 -5.61 -28.71
CA THR C 272 35.94 -6.72 -29.35
C THR C 272 34.80 -6.11 -30.16
N TYR C 273 34.04 -6.96 -30.86
CA TYR C 273 32.95 -6.49 -31.67
C TYR C 273 31.80 -7.47 -31.63
N THR C 274 30.63 -6.98 -31.98
CA THR C 274 29.47 -7.85 -32.04
C THR C 274 29.56 -8.58 -33.38
N THR C 275 28.81 -9.66 -33.52
CA THR C 275 28.85 -10.42 -34.76
C THR C 275 27.43 -10.46 -35.28
N PRO C 276 27.24 -10.91 -36.53
CA PRO C 276 25.89 -10.98 -37.10
C PRO C 276 25.00 -11.87 -36.25
N LYS C 277 25.60 -12.86 -35.61
CA LYS C 277 24.85 -13.77 -34.75
C LYS C 277 24.31 -12.98 -33.54
N THR C 278 25.13 -12.06 -33.04
CA THR C 278 24.74 -11.24 -31.90
C THR C 278 23.48 -10.48 -32.28
N HIS C 279 23.51 -9.87 -33.45
CA HIS C 279 22.38 -9.08 -33.95
C HIS C 279 21.13 -9.92 -34.21
N GLU C 280 21.32 -11.17 -34.63
CA GLU C 280 20.16 -12.02 -34.89
C GLU C 280 19.55 -12.46 -33.58
N ILE C 281 20.37 -12.52 -32.53
CA ILE C 281 19.87 -12.93 -31.22
C ILE C 281 18.97 -11.85 -30.66
N ILE C 282 19.33 -10.59 -30.91
CA ILE C 282 18.54 -9.48 -30.43
C ILE C 282 17.20 -9.34 -31.15
N ARG C 283 17.19 -9.62 -32.45
CA ARG C 283 15.96 -9.50 -33.23
C ARG C 283 14.91 -10.54 -32.88
N LYS C 284 15.34 -11.77 -32.61
CA LYS C 284 14.40 -12.82 -32.27
C LYS C 284 13.67 -12.51 -30.95
N ASN C 285 14.37 -11.83 -30.04
CA ASN C 285 13.83 -11.50 -28.73
C ASN C 285 13.36 -10.05 -28.58
N LEU C 286 12.91 -9.45 -29.68
CA LEU C 286 12.45 -8.08 -29.61
C LEU C 286 10.94 -7.93 -29.72
N HIS C 287 10.41 -6.96 -28.98
CA HIS C 287 8.98 -6.66 -28.98
C HIS C 287 8.81 -5.28 -29.60
N ARG C 288 7.78 -5.13 -30.43
CA ARG C 288 7.53 -3.84 -31.06
C ARG C 288 6.79 -2.93 -30.08
N THR C 289 7.33 -1.72 -29.91
CA THR C 289 6.76 -0.73 -29.01
C THR C 289 6.94 0.68 -29.57
N ALA C 290 5.96 1.56 -29.31
CA ALA C 290 6.00 2.93 -29.79
C ALA C 290 7.35 3.60 -29.51
N ARG C 302 16.89 10.30 -30.05
CA ARG C 302 17.91 10.25 -31.09
C ARG C 302 19.07 9.33 -30.73
N TYR C 303 19.74 9.63 -29.62
CA TYR C 303 20.87 8.80 -29.20
C TYR C 303 20.42 7.68 -28.26
N CYS C 304 20.16 6.51 -28.83
CA CYS C 304 19.74 5.35 -28.05
C CYS C 304 20.90 4.36 -28.09
N PRO C 305 21.85 4.51 -27.16
CA PRO C 305 23.05 3.67 -27.01
C PRO C 305 22.87 2.19 -26.68
N SER C 306 21.66 1.78 -26.32
CA SER C 306 21.44 0.38 -26.00
C SER C 306 21.66 -0.40 -27.29
N ILE C 307 22.60 -1.33 -27.26
CA ILE C 307 22.91 -2.10 -28.45
C ILE C 307 21.66 -2.57 -29.18
N GLU C 308 20.64 -2.97 -28.43
CA GLU C 308 19.39 -3.45 -29.02
C GLU C 308 18.66 -2.37 -29.82
N ASP C 309 18.92 -1.11 -29.48
CA ASP C 309 18.28 -0.02 -30.19
C ASP C 309 19.08 0.38 -31.43
N LYS C 310 20.40 0.50 -31.27
CA LYS C 310 21.23 0.91 -32.38
C LYS C 310 21.44 -0.11 -33.51
N ILE C 311 20.74 -1.24 -33.45
CA ILE C 311 20.85 -2.23 -34.50
C ILE C 311 19.53 -2.20 -35.27
N VAL C 312 18.55 -1.51 -34.69
CA VAL C 312 17.25 -1.37 -35.32
C VAL C 312 17.27 -0.01 -35.98
N LYS C 313 18.17 0.83 -35.50
CA LYS C 313 18.34 2.19 -36.03
C LYS C 313 19.42 2.18 -37.10
N PHE C 314 20.31 1.19 -37.05
CA PHE C 314 21.40 1.05 -38.01
C PHE C 314 21.49 -0.40 -38.44
N PRO C 315 20.41 -0.91 -39.05
CA PRO C 315 20.29 -2.29 -39.54
C PRO C 315 21.43 -2.76 -40.43
N ASP C 316 22.12 -1.83 -41.08
CA ASP C 316 23.19 -2.18 -41.98
C ASP C 316 24.59 -2.36 -41.39
N LYS C 317 24.79 -1.97 -40.13
CA LYS C 317 26.10 -2.13 -39.51
C LYS C 317 26.32 -3.59 -39.16
N GLU C 318 27.36 -4.20 -39.72
CA GLU C 318 27.66 -5.62 -39.48
C GLU C 318 28.20 -5.90 -38.08
N ARG C 319 29.00 -4.97 -37.55
CA ARG C 319 29.59 -5.12 -36.23
C ARG C 319 29.61 -3.80 -35.48
N HIS C 320 29.64 -3.89 -34.16
CA HIS C 320 29.71 -2.73 -33.29
C HIS C 320 30.88 -2.91 -32.34
N GLN C 321 31.66 -1.86 -32.17
CA GLN C 321 32.83 -1.94 -31.30
C GLN C 321 32.45 -2.01 -29.83
N ILE C 322 33.21 -2.79 -29.08
CA ILE C 322 32.96 -2.95 -27.66
C ILE C 322 34.27 -2.82 -26.91
N PHE C 323 34.27 -2.00 -25.86
CA PHE C 323 35.46 -1.82 -25.06
C PHE C 323 35.29 -2.51 -23.72
N LEU C 324 36.17 -3.47 -23.44
CA LEU C 324 36.13 -4.18 -22.17
C LEU C 324 37.08 -3.44 -21.27
N GLU C 325 36.54 -2.80 -20.23
CA GLU C 325 37.39 -2.06 -19.31
C GLU C 325 37.31 -2.55 -17.86
N PRO C 326 38.45 -2.49 -17.17
CA PRO C 326 38.53 -2.93 -15.76
C PRO C 326 37.75 -1.93 -14.93
N GLU C 327 37.35 -2.33 -13.73
CA GLU C 327 36.62 -1.40 -12.88
C GLU C 327 37.50 -1.00 -11.70
N GLY C 328 38.68 -1.59 -11.63
CA GLY C 328 39.60 -1.28 -10.55
C GLY C 328 40.72 -2.30 -10.51
N LEU C 329 41.68 -2.11 -9.62
CA LEU C 329 42.80 -3.03 -9.48
C LEU C 329 42.47 -4.25 -8.63
N ASP C 330 41.61 -4.08 -7.63
CA ASP C 330 41.24 -5.18 -6.74
C ASP C 330 40.08 -6.04 -7.23
N THR C 331 39.17 -5.44 -7.98
CA THR C 331 37.99 -6.14 -8.47
C THR C 331 38.20 -6.90 -9.79
N ILE C 332 37.41 -7.95 -9.99
CA ILE C 332 37.49 -8.73 -11.21
C ILE C 332 36.35 -8.36 -12.14
N GLU C 333 35.56 -7.36 -11.77
CA GLU C 333 34.45 -6.94 -12.59
C GLU C 333 34.88 -6.17 -13.83
N ILE C 334 34.31 -6.56 -14.97
CA ILE C 334 34.61 -5.95 -16.26
C ILE C 334 33.37 -5.24 -16.83
N TYR C 335 33.56 -4.00 -17.25
CA TYR C 335 32.46 -3.21 -17.82
C TYR C 335 32.52 -3.29 -19.34
N PRO C 336 31.52 -3.92 -19.98
CA PRO C 336 31.49 -4.04 -21.44
C PRO C 336 30.88 -2.80 -22.07
N ASN C 337 31.72 -1.82 -22.37
CA ASN C 337 31.26 -0.57 -22.98
C ASN C 337 30.73 -0.81 -24.39
N GLY C 338 29.47 -0.46 -24.60
CA GLY C 338 28.84 -0.65 -25.90
C GLY C 338 27.78 -1.73 -25.87
N LEU C 339 27.57 -2.33 -24.71
CA LEU C 339 26.57 -3.38 -24.57
C LEU C 339 25.47 -3.10 -23.54
N SER C 340 25.03 -1.85 -23.47
CA SER C 340 23.96 -1.51 -22.54
C SER C 340 22.70 -2.13 -23.13
N THR C 341 21.86 -2.68 -22.27
CA THR C 341 20.63 -3.29 -22.72
C THR C 341 19.66 -3.43 -21.56
N SER C 342 18.39 -3.68 -21.87
CA SER C 342 17.38 -3.86 -20.85
C SER C 342 16.63 -5.15 -21.15
N LEU C 343 17.27 -6.00 -21.94
CA LEU C 343 16.69 -7.28 -22.32
C LEU C 343 16.60 -8.23 -21.13
N PRO C 344 15.78 -9.29 -21.23
CA PRO C 344 15.66 -10.26 -20.13
C PRO C 344 17.04 -10.86 -19.86
N GLU C 345 17.31 -11.20 -18.61
CA GLU C 345 18.60 -11.76 -18.23
C GLU C 345 19.01 -13.00 -19.03
N GLU C 346 18.06 -13.91 -19.29
CA GLU C 346 18.37 -15.11 -20.06
C GLU C 346 18.77 -14.77 -21.48
N VAL C 347 18.26 -13.67 -22.02
CA VAL C 347 18.62 -13.26 -23.37
C VAL C 347 20.00 -12.63 -23.30
N GLN C 348 20.28 -11.92 -22.22
CA GLN C 348 21.58 -11.29 -22.05
C GLN C 348 22.68 -12.35 -22.08
N TRP C 349 22.47 -13.48 -21.40
CA TRP C 349 23.48 -14.55 -21.39
C TRP C 349 23.80 -14.94 -22.82
N GLU C 350 22.75 -15.08 -23.62
CA GLU C 350 22.93 -15.48 -25.00
C GLU C 350 23.64 -14.43 -25.86
N MET C 351 23.27 -13.16 -25.74
CA MET C 351 23.94 -12.16 -26.57
C MET C 351 25.38 -11.92 -26.14
N TYR C 352 25.63 -11.81 -24.83
CA TYR C 352 26.98 -11.58 -24.35
C TYR C 352 27.92 -12.70 -24.79
N ARG C 353 27.40 -13.93 -24.79
CA ARG C 353 28.19 -15.08 -25.17
C ARG C 353 28.39 -15.29 -26.67
N SER C 354 27.78 -14.42 -27.48
CA SER C 354 27.92 -14.49 -28.93
C SER C 354 29.09 -13.61 -29.33
N ILE C 355 29.57 -12.79 -28.40
CA ILE C 355 30.68 -11.89 -28.66
C ILE C 355 32.02 -12.60 -28.45
N PRO C 356 32.92 -12.51 -29.44
CA PRO C 356 34.25 -13.14 -29.37
C PRO C 356 34.99 -12.79 -28.09
N GLY C 357 35.43 -13.83 -27.38
CA GLY C 357 36.13 -13.66 -26.13
C GLY C 357 35.24 -13.89 -24.93
N LEU C 358 33.92 -13.73 -25.14
CA LEU C 358 32.92 -13.87 -24.10
C LEU C 358 32.08 -15.16 -24.21
N GLU C 359 32.48 -16.07 -25.09
CA GLU C 359 31.72 -17.30 -25.29
C GLU C 359 31.32 -17.97 -23.99
N ASN C 360 32.18 -17.90 -22.98
CA ASN C 360 31.93 -18.53 -21.69
C ASN C 360 31.92 -17.55 -20.53
N VAL C 361 31.57 -16.30 -20.82
CA VAL C 361 31.57 -15.29 -19.79
C VAL C 361 30.47 -15.48 -18.77
N VAL C 362 30.75 -15.07 -17.54
CA VAL C 362 29.81 -15.16 -16.44
C VAL C 362 29.45 -13.75 -15.96
N LEU C 363 28.16 -13.46 -15.85
CA LEU C 363 27.75 -12.15 -15.38
C LEU C 363 27.81 -12.09 -13.86
N ILE C 364 28.15 -10.91 -13.34
CA ILE C 364 28.20 -10.67 -11.91
C ILE C 364 26.98 -9.80 -11.60
N ARG C 365 26.67 -8.85 -12.49
CA ARG C 365 25.51 -7.99 -12.35
C ARG C 365 24.84 -7.92 -13.72
N PRO C 366 23.52 -8.09 -13.76
CA PRO C 366 22.78 -8.05 -15.02
C PRO C 366 22.73 -6.62 -15.55
N ALA C 367 22.50 -6.51 -16.86
CA ALA C 367 22.39 -5.18 -17.48
C ALA C 367 20.96 -4.72 -17.24
N TYR C 368 20.74 -3.41 -17.18
CA TYR C 368 19.39 -2.90 -16.96
C TYR C 368 19.23 -1.46 -17.42
N ALA C 369 17.99 -0.98 -17.36
CA ALA C 369 17.68 0.40 -17.72
C ALA C 369 16.95 1.04 -16.54
N ILE C 370 17.17 2.34 -16.34
CA ILE C 370 16.54 3.04 -15.24
C ILE C 370 15.69 4.21 -15.76
N GLU C 371 14.51 4.38 -15.19
CA GLU C 371 13.60 5.46 -15.56
C GLU C 371 13.38 6.29 -14.29
N TYR C 372 13.58 7.59 -14.39
CA TYR C 372 13.45 8.47 -13.23
C TYR C 372 12.79 9.81 -13.55
N ASP C 373 12.36 10.52 -12.52
CA ASP C 373 11.72 11.82 -12.72
C ASP C 373 12.75 12.89 -13.04
N VAL C 374 12.34 13.82 -13.90
CA VAL C 374 13.17 14.94 -14.34
C VAL C 374 12.32 16.21 -14.45
N VAL C 375 12.86 17.33 -13.98
CA VAL C 375 12.14 18.60 -14.11
C VAL C 375 12.82 19.32 -15.26
N PRO C 376 12.08 19.59 -16.35
CA PRO C 376 12.64 20.28 -17.52
C PRO C 376 13.47 21.50 -17.15
N PRO C 377 14.71 21.56 -17.64
CA PRO C 377 15.68 22.64 -17.39
C PRO C 377 15.14 24.02 -17.76
N THR C 378 14.12 24.06 -18.59
CA THR C 378 13.55 25.34 -19.01
C THR C 378 12.87 26.05 -17.84
N GLU C 379 12.85 25.40 -16.69
CA GLU C 379 12.26 25.98 -15.48
C GLU C 379 13.33 26.76 -14.74
N LEU C 380 14.54 26.78 -15.29
CA LEU C 380 15.64 27.48 -14.63
C LEU C 380 16.31 28.56 -15.48
N TYR C 381 16.96 29.50 -14.79
CA TYR C 381 17.71 30.57 -15.43
C TYR C 381 19.11 29.97 -15.61
N PRO C 382 19.99 30.60 -16.40
CA PRO C 382 21.32 30.03 -16.57
C PRO C 382 22.11 29.92 -15.26
N THR C 383 21.58 30.50 -14.19
CA THR C 383 22.22 30.45 -12.87
C THR C 383 21.86 29.12 -12.19
N LEU C 384 20.95 28.38 -12.82
CA LEU C 384 20.43 27.09 -12.35
C LEU C 384 19.39 27.27 -11.24
N GLU C 385 19.00 28.51 -10.99
CA GLU C 385 17.99 28.79 -10.00
C GLU C 385 16.60 28.68 -10.65
N THR C 386 15.64 28.18 -9.88
CA THR C 386 14.28 27.99 -10.35
C THR C 386 13.53 29.32 -10.55
N LYS C 387 12.82 29.45 -11.68
CA LYS C 387 12.08 30.68 -11.96
C LYS C 387 10.90 30.85 -11.01
N LYS C 388 10.33 29.72 -10.56
CA LYS C 388 9.18 29.76 -9.66
C LYS C 388 9.53 30.02 -8.19
N ILE C 389 10.70 29.53 -7.77
CA ILE C 389 11.10 29.65 -6.36
C ILE C 389 12.53 30.12 -6.15
N ARG C 390 12.69 31.24 -5.47
CA ARG C 390 13.99 31.82 -5.18
C ARG C 390 14.72 30.95 -4.16
N GLY C 391 15.99 30.65 -4.42
CA GLY C 391 16.77 29.84 -3.51
C GLY C 391 16.77 28.36 -3.82
N LEU C 392 16.00 27.96 -4.83
CA LEU C 392 15.90 26.56 -5.23
C LEU C 392 16.68 26.34 -6.54
N PHE C 393 17.60 25.38 -6.53
CA PHE C 393 18.42 25.06 -7.69
C PHE C 393 18.36 23.58 -8.01
N HIS C 394 18.63 23.24 -9.28
CA HIS C 394 18.61 21.85 -9.73
C HIS C 394 19.89 21.53 -10.49
N ALA C 395 20.33 20.28 -10.44
CA ALA C 395 21.55 19.88 -11.15
C ALA C 395 21.65 18.36 -11.37
N GLY C 396 22.32 17.98 -12.46
CA GLY C 396 22.52 16.57 -12.76
C GLY C 396 21.41 15.92 -13.55
N ASN C 397 21.31 14.59 -13.44
CA ASN C 397 20.28 13.85 -14.15
C ASN C 397 18.88 14.39 -13.87
N PHE C 398 18.65 14.89 -12.66
CA PHE C 398 17.34 15.43 -12.30
C PHE C 398 17.08 16.65 -13.17
N ASN C 399 18.16 17.19 -13.73
CA ASN C 399 18.07 18.38 -14.56
C ASN C 399 18.00 18.06 -16.05
N GLY C 400 17.91 16.78 -16.40
CA GLY C 400 17.81 16.41 -17.79
C GLY C 400 19.06 15.97 -18.53
N THR C 401 20.19 15.92 -17.85
CA THR C 401 21.42 15.48 -18.51
C THR C 401 21.75 14.08 -18.03
N THR C 402 22.77 13.48 -18.62
CA THR C 402 23.21 12.18 -18.18
C THR C 402 24.73 12.15 -18.30
N GLY C 403 25.39 11.55 -17.30
CA GLY C 403 26.84 11.48 -17.28
C GLY C 403 27.40 12.12 -16.01
N TYR C 404 28.52 11.62 -15.52
CA TYR C 404 29.13 12.15 -14.31
C TYR C 404 29.59 13.59 -14.49
N GLU C 405 30.33 13.85 -15.56
CA GLU C 405 30.86 15.17 -15.84
C GLU C 405 29.79 16.24 -16.06
N GLU C 406 28.75 15.93 -16.83
CA GLU C 406 27.69 16.92 -17.07
C GLU C 406 27.02 17.30 -15.74
N ALA C 407 26.91 16.32 -14.84
CA ALA C 407 26.30 16.56 -13.54
C ALA C 407 27.21 17.41 -12.66
N ALA C 408 28.48 17.04 -12.55
CA ALA C 408 29.43 17.79 -11.73
C ALA C 408 29.60 19.22 -12.25
N GLY C 409 29.49 19.38 -13.57
CA GLY C 409 29.61 20.71 -14.16
C GLY C 409 28.49 21.62 -13.68
N GLN C 410 27.28 21.08 -13.62
CA GLN C 410 26.14 21.85 -13.16
C GLN C 410 26.19 22.01 -11.65
N GLY C 411 26.64 20.94 -10.98
CA GLY C 411 26.72 20.94 -9.54
C GLY C 411 27.53 22.08 -8.93
N ILE C 412 28.73 22.30 -9.46
CA ILE C 412 29.58 23.37 -8.96
C ILE C 412 28.91 24.73 -9.14
N VAL C 413 28.23 24.92 -10.27
CA VAL C 413 27.54 26.19 -10.51
C VAL C 413 26.39 26.39 -9.53
N ALA C 414 25.57 25.35 -9.36
CA ALA C 414 24.43 25.40 -8.46
C ALA C 414 24.89 25.58 -7.01
N GLY C 415 26.00 24.93 -6.67
CA GLY C 415 26.53 25.06 -5.32
C GLY C 415 26.98 26.49 -5.08
N ILE C 416 27.75 27.03 -6.03
CA ILE C 416 28.24 28.40 -5.95
C ILE C 416 27.09 29.39 -5.75
N ASN C 417 26.08 29.31 -6.62
CA ASN C 417 24.94 30.22 -6.52
C ASN C 417 24.07 30.04 -5.30
N ALA C 418 24.00 28.81 -4.78
CA ALA C 418 23.20 28.57 -3.57
C ALA C 418 23.87 29.29 -2.39
N ALA C 419 25.19 29.14 -2.25
CA ALA C 419 25.93 29.81 -1.18
C ALA C 419 25.79 31.34 -1.35
N LEU C 420 25.95 31.82 -2.57
CA LEU C 420 25.83 33.26 -2.82
C LEU C 420 24.45 33.74 -2.37
N ARG C 421 23.42 32.99 -2.73
CA ARG C 421 22.07 33.34 -2.31
C ARG C 421 22.01 33.41 -0.80
N ALA C 422 22.54 32.39 -0.15
CA ALA C 422 22.54 32.31 1.31
C ALA C 422 23.22 33.52 1.94
N PHE C 423 24.13 34.15 1.21
CA PHE C 423 24.83 35.32 1.74
C PHE C 423 24.21 36.64 1.27
N GLY C 424 23.17 36.58 0.46
CA GLY C 424 22.54 37.80 -0.02
C GLY C 424 23.29 38.49 -1.15
N LYS C 425 24.04 37.72 -1.93
CA LYS C 425 24.77 38.28 -3.05
C LYS C 425 24.09 37.80 -4.32
N GLU C 426 24.43 38.37 -5.47
CA GLU C 426 23.77 37.95 -6.70
C GLU C 426 24.41 36.73 -7.35
N PRO C 427 23.59 35.76 -7.77
CA PRO C 427 24.07 34.54 -8.41
C PRO C 427 24.80 34.87 -9.70
N ILE C 428 25.70 33.98 -10.11
CA ILE C 428 26.45 34.19 -11.34
C ILE C 428 26.03 33.12 -12.35
N TYR C 429 26.67 33.14 -13.51
CA TYR C 429 26.39 32.16 -14.55
C TYR C 429 27.60 32.15 -15.45
N LEU C 430 27.77 31.08 -16.21
CA LEU C 430 28.93 30.97 -17.09
C LEU C 430 28.56 31.23 -18.55
N ARG C 431 29.18 32.24 -19.14
CA ARG C 431 28.92 32.59 -20.54
C ARG C 431 29.32 31.41 -21.41
N ARG C 432 28.48 31.06 -22.37
CA ARG C 432 28.80 29.93 -23.24
C ARG C 432 30.00 30.23 -24.13
N ASP C 433 30.35 31.50 -24.30
CA ASP C 433 31.49 31.83 -25.13
C ASP C 433 32.80 31.79 -24.36
N GLU C 434 32.77 31.20 -23.17
CA GLU C 434 33.97 31.11 -22.33
C GLU C 434 34.23 29.72 -21.73
N SER C 435 33.20 28.90 -21.65
CA SER C 435 33.39 27.56 -21.10
C SER C 435 32.37 26.59 -21.64
N TYR C 436 32.73 25.31 -21.62
CA TYR C 436 31.84 24.29 -22.11
C TYR C 436 30.74 24.04 -21.08
N ILE C 437 31.00 24.35 -19.81
CA ILE C 437 29.98 24.18 -18.78
C ILE C 437 28.89 25.19 -19.12
N GLY C 438 29.31 26.39 -19.49
CA GLY C 438 28.37 27.43 -19.86
C GLY C 438 27.55 27.02 -21.08
N VAL C 439 28.19 26.35 -22.04
CA VAL C 439 27.51 25.89 -23.23
C VAL C 439 26.39 24.94 -22.82
N MET C 440 26.72 23.96 -21.97
CA MET C 440 25.75 22.99 -21.48
C MET C 440 24.56 23.65 -20.78
N ILE C 441 24.84 24.50 -19.80
CA ILE C 441 23.77 25.16 -19.05
C ILE C 441 22.90 26.04 -19.95
N ASP C 442 23.52 26.70 -20.92
CA ASP C 442 22.79 27.55 -21.84
C ASP C 442 21.85 26.69 -22.70
N ASP C 443 22.36 25.60 -23.27
CA ASP C 443 21.53 24.72 -24.08
C ASP C 443 20.38 24.13 -23.27
N LEU C 444 20.66 23.71 -22.04
CA LEU C 444 19.62 23.13 -21.20
C LEU C 444 18.49 24.09 -20.87
N THR C 445 18.85 25.31 -20.47
CA THR C 445 17.84 26.28 -20.09
C THR C 445 17.26 27.09 -21.24
N THR C 446 17.86 27.00 -22.42
CA THR C 446 17.36 27.74 -23.56
C THR C 446 16.73 26.87 -24.64
N LYS C 447 17.24 25.65 -24.79
CA LYS C 447 16.73 24.72 -25.79
C LYS C 447 15.82 23.68 -25.14
N GLY C 448 16.06 23.39 -23.87
CA GLY C 448 15.28 22.36 -23.20
C GLY C 448 15.73 21.01 -23.71
N VAL C 449 15.11 19.94 -23.23
CA VAL C 449 15.49 18.60 -23.67
C VAL C 449 14.29 17.69 -23.90
N THR C 450 14.43 16.78 -24.87
CA THR C 450 13.39 15.82 -25.21
C THR C 450 13.95 14.44 -24.86
N GLU C 451 15.24 14.42 -24.56
CA GLU C 451 15.97 13.21 -24.18
C GLU C 451 17.16 13.65 -23.34
N PRO C 452 17.82 12.71 -22.63
CA PRO C 452 18.97 13.11 -21.81
C PRO C 452 20.06 13.82 -22.61
N TYR C 453 20.46 15.00 -22.13
CA TYR C 453 21.50 15.81 -22.77
C TYR C 453 22.90 15.28 -22.49
N ARG C 454 23.73 15.24 -23.54
CA ARG C 454 25.10 14.76 -23.43
C ARG C 454 26.03 15.83 -24.00
N LEU C 455 27.17 16.05 -23.35
CA LEU C 455 28.12 17.08 -23.78
C LEU C 455 28.68 17.01 -25.21
N PHE C 456 28.71 15.82 -25.80
CA PHE C 456 29.25 15.74 -27.14
C PHE C 456 28.29 16.25 -28.22
N THR C 457 27.02 16.45 -27.87
CA THR C 457 26.05 16.93 -28.86
C THR C 457 25.99 18.44 -28.94
N SER C 458 26.63 19.14 -28.02
CA SER C 458 26.60 20.59 -28.06
C SER C 458 27.58 21.10 -29.10
N ARG C 459 27.34 22.32 -29.58
CA ARG C 459 28.19 22.93 -30.59
C ARG C 459 28.69 24.29 -30.12
N SER C 460 29.98 24.38 -29.81
CA SER C 460 30.55 25.63 -29.37
C SER C 460 31.04 26.45 -30.56
N GLU C 461 30.54 27.67 -30.67
CA GLU C 461 30.94 28.55 -31.76
C GLU C 461 32.35 29.07 -31.49
N TYR C 462 32.88 28.78 -30.31
CA TYR C 462 34.23 29.19 -29.94
C TYR C 462 35.08 27.98 -29.57
N ARG C 463 34.89 26.88 -30.30
CA ARG C 463 35.61 25.65 -30.04
C ARG C 463 37.13 25.78 -30.07
N LEU C 464 37.65 26.85 -30.66
CA LEU C 464 39.08 27.06 -30.72
C LEU C 464 39.59 27.79 -29.48
N TYR C 465 38.70 28.52 -28.81
CA TYR C 465 39.08 29.24 -27.61
C TYR C 465 38.85 28.38 -26.35
N ILE C 466 37.76 27.62 -26.35
CA ILE C 466 37.42 26.76 -25.22
C ILE C 466 38.07 25.41 -25.45
N ARG C 467 39.34 25.32 -25.06
CA ARG C 467 40.14 24.11 -25.24
C ARG C 467 40.44 23.38 -23.94
N GLN C 468 41.07 22.21 -24.06
CA GLN C 468 41.43 21.41 -22.90
C GLN C 468 42.67 21.94 -22.19
N ASP C 469 43.54 22.60 -22.95
CA ASP C 469 44.78 23.12 -22.39
C ASP C 469 44.68 24.46 -21.67
N ASN C 470 43.62 25.22 -21.89
CA ASN C 470 43.50 26.52 -21.25
C ASN C 470 42.29 26.75 -20.34
N ALA C 471 41.70 25.67 -19.82
CA ALA C 471 40.57 25.79 -18.93
C ALA C 471 41.01 26.65 -17.73
N ILE C 472 42.22 26.39 -17.26
CA ILE C 472 42.77 27.12 -16.12
C ILE C 472 42.85 28.63 -16.38
N LEU C 473 43.26 29.01 -17.59
CA LEU C 473 43.37 30.42 -17.93
C LEU C 473 42.01 31.08 -18.14
N ARG C 474 41.01 30.27 -18.46
CA ARG C 474 39.66 30.80 -18.70
C ARG C 474 38.81 30.93 -17.45
N LEU C 475 39.04 30.07 -16.45
CA LEU C 475 38.20 30.10 -15.25
C LEU C 475 38.84 30.31 -13.89
N ALA C 476 40.17 30.38 -13.82
CA ALA C 476 40.83 30.59 -12.52
C ALA C 476 40.47 31.91 -11.86
N LYS C 477 40.31 32.98 -12.63
CA LYS C 477 39.97 34.26 -12.02
C LYS C 477 38.63 34.19 -11.29
N LEU C 478 37.62 33.59 -11.92
CA LEU C 478 36.31 33.47 -11.28
C LEU C 478 36.47 32.59 -10.05
N GLY C 479 37.24 31.52 -10.21
CA GLY C 479 37.47 30.58 -9.12
C GLY C 479 38.06 31.28 -7.90
N ARG C 480 39.03 32.15 -8.13
CA ARG C 480 39.65 32.87 -7.04
C ARG C 480 38.66 33.89 -6.47
N GLU C 481 37.95 34.59 -7.36
CA GLU C 481 37.00 35.60 -6.93
C GLU C 481 35.95 35.05 -5.97
N LEU C 482 35.51 33.82 -6.22
CA LEU C 482 34.50 33.18 -5.38
C LEU C 482 35.07 32.64 -4.07
N GLY C 483 36.37 32.46 -4.02
CA GLY C 483 36.99 31.96 -2.81
C GLY C 483 37.29 30.47 -2.88
N LEU C 484 36.96 29.85 -4.01
CA LEU C 484 37.20 28.42 -4.22
C LEU C 484 38.70 28.13 -4.36
N LEU C 485 39.42 29.03 -5.04
CA LEU C 485 40.87 28.87 -5.18
C LEU C 485 41.52 29.75 -4.12
N SER C 486 42.67 29.32 -3.60
CA SER C 486 43.35 30.10 -2.58
C SER C 486 44.19 31.19 -3.25
N GLU C 487 44.70 32.11 -2.44
CA GLU C 487 45.52 33.20 -2.95
C GLU C 487 46.76 32.61 -3.62
N GLU C 488 47.32 31.57 -3.01
CA GLU C 488 48.51 30.94 -3.56
C GLU C 488 48.23 30.26 -4.90
N GLN C 489 47.07 29.62 -5.03
CA GLN C 489 46.74 28.94 -6.28
C GLN C 489 46.65 29.92 -7.44
N TYR C 490 45.94 31.02 -7.23
CA TYR C 490 45.79 32.01 -8.28
C TYR C 490 47.09 32.74 -8.59
N LYS C 491 47.96 32.88 -7.59
CA LYS C 491 49.22 33.56 -7.80
C LYS C 491 50.04 32.78 -8.82
N LEU C 492 49.93 31.45 -8.76
CA LEU C 492 50.65 30.61 -9.71
C LEU C 492 50.14 30.89 -11.12
N VAL C 493 48.80 30.94 -11.25
CA VAL C 493 48.19 31.19 -12.55
C VAL C 493 48.65 32.53 -13.12
N LYS C 494 48.63 33.58 -12.30
CA LYS C 494 49.06 34.88 -12.77
C LYS C 494 50.53 34.89 -13.19
N GLU C 495 51.39 34.23 -12.42
CA GLU C 495 52.82 34.17 -12.75
C GLU C 495 52.98 33.50 -14.12
N LEU C 496 52.37 32.33 -14.29
CA LEU C 496 52.46 31.60 -15.55
C LEU C 496 51.88 32.41 -16.69
N GLU C 497 50.77 33.08 -16.40
CA GLU C 497 50.09 33.92 -17.38
C GLU C 497 51.04 35.02 -17.88
N ARG C 498 51.84 35.56 -16.96
CA ARG C 498 52.81 36.59 -17.30
C ARG C 498 53.96 36.04 -18.14
N GLU C 499 54.51 34.89 -17.73
CA GLU C 499 55.61 34.28 -18.47
C GLU C 499 55.16 33.97 -19.89
N ILE C 500 53.94 33.47 -20.03
CA ILE C 500 53.39 33.14 -21.33
C ILE C 500 53.38 34.37 -22.24
N GLU C 501 52.91 35.50 -21.72
CA GLU C 501 52.88 36.72 -22.51
C GLU C 501 54.26 37.24 -22.84
N LYS C 502 55.19 37.16 -21.89
CA LYS C 502 56.55 37.62 -22.16
C LYS C 502 57.15 36.80 -23.31
N TRP C 503 56.96 35.49 -23.27
CA TRP C 503 57.48 34.62 -24.31
C TRP C 503 56.87 34.85 -25.69
N LYS C 504 55.56 35.09 -25.74
CA LYS C 504 54.91 35.32 -27.02
C LYS C 504 55.46 36.60 -27.66
N GLU C 505 55.63 37.65 -26.87
CA GLU C 505 56.14 38.92 -27.42
C GLU C 505 57.60 38.76 -27.85
N PHE C 506 58.31 37.85 -27.20
CA PHE C 506 59.70 37.59 -27.54
C PHE C 506 59.75 36.92 -28.92
N TYR C 507 59.03 35.81 -29.06
CA TYR C 507 59.00 35.10 -30.32
C TYR C 507 58.37 35.90 -31.45
N LYS C 508 57.63 36.95 -31.11
CA LYS C 508 56.99 37.79 -32.13
C LYS C 508 57.92 38.89 -32.65
N SER C 509 59.04 39.10 -31.96
CA SER C 509 59.99 40.13 -32.37
C SER C 509 61.32 39.52 -32.84
N GLU C 510 61.47 38.22 -32.70
CA GLU C 510 62.69 37.54 -33.13
C GLU C 510 62.50 36.92 -34.52
N ARG C 511 63.03 37.56 -35.56
CA ARG C 511 62.90 37.02 -36.90
C ARG C 511 64.05 36.12 -37.32
N VAL C 512 63.81 35.31 -38.35
CA VAL C 512 64.83 34.41 -38.89
C VAL C 512 64.54 34.18 -40.37
N SER C 513 65.58 33.85 -41.13
CA SER C 513 65.43 33.62 -42.56
C SER C 513 65.40 32.14 -42.89
N VAL C 514 64.44 31.75 -43.74
CA VAL C 514 64.29 30.35 -44.14
C VAL C 514 64.10 30.25 -45.65
N ALA C 515 64.63 29.17 -46.23
CA ALA C 515 64.54 28.95 -47.67
C ALA C 515 63.25 28.26 -48.10
N VAL C 516 62.33 29.06 -48.65
CA VAL C 516 61.05 28.52 -49.12
C VAL C 516 61.13 28.29 -50.64
N GLY C 517 61.70 27.14 -51.01
CA GLY C 517 61.84 26.81 -52.42
C GLY C 517 63.30 26.77 -52.86
N THR C 520 64.34 32.42 -49.80
CA THR C 520 64.67 32.89 -48.45
C THR C 520 63.80 34.04 -47.98
N ARG C 521 62.99 33.77 -46.95
CA ARG C 521 62.10 34.79 -46.40
C ARG C 521 62.44 35.12 -44.95
N SER C 522 61.87 36.20 -44.45
CA SER C 522 62.09 36.63 -43.07
C SER C 522 60.81 36.41 -42.27
N TYR C 523 60.84 35.47 -41.34
CA TYR C 523 59.68 35.15 -40.53
C TYR C 523 59.99 35.24 -39.04
N SER C 524 59.00 35.69 -38.26
CA SER C 524 59.17 35.77 -36.82
C SER C 524 58.99 34.35 -36.29
N VAL C 525 59.66 34.03 -35.18
CA VAL C 525 59.54 32.71 -34.57
C VAL C 525 58.07 32.35 -34.37
N ALA C 526 57.29 33.34 -33.95
CA ALA C 526 55.86 33.16 -33.72
C ALA C 526 55.15 32.67 -34.98
N THR C 527 55.54 33.23 -36.12
CA THR C 527 54.94 32.86 -37.40
C THR C 527 55.30 31.44 -37.77
N LEU C 528 56.51 31.02 -37.44
CA LEU C 528 56.94 29.67 -37.76
C LEU C 528 56.07 28.63 -37.07
N MET C 529 55.43 29.02 -35.96
CA MET C 529 54.55 28.11 -35.23
C MET C 529 53.32 27.75 -36.06
N THR C 530 53.04 28.55 -37.10
CA THR C 530 51.89 28.26 -37.97
C THR C 530 52.39 27.69 -39.29
N MET C 531 53.68 27.38 -39.34
CA MET C 531 54.28 26.83 -40.53
C MET C 531 54.91 25.46 -40.27
N ASN C 532 54.33 24.75 -39.32
CA ASN C 532 54.77 23.39 -38.93
C ASN C 532 56.04 23.30 -38.10
N TYR C 533 56.40 24.38 -37.43
CA TYR C 533 57.57 24.36 -36.55
C TYR C 533 57.07 24.33 -35.12
N THR C 534 57.73 23.53 -34.29
CA THR C 534 57.39 23.47 -32.86
C THR C 534 58.51 24.23 -32.17
N LEU C 535 58.31 24.61 -30.91
CA LEU C 535 59.37 25.31 -30.21
C LEU C 535 60.62 24.43 -30.16
N ASP C 536 60.44 23.13 -30.00
CA ASP C 536 61.58 22.22 -29.99
C ASP C 536 62.31 22.29 -31.33
N ASP C 537 61.59 22.50 -32.43
CA ASP C 537 62.24 22.59 -33.74
C ASP C 537 63.02 23.90 -33.83
N VAL C 538 62.41 24.98 -33.36
CA VAL C 538 63.03 26.29 -33.39
C VAL C 538 64.33 26.34 -32.59
N LYS C 539 64.35 25.68 -31.44
CA LYS C 539 65.55 25.64 -30.60
C LYS C 539 66.64 24.79 -31.24
N GLU C 540 66.26 23.62 -31.71
CA GLU C 540 67.18 22.68 -32.32
C GLU C 540 67.80 23.19 -33.61
N LYS C 541 67.02 23.89 -34.43
CA LYS C 541 67.49 24.40 -35.70
C LYS C 541 68.03 25.83 -35.65
N PHE C 542 67.34 26.70 -34.92
CA PHE C 542 67.76 28.10 -34.85
C PHE C 542 68.42 28.50 -33.53
N GLY C 543 68.52 27.54 -32.60
CA GLY C 543 69.16 27.82 -31.33
C GLY C 543 68.52 28.78 -30.35
N TYR C 544 67.25 29.13 -30.55
CA TYR C 544 66.59 30.03 -29.62
C TYR C 544 66.30 29.33 -28.30
N GLU C 545 66.05 30.13 -27.27
CA GLU C 545 65.72 29.62 -25.95
C GLU C 545 64.24 29.27 -25.92
N VAL C 546 63.86 28.37 -25.02
CA VAL C 546 62.46 27.99 -24.88
C VAL C 546 62.12 28.08 -23.40
N PRO C 547 60.82 28.16 -23.06
CA PRO C 547 60.41 28.25 -21.64
C PRO C 547 60.82 26.98 -20.91
N GLN C 548 61.14 27.12 -19.62
CA GLN C 548 61.55 25.97 -18.82
C GLN C 548 60.38 25.34 -18.08
N HIS C 549 59.38 26.13 -17.77
CA HIS C 549 58.20 25.63 -17.08
C HIS C 549 57.35 24.86 -18.10
N PRO C 550 57.02 23.59 -17.79
CA PRO C 550 56.21 22.71 -18.65
C PRO C 550 54.95 23.33 -19.24
N TYR C 551 54.18 24.05 -18.44
CA TYR C 551 52.96 24.66 -18.95
C TYR C 551 53.23 25.84 -19.86
N VAL C 552 54.12 26.73 -19.42
CA VAL C 552 54.44 27.90 -20.24
C VAL C 552 54.98 27.44 -21.59
N LYS C 553 55.85 26.44 -21.56
CA LYS C 553 56.47 25.90 -22.77
C LYS C 553 55.44 25.40 -23.78
N GLU C 554 54.41 24.71 -23.30
CA GLU C 554 53.39 24.17 -24.18
C GLU C 554 52.27 25.12 -24.53
N GLU C 555 51.89 25.98 -23.59
CA GLU C 555 50.80 26.93 -23.82
C GLU C 555 51.23 28.03 -24.80
N VAL C 556 52.50 28.41 -24.74
CA VAL C 556 53.03 29.44 -25.64
C VAL C 556 52.92 28.92 -27.06
N GLU C 557 53.35 27.67 -27.25
CA GLU C 557 53.31 27.05 -28.57
C GLU C 557 51.89 26.94 -29.11
N ILE C 558 50.99 26.44 -28.26
CA ILE C 558 49.59 26.28 -28.65
C ILE C 558 48.95 27.63 -28.97
N GLN C 559 49.23 28.63 -28.14
CA GLN C 559 48.64 29.94 -28.37
C GLN C 559 49.16 30.57 -29.66
N LEU C 560 50.44 30.39 -29.97
CA LEU C 560 50.99 30.95 -31.19
C LEU C 560 50.50 30.19 -32.42
N LYS C 561 50.49 28.86 -32.33
CA LYS C 561 50.03 28.02 -33.44
C LYS C 561 48.59 28.32 -33.83
N TYR C 562 47.73 28.56 -32.85
CA TYR C 562 46.32 28.81 -33.11
C TYR C 562 45.87 30.27 -33.16
N GLU C 563 46.77 31.20 -32.85
CA GLU C 563 46.41 32.62 -32.86
C GLU C 563 45.62 33.03 -34.10
N PRO C 564 46.06 32.59 -35.30
CA PRO C 564 45.38 32.92 -36.56
C PRO C 564 43.90 32.50 -36.57
N TYR C 565 43.64 31.25 -36.20
CA TYR C 565 42.28 30.73 -36.19
C TYR C 565 41.42 31.31 -35.08
N ILE C 566 42.02 31.54 -33.92
CA ILE C 566 41.29 32.11 -32.79
C ILE C 566 40.80 33.51 -33.15
N GLU C 567 41.65 34.28 -33.83
CA GLU C 567 41.31 35.64 -34.24
C GLU C 567 40.23 35.63 -35.32
N ARG C 568 40.30 34.66 -36.23
CA ARG C 568 39.29 34.57 -37.28
C ARG C 568 37.99 34.16 -36.64
N GLU C 569 38.05 33.19 -35.73
CA GLU C 569 36.87 32.71 -35.05
C GLU C 569 36.20 33.86 -34.29
N ARG C 570 37.00 34.69 -33.64
CA ARG C 570 36.51 35.82 -32.88
C ARG C 570 35.88 36.90 -33.79
N LYS C 571 36.45 37.07 -34.97
CA LYS C 571 35.95 38.06 -35.92
C LYS C 571 34.62 37.63 -36.50
N LEU C 572 34.51 36.35 -36.82
CA LEU C 572 33.28 35.80 -37.39
C LEU C 572 32.12 35.84 -36.41
N ASN C 573 32.42 35.82 -35.11
CA ASN C 573 31.38 35.85 -34.08
C ASN C 573 31.14 37.20 -33.43
N GLU C 574 31.82 38.23 -33.92
CA GLU C 574 31.68 39.59 -33.36
C GLU C 574 30.24 39.95 -33.00
N LYS C 575 29.31 39.67 -33.91
CA LYS C 575 27.91 39.97 -33.65
C LYS C 575 27.40 39.21 -32.44
N LEU C 576 27.71 37.92 -32.37
CA LEU C 576 27.28 37.08 -31.25
C LEU C 576 27.75 37.68 -29.93
N LYS C 577 28.99 38.18 -29.92
CA LYS C 577 29.58 38.79 -28.72
C LYS C 577 28.79 40.05 -28.39
N LYS C 578 28.40 40.80 -29.41
CA LYS C 578 27.65 42.03 -29.24
C LYS C 578 26.33 41.73 -28.53
N LEU C 579 25.59 40.74 -29.03
CA LEU C 579 24.33 40.37 -28.44
C LEU C 579 24.50 39.83 -27.02
N GLU C 580 25.54 39.03 -26.81
CA GLU C 580 25.82 38.43 -25.51
C GLU C 580 26.16 39.49 -24.45
N ASP C 581 26.74 40.61 -24.88
CA ASP C 581 27.09 41.66 -23.95
C ASP C 581 25.91 42.59 -23.68
N THR C 582 24.78 42.32 -24.33
CA THR C 582 23.59 43.15 -24.13
C THR C 582 22.68 42.54 -23.07
N LYS C 583 22.73 43.12 -21.86
CA LYS C 583 21.91 42.62 -20.76
C LYS C 583 20.45 42.97 -20.92
N ILE C 584 19.60 42.08 -20.40
CA ILE C 584 18.15 42.27 -20.42
C ILE C 584 17.71 42.42 -18.96
N PRO C 585 17.02 43.52 -18.63
CA PRO C 585 16.55 43.73 -17.26
C PRO C 585 15.70 42.57 -16.77
N PRO C 586 15.89 42.16 -15.51
CA PRO C 586 15.13 41.05 -14.92
C PRO C 586 13.63 41.33 -14.85
N ASP C 587 13.28 42.61 -14.78
CA ASP C 587 11.87 43.00 -14.68
C ASP C 587 11.28 43.64 -15.93
N ILE C 588 11.78 43.27 -17.11
CA ILE C 588 11.25 43.83 -18.34
C ILE C 588 9.84 43.32 -18.60
N ASP C 589 8.98 44.21 -19.07
CA ASP C 589 7.60 43.86 -19.36
C ASP C 589 7.47 43.64 -20.87
N TYR C 590 7.67 42.42 -21.33
CA TYR C 590 7.59 42.11 -22.75
C TYR C 590 6.31 42.59 -23.42
N ASP C 591 5.26 42.76 -22.63
CA ASP C 591 3.99 43.23 -23.17
C ASP C 591 4.12 44.69 -23.63
N LYS C 592 5.08 45.41 -23.05
CA LYS C 592 5.32 46.81 -23.39
C LYS C 592 6.28 47.04 -24.56
N ILE C 593 6.73 45.96 -25.20
CA ILE C 593 7.67 46.12 -26.32
C ILE C 593 6.98 46.17 -27.68
N PRO C 594 7.05 47.32 -28.35
CA PRO C 594 6.43 47.48 -29.66
C PRO C 594 7.24 46.76 -30.74
N GLY C 595 6.55 46.22 -31.73
CA GLY C 595 7.23 45.52 -32.82
C GLY C 595 7.53 44.08 -32.50
N LEU C 596 6.91 43.56 -31.44
CA LEU C 596 7.12 42.19 -31.02
C LEU C 596 5.86 41.37 -31.22
N THR C 597 5.93 40.32 -32.02
CA THR C 597 4.75 39.50 -32.26
C THR C 597 4.21 38.92 -30.96
N LYS C 598 3.05 38.27 -31.04
CA LYS C 598 2.40 37.69 -29.89
C LYS C 598 3.00 36.34 -29.52
N GLU C 599 3.47 35.60 -30.52
CA GLU C 599 4.09 34.31 -30.29
C GLU C 599 5.51 34.48 -29.77
N ALA C 600 6.12 35.62 -30.11
CA ALA C 600 7.49 35.90 -29.67
C ALA C 600 7.50 36.36 -28.22
N ARG C 601 6.45 37.08 -27.82
CA ARG C 601 6.31 37.56 -26.45
C ARG C 601 6.12 36.37 -25.54
N GLU C 602 5.39 35.38 -26.05
CA GLU C 602 5.11 34.18 -25.26
C GLU C 602 6.35 33.36 -24.99
N LYS C 603 7.29 33.38 -25.93
CA LYS C 603 8.53 32.63 -25.73
C LYS C 603 9.46 33.40 -24.81
N LEU C 604 9.43 34.72 -24.94
CA LEU C 604 10.30 35.57 -24.12
C LEU C 604 9.85 35.59 -22.67
N LYS C 605 8.54 35.54 -22.44
CA LYS C 605 8.03 35.55 -21.08
C LYS C 605 8.26 34.20 -20.39
N LYS C 606 8.30 33.15 -21.17
CA LYS C 606 8.52 31.79 -20.67
C LYS C 606 9.99 31.52 -20.35
N PHE C 607 10.87 31.77 -21.32
CA PHE C 607 12.29 31.53 -21.13
C PHE C 607 12.95 32.59 -20.26
N LYS C 608 12.45 33.82 -20.32
CA LYS C 608 13.01 34.92 -19.54
C LYS C 608 14.52 35.01 -19.69
N PRO C 609 15.02 35.23 -20.92
CA PRO C 609 16.47 35.34 -21.18
C PRO C 609 17.12 36.45 -20.36
N ILE C 610 18.38 36.27 -19.98
CA ILE C 610 19.07 37.28 -19.20
C ILE C 610 19.91 38.20 -20.09
N THR C 611 20.11 37.78 -21.35
CA THR C 611 20.86 38.58 -22.31
C THR C 611 20.16 38.47 -23.67
N VAL C 612 20.44 39.39 -24.58
CA VAL C 612 19.83 39.34 -25.90
C VAL C 612 20.42 38.18 -26.68
N GLY C 613 21.67 37.84 -26.35
CA GLY C 613 22.33 36.72 -27.01
C GLY C 613 21.60 35.44 -26.72
N GLN C 614 21.24 35.22 -25.46
CA GLN C 614 20.53 34.01 -25.09
C GLN C 614 19.15 34.04 -25.72
N ALA C 615 18.56 35.23 -25.77
CA ALA C 615 17.23 35.40 -26.36
C ALA C 615 17.23 34.99 -27.82
N SER C 616 18.29 35.36 -28.55
CA SER C 616 18.42 35.04 -29.97
C SER C 616 18.69 33.56 -30.18
N ARG C 617 18.83 32.83 -29.07
CA ARG C 617 19.11 31.40 -29.13
C ARG C 617 17.85 30.57 -28.91
N ILE C 618 16.75 31.23 -28.54
CA ILE C 618 15.50 30.54 -28.31
C ILE C 618 14.94 30.11 -29.66
N ASP C 619 14.50 28.86 -29.76
CA ASP C 619 13.95 28.37 -31.02
C ASP C 619 12.64 29.11 -31.34
N GLY C 620 12.58 29.68 -32.53
CA GLY C 620 11.38 30.40 -32.92
C GLY C 620 11.54 31.91 -32.98
N ILE C 621 12.42 32.44 -32.13
CA ILE C 621 12.66 33.88 -32.12
C ILE C 621 13.21 34.30 -33.48
N THR C 622 12.61 35.34 -34.04
CA THR C 622 13.00 35.86 -35.34
C THR C 622 13.99 37.02 -35.22
N PRO C 623 14.86 37.19 -36.22
CA PRO C 623 15.85 38.27 -36.20
C PRO C 623 15.15 39.61 -36.00
N ALA C 624 13.90 39.68 -36.46
CA ALA C 624 13.11 40.90 -36.32
C ALA C 624 12.76 41.15 -34.86
N ALA C 625 12.37 40.07 -34.17
CA ALA C 625 12.01 40.16 -32.76
C ALA C 625 13.21 40.65 -31.94
N ILE C 626 14.39 40.18 -32.30
CA ILE C 626 15.61 40.57 -31.61
C ILE C 626 15.87 42.06 -31.79
N THR C 627 15.54 42.57 -32.98
CA THR C 627 15.74 43.98 -33.28
C THR C 627 14.80 44.82 -32.44
N ALA C 628 13.52 44.44 -32.44
CA ALA C 628 12.53 45.17 -31.64
C ALA C 628 13.02 45.31 -30.21
N LEU C 629 13.56 44.20 -29.70
CA LEU C 629 14.08 44.14 -28.34
C LEU C 629 15.32 45.00 -28.17
N LEU C 630 16.19 45.01 -29.18
CA LEU C 630 17.40 45.83 -29.11
C LEU C 630 17.01 47.30 -29.14
N VAL C 631 16.02 47.62 -29.95
CA VAL C 631 15.53 48.99 -30.06
C VAL C 631 14.93 49.40 -28.72
N TYR C 632 14.09 48.55 -28.15
CA TYR C 632 13.47 48.81 -26.86
C TYR C 632 14.50 49.07 -25.76
N LEU C 633 15.63 48.36 -25.83
CA LEU C 633 16.69 48.53 -24.83
C LEU C 633 17.58 49.72 -25.17
N GLY C 634 17.17 50.48 -26.18
CA GLY C 634 17.94 51.65 -26.58
C GLY C 634 19.27 51.33 -27.24
N LYS C 635 19.26 50.41 -28.20
CA LYS C 635 20.47 50.03 -28.90
C LYS C 635 20.36 50.41 -30.37
N SER D 19 14.87 -22.48 -21.08
CA SER D 19 15.31 -21.13 -21.53
C SER D 19 15.30 -20.15 -20.35
N HIS D 20 14.68 -20.55 -19.25
CA HIS D 20 14.65 -19.73 -18.04
C HIS D 20 15.76 -20.28 -17.14
N MET D 21 16.30 -21.42 -17.56
CA MET D 21 17.35 -22.12 -16.84
C MET D 21 18.73 -21.58 -17.24
N ALA D 22 19.57 -21.28 -16.27
CA ALA D 22 20.93 -20.78 -16.55
C ALA D 22 21.76 -21.86 -17.23
N TRP D 23 22.73 -21.46 -18.05
CA TRP D 23 23.57 -22.40 -18.78
C TRP D 23 24.49 -23.26 -17.91
N VAL D 24 25.15 -24.23 -18.52
CA VAL D 24 26.08 -25.11 -17.82
C VAL D 24 27.13 -24.31 -17.08
N VAL D 25 27.65 -23.28 -17.72
CA VAL D 25 28.66 -22.42 -17.11
C VAL D 25 28.09 -21.72 -15.87
N ASP D 26 26.76 -21.73 -15.73
CA ASP D 26 26.10 -21.11 -14.58
C ASP D 26 25.43 -22.12 -13.64
N GLU D 27 26.01 -23.31 -13.48
CA GLU D 27 25.47 -24.31 -12.57
C GLU D 27 26.49 -24.43 -11.44
N PHE D 28 26.03 -24.65 -10.23
CA PHE D 28 26.95 -24.71 -9.11
C PHE D 28 26.78 -25.92 -8.20
N ASP D 29 27.74 -26.11 -7.31
CA ASP D 29 27.68 -27.19 -6.34
C ASP D 29 26.97 -26.59 -5.14
N VAL D 30 27.43 -25.40 -4.74
CA VAL D 30 26.89 -24.67 -3.60
C VAL D 30 26.46 -23.24 -3.92
N VAL D 31 25.30 -22.85 -3.42
CA VAL D 31 24.79 -21.50 -3.59
C VAL D 31 24.60 -20.90 -2.20
N VAL D 32 25.31 -19.82 -1.90
CA VAL D 32 25.16 -19.16 -0.62
C VAL D 32 24.33 -17.91 -0.87
N ILE D 33 23.23 -17.78 -0.13
CA ILE D 33 22.37 -16.61 -0.26
C ILE D 33 22.77 -15.59 0.80
N GLY D 34 23.52 -14.58 0.39
CA GLY D 34 23.95 -13.55 1.33
C GLY D 34 25.45 -13.30 1.31
N GLY D 35 25.84 -12.02 1.38
CA GLY D 35 27.24 -11.66 1.37
C GLY D 35 27.65 -11.01 2.67
N GLY D 36 26.93 -11.35 3.73
CA GLY D 36 27.22 -10.82 5.05
C GLY D 36 28.24 -11.70 5.73
N HIS D 37 28.32 -11.58 7.05
CA HIS D 37 29.29 -12.33 7.85
C HIS D 37 29.16 -13.85 7.84
N ALA D 38 27.93 -14.37 7.73
CA ALA D 38 27.73 -15.81 7.68
C ALA D 38 28.03 -16.25 6.23
N GLY D 39 27.41 -15.55 5.28
CA GLY D 39 27.59 -15.85 3.88
C GLY D 39 29.03 -15.92 3.39
N ILE D 40 29.85 -14.96 3.81
CA ILE D 40 31.25 -14.92 3.45
C ILE D 40 32.01 -16.16 3.93
N GLU D 41 31.86 -16.50 5.20
CA GLU D 41 32.57 -17.68 5.70
C GLU D 41 32.08 -18.94 4.99
N ALA D 42 30.76 -19.02 4.76
CA ALA D 42 30.20 -20.17 4.09
C ALA D 42 30.71 -20.30 2.65
N ALA D 43 30.62 -19.21 1.89
CA ALA D 43 31.06 -19.23 0.50
C ALA D 43 32.56 -19.50 0.36
N LEU D 44 33.36 -18.87 1.20
CA LEU D 44 34.80 -19.07 1.15
C LEU D 44 35.18 -20.50 1.54
N ALA D 45 34.48 -21.06 2.52
CA ALA D 45 34.78 -22.42 2.97
C ALA D 45 34.47 -23.44 1.86
N ALA D 46 33.28 -23.35 1.30
CA ALA D 46 32.87 -24.27 0.23
C ALA D 46 33.79 -24.14 -0.98
N ALA D 47 34.04 -22.91 -1.42
CA ALA D 47 34.90 -22.70 -2.59
C ALA D 47 36.30 -23.24 -2.35
N ARG D 48 36.82 -23.02 -1.15
CA ARG D 48 38.15 -23.48 -0.81
C ARG D 48 38.22 -25.00 -0.66
N MET D 49 37.08 -25.67 -0.53
CA MET D 49 37.07 -27.12 -0.44
C MET D 49 36.88 -27.72 -1.83
N GLY D 50 36.82 -26.86 -2.85
CA GLY D 50 36.67 -27.33 -4.22
C GLY D 50 35.29 -27.22 -4.84
N ALA D 51 34.32 -26.72 -4.08
CA ALA D 51 32.96 -26.60 -4.62
C ALA D 51 32.78 -25.33 -5.45
N LYS D 52 32.21 -25.47 -6.64
CA LYS D 52 31.93 -24.33 -7.50
C LYS D 52 30.81 -23.62 -6.74
N THR D 53 31.13 -22.45 -6.18
CA THR D 53 30.19 -21.72 -5.36
C THR D 53 29.75 -20.36 -5.87
N ALA D 54 28.47 -20.07 -5.69
CA ALA D 54 27.92 -18.78 -6.09
C ALA D 54 27.40 -18.11 -4.83
N MET D 55 27.78 -16.86 -4.63
CA MET D 55 27.33 -16.11 -3.47
C MET D 55 26.38 -15.02 -3.97
N PHE D 56 25.08 -15.17 -3.74
CA PHE D 56 24.12 -14.15 -4.17
C PHE D 56 24.04 -13.04 -3.12
N VAL D 57 23.88 -11.81 -3.58
CA VAL D 57 23.82 -10.67 -2.69
C VAL D 57 23.00 -9.57 -3.34
N LEU D 58 22.22 -8.83 -2.54
CA LEU D 58 21.38 -7.76 -3.08
C LEU D 58 22.17 -6.61 -3.68
N ASN D 59 23.30 -6.28 -3.07
CA ASN D 59 24.15 -5.21 -3.58
C ASN D 59 25.58 -5.69 -3.42
N ALA D 60 26.23 -6.01 -4.53
CA ALA D 60 27.60 -6.52 -4.48
C ALA D 60 28.57 -5.57 -3.78
N ASP D 61 28.21 -4.30 -3.68
CA ASP D 61 29.10 -3.35 -3.03
C ASP D 61 28.99 -3.42 -1.50
N THR D 62 28.02 -4.13 -0.97
CA THR D 62 27.86 -4.23 0.49
C THR D 62 28.45 -5.50 1.10
N ILE D 63 29.13 -6.31 0.28
CA ILE D 63 29.71 -7.54 0.79
C ILE D 63 30.70 -7.29 1.93
N GLY D 64 30.44 -7.90 3.08
CA GLY D 64 31.33 -7.74 4.23
C GLY D 64 31.05 -6.53 5.09
N GLN D 65 29.96 -5.83 4.78
CA GLN D 65 29.59 -4.63 5.52
C GLN D 65 29.26 -4.85 7.00
N MET D 66 29.79 -3.98 7.87
CA MET D 66 29.51 -4.03 9.30
C MET D 66 28.42 -2.98 9.51
N SER D 67 27.25 -3.41 9.97
CA SER D 67 26.12 -2.51 10.13
C SER D 67 25.81 -2.02 11.54
N CYS D 68 26.45 -2.62 12.54
CA CYS D 68 26.20 -2.19 13.90
C CYS D 68 27.52 -1.69 14.48
N ASN D 69 27.94 -2.27 15.60
CA ASN D 69 29.18 -1.91 16.29
C ASN D 69 30.44 -2.11 15.41
N PRO D 70 31.34 -1.12 15.38
CA PRO D 70 32.57 -1.23 14.58
C PRO D 70 33.61 -2.07 15.31
N ALA D 71 33.20 -3.22 15.85
CA ALA D 71 34.13 -4.04 16.61
C ALA D 71 34.03 -5.54 16.36
N ILE D 72 35.15 -6.21 16.57
CA ILE D 72 35.23 -7.65 16.40
C ILE D 72 35.76 -8.21 17.72
N GLY D 73 35.11 -9.24 18.23
CA GLY D 73 35.59 -9.81 19.48
C GLY D 73 34.69 -9.49 20.65
N GLY D 74 35.17 -9.81 21.84
CA GLY D 74 34.39 -9.57 23.04
C GLY D 74 34.47 -10.81 23.91
N ILE D 75 33.68 -10.85 24.98
CA ILE D 75 33.68 -11.97 25.91
C ILE D 75 33.71 -13.36 25.27
N ALA D 76 32.64 -13.77 24.62
CA ALA D 76 32.65 -15.08 23.98
C ALA D 76 32.99 -14.94 22.49
N LYS D 77 32.58 -13.81 21.91
CA LYS D 77 32.82 -13.52 20.50
C LYS D 77 34.28 -13.71 20.07
N GLY D 78 35.19 -13.16 20.89
CA GLY D 78 36.62 -13.24 20.61
C GLY D 78 37.18 -14.65 20.43
N ILE D 79 36.68 -15.58 21.21
CA ILE D 79 37.11 -16.98 21.14
C ILE D 79 36.59 -17.63 19.87
N VAL D 80 35.35 -17.29 19.51
CA VAL D 80 34.75 -17.84 18.31
C VAL D 80 35.55 -17.42 17.08
N VAL D 81 36.01 -16.16 17.07
CA VAL D 81 36.82 -15.64 15.98
C VAL D 81 38.09 -16.49 15.88
N ARG D 82 38.76 -16.68 17.02
CA ARG D 82 39.97 -17.50 17.09
C ARG D 82 39.68 -18.89 16.52
N GLU D 83 38.51 -19.43 16.84
CA GLU D 83 38.13 -20.76 16.36
C GLU D 83 37.91 -20.76 14.85
N ILE D 84 37.21 -19.73 14.35
CA ILE D 84 36.96 -19.60 12.92
C ILE D 84 38.31 -19.57 12.19
N ASP D 85 39.27 -18.86 12.78
CA ASP D 85 40.61 -18.72 12.23
C ASP D 85 41.34 -20.06 12.21
N ALA D 86 41.10 -20.87 13.24
CA ALA D 86 41.75 -22.17 13.36
C ALA D 86 41.21 -23.15 12.33
N LEU D 87 39.91 -23.06 12.07
CA LEU D 87 39.28 -23.93 11.09
C LEU D 87 39.65 -23.56 9.67
N GLY D 88 40.22 -22.37 9.48
CA GLY D 88 40.58 -21.92 8.14
C GLY D 88 39.68 -20.83 7.57
N GLY D 89 38.94 -20.12 8.43
CA GLY D 89 38.05 -19.05 8.01
C GLY D 89 38.78 -17.72 7.83
N GLU D 90 38.05 -16.67 7.44
CA GLU D 90 38.66 -15.36 7.20
C GLU D 90 38.54 -14.27 8.26
N MET D 91 37.43 -14.24 9.00
CA MET D 91 37.22 -13.19 10.00
C MET D 91 38.45 -12.84 10.82
N GLY D 92 39.20 -13.84 11.26
CA GLY D 92 40.41 -13.58 12.04
C GLY D 92 41.44 -12.77 11.25
N LYS D 93 41.75 -13.20 10.04
CA LYS D 93 42.72 -12.50 9.22
C LYS D 93 42.24 -11.08 8.87
N ALA D 94 40.94 -10.95 8.62
CA ALA D 94 40.36 -9.66 8.26
C ALA D 94 40.56 -8.59 9.31
N ILE D 95 40.18 -8.88 10.55
CA ILE D 95 40.34 -7.90 11.61
C ILE D 95 41.80 -7.59 11.94
N ASP D 96 42.68 -8.58 11.83
CA ASP D 96 44.09 -8.37 12.12
C ASP D 96 44.69 -7.37 11.14
N GLN D 97 44.19 -7.41 9.92
CA GLN D 97 44.66 -6.53 8.88
C GLN D 97 43.95 -5.17 8.88
N THR D 98 42.71 -5.12 9.37
CA THR D 98 41.95 -3.88 9.35
C THR D 98 41.56 -3.26 10.69
N GLY D 99 42.01 -3.86 11.80
CA GLY D 99 41.68 -3.33 13.11
C GLY D 99 42.50 -2.11 13.46
N ILE D 100 41.91 -1.20 14.23
CA ILE D 100 42.63 0.02 14.62
C ILE D 100 42.85 0.11 16.12
N GLN D 101 42.57 -0.99 16.80
CA GLN D 101 42.76 -1.10 18.24
C GLN D 101 42.49 -2.54 18.70
N PHE D 102 43.38 -3.05 19.54
CA PHE D 102 43.23 -4.41 20.04
C PHE D 102 43.51 -4.47 21.53
N LYS D 103 42.70 -5.23 22.26
CA LYS D 103 42.93 -5.38 23.69
C LYS D 103 42.38 -6.69 24.20
N MET D 104 42.76 -7.05 25.41
CA MET D 104 42.31 -8.28 26.03
C MET D 104 41.27 -7.88 27.08
N LEU D 105 40.18 -8.64 27.18
CA LEU D 105 39.14 -8.37 28.18
C LEU D 105 39.28 -9.37 29.32
N ASN D 106 38.88 -8.96 30.52
CA ASN D 106 38.98 -9.81 31.71
C ASN D 106 40.45 -10.13 32.01
N THR D 107 41.28 -9.10 31.94
CA THR D 107 42.71 -9.25 32.14
C THR D 107 43.21 -9.33 33.57
N ARG D 108 42.28 -9.28 34.53
CA ARG D 108 42.67 -9.35 35.94
C ARG D 108 42.23 -10.67 36.59
N LYS D 109 42.08 -11.73 35.79
CA LYS D 109 41.64 -13.00 36.34
C LYS D 109 42.28 -14.25 35.74
N GLY D 110 43.49 -14.12 35.20
CA GLY D 110 44.14 -15.26 34.61
C GLY D 110 43.83 -15.35 33.12
N LYS D 111 44.85 -15.71 32.34
CA LYS D 111 44.72 -15.81 30.89
C LYS D 111 43.62 -16.74 30.36
N ALA D 112 43.19 -17.71 31.17
CA ALA D 112 42.17 -18.64 30.75
C ALA D 112 40.78 -18.05 30.56
N VAL D 113 40.47 -16.97 31.28
CA VAL D 113 39.15 -16.35 31.17
C VAL D 113 39.17 -15.10 30.29
N GLN D 114 40.28 -14.85 29.63
CA GLN D 114 40.42 -13.68 28.76
C GLN D 114 39.84 -13.89 27.36
N SER D 115 39.43 -12.80 26.73
CA SER D 115 38.88 -12.87 25.37
C SER D 115 39.25 -11.59 24.65
N PRO D 116 39.85 -11.70 23.46
CA PRO D 116 40.27 -10.54 22.65
C PRO D 116 39.15 -9.72 22.04
N ARG D 117 39.39 -8.42 21.91
CA ARG D 117 38.43 -7.51 21.30
C ARG D 117 39.18 -6.45 20.53
N ALA D 118 38.64 -6.07 19.38
CA ALA D 118 39.28 -5.08 18.54
C ALA D 118 38.28 -4.12 17.92
N GLN D 119 38.74 -2.90 17.67
CA GLN D 119 37.92 -1.92 16.99
C GLN D 119 38.33 -2.07 15.53
N ALA D 120 37.37 -2.11 14.62
CA ALA D 120 37.68 -2.24 13.21
C ALA D 120 37.46 -0.97 12.43
N ASP D 121 38.20 -0.81 11.35
CA ASP D 121 38.01 0.33 10.47
C ASP D 121 36.97 -0.30 9.52
N LYS D 122 35.69 -0.03 9.76
CA LYS D 122 34.59 -0.58 8.97
C LYS D 122 34.83 -0.61 7.48
N LYS D 123 35.28 0.52 6.95
CA LYS D 123 35.55 0.68 5.52
C LYS D 123 36.59 -0.34 5.03
N ARG D 124 37.76 -0.36 5.67
CA ARG D 124 38.82 -1.29 5.27
C ARG D 124 38.43 -2.74 5.47
N TYR D 125 37.61 -3.02 6.49
CA TYR D 125 37.15 -4.38 6.75
C TYR D 125 36.26 -4.87 5.59
N ARG D 126 35.33 -4.03 5.15
CA ARG D 126 34.43 -4.38 4.06
C ARG D 126 35.24 -4.67 2.79
N GLU D 127 36.10 -3.72 2.41
CA GLU D 127 36.95 -3.88 1.22
C GLU D 127 37.77 -5.14 1.27
N TYR D 128 38.34 -5.42 2.44
CA TYR D 128 39.17 -6.60 2.61
C TYR D 128 38.38 -7.86 2.26
N MET D 129 37.18 -7.98 2.83
CA MET D 129 36.33 -9.14 2.58
C MET D 129 35.85 -9.23 1.13
N LYS D 130 35.65 -8.08 0.48
CA LYS D 130 35.20 -8.07 -0.90
C LYS D 130 36.35 -8.55 -1.80
N LYS D 131 37.56 -8.09 -1.51
CA LYS D 131 38.72 -8.49 -2.29
C LYS D 131 38.98 -10.00 -2.18
N VAL D 132 39.00 -10.51 -0.95
CA VAL D 132 39.25 -11.94 -0.75
C VAL D 132 38.18 -12.76 -1.47
N CYS D 133 36.92 -12.36 -1.33
CA CYS D 133 35.83 -13.08 -1.99
C CYS D 133 35.90 -13.05 -3.52
N GLU D 134 36.08 -11.87 -4.11
CA GLU D 134 36.15 -11.73 -5.56
C GLU D 134 37.27 -12.55 -6.20
N ASN D 135 38.42 -12.58 -5.57
CA ASN D 135 39.57 -13.29 -6.10
C ASN D 135 39.69 -14.76 -5.69
N GLN D 136 38.70 -15.25 -4.93
CA GLN D 136 38.69 -16.64 -4.49
C GLN D 136 38.32 -17.59 -5.62
N GLU D 137 39.23 -18.51 -5.92
CA GLU D 137 39.02 -19.50 -6.96
C GLU D 137 37.78 -20.36 -6.67
N ASN D 138 36.98 -20.62 -7.71
CA ASN D 138 35.76 -21.42 -7.60
C ASN D 138 34.59 -20.68 -6.98
N LEU D 139 34.77 -19.39 -6.69
CA LEU D 139 33.70 -18.60 -6.09
C LEU D 139 33.23 -17.48 -7.02
N TYR D 140 31.93 -17.43 -7.26
CA TYR D 140 31.37 -16.42 -8.14
C TYR D 140 30.35 -15.58 -7.38
N ILE D 141 30.41 -14.27 -7.53
CA ILE D 141 29.46 -13.38 -6.88
C ILE D 141 28.35 -13.06 -7.87
N LYS D 142 27.11 -13.16 -7.39
CA LYS D 142 25.93 -12.89 -8.21
C LYS D 142 25.03 -11.86 -7.52
N GLN D 143 24.94 -10.66 -8.09
CA GLN D 143 24.07 -9.64 -7.51
C GLN D 143 22.68 -9.89 -8.08
N GLU D 144 21.81 -10.45 -7.26
CA GLU D 144 20.47 -10.80 -7.70
C GLU D 144 19.72 -11.28 -6.47
N GLU D 145 18.41 -11.05 -6.40
CA GLU D 145 17.65 -11.49 -5.24
C GLU D 145 17.02 -12.88 -5.41
N VAL D 146 17.44 -13.82 -4.57
CA VAL D 146 16.91 -15.17 -4.60
C VAL D 146 15.52 -15.14 -3.96
N VAL D 147 14.52 -15.55 -4.72
CA VAL D 147 13.15 -15.54 -4.26
C VAL D 147 12.55 -16.92 -4.05
N ASP D 148 13.32 -17.96 -4.37
CA ASP D 148 12.80 -19.31 -4.20
C ASP D 148 13.89 -20.37 -4.31
N ILE D 149 13.64 -21.50 -3.67
CA ILE D 149 14.58 -22.62 -3.69
C ILE D 149 13.87 -23.81 -4.34
N ILE D 150 14.47 -24.36 -5.38
CA ILE D 150 13.87 -25.49 -6.06
C ILE D 150 14.26 -26.81 -5.39
N VAL D 151 13.23 -27.56 -5.00
CA VAL D 151 13.40 -28.83 -4.33
C VAL D 151 12.73 -30.01 -5.05
N LYS D 152 13.45 -31.12 -5.13
CA LYS D 152 12.94 -32.33 -5.77
C LYS D 152 13.09 -33.49 -4.79
N ASN D 153 11.96 -33.96 -4.27
CA ASN D 153 11.92 -35.05 -3.29
C ASN D 153 12.70 -34.72 -2.03
N ASN D 154 12.45 -33.53 -1.49
CA ASN D 154 13.12 -33.08 -0.27
C ASN D 154 14.62 -32.93 -0.48
N GLN D 155 15.02 -32.68 -1.72
CA GLN D 155 16.43 -32.48 -2.03
C GLN D 155 16.58 -31.19 -2.82
N VAL D 156 17.51 -30.35 -2.38
CA VAL D 156 17.77 -29.09 -3.04
C VAL D 156 18.39 -29.38 -4.40
N VAL D 157 17.88 -28.71 -5.43
CA VAL D 157 18.42 -28.92 -6.76
C VAL D 157 18.61 -27.63 -7.56
N GLY D 158 18.03 -26.54 -7.07
CA GLY D 158 18.15 -25.27 -7.77
C GLY D 158 17.73 -24.03 -6.99
N VAL D 159 17.81 -22.88 -7.65
CA VAL D 159 17.44 -21.60 -7.06
C VAL D 159 16.87 -20.67 -8.13
N ARG D 160 15.89 -19.85 -7.74
CA ARG D 160 15.26 -18.89 -8.64
C ARG D 160 15.37 -17.48 -8.10
N THR D 161 15.57 -16.51 -8.99
CA THR D 161 15.70 -15.11 -8.60
C THR D 161 14.48 -14.33 -9.07
N ASN D 162 14.40 -13.07 -8.66
CA ASN D 162 13.26 -12.24 -9.06
C ASN D 162 13.39 -11.74 -10.50
N LEU D 163 14.35 -12.27 -11.24
CA LEU D 163 14.52 -11.89 -12.63
C LEU D 163 13.99 -13.03 -13.52
N GLY D 164 13.26 -13.96 -12.88
CA GLY D 164 12.66 -15.08 -13.58
C GLY D 164 13.64 -16.11 -14.08
N VAL D 165 14.78 -16.22 -13.42
CA VAL D 165 15.79 -17.18 -13.84
C VAL D 165 16.01 -18.25 -12.77
N GLU D 166 16.63 -19.35 -13.18
CA GLU D 166 16.90 -20.46 -12.27
C GLU D 166 18.33 -20.93 -12.41
N TYR D 167 18.99 -21.22 -11.30
CA TYR D 167 20.36 -21.72 -11.34
C TYR D 167 20.39 -23.09 -10.67
N LYS D 168 21.09 -24.05 -11.28
CA LYS D 168 21.20 -25.38 -10.70
C LYS D 168 22.26 -25.42 -9.61
N THR D 169 21.95 -26.11 -8.52
CA THR D 169 22.87 -26.24 -7.40
C THR D 169 22.55 -27.54 -6.64
N LYS D 170 23.51 -28.04 -5.87
CA LYS D 170 23.31 -29.26 -5.10
C LYS D 170 22.95 -28.96 -3.66
N ALA D 171 23.38 -27.79 -3.18
CA ALA D 171 23.10 -27.39 -1.81
C ALA D 171 22.96 -25.87 -1.74
N VAL D 172 22.21 -25.41 -0.74
CA VAL D 172 21.97 -24.00 -0.56
C VAL D 172 22.18 -23.60 0.91
N VAL D 173 22.85 -22.47 1.13
CA VAL D 173 23.09 -21.96 2.47
C VAL D 173 22.42 -20.58 2.54
N VAL D 174 21.37 -20.47 3.35
CA VAL D 174 20.64 -19.23 3.49
C VAL D 174 21.18 -18.38 4.65
N THR D 175 21.56 -17.14 4.36
CA THR D 175 22.10 -16.20 5.35
C THR D 175 21.56 -14.81 5.06
N THR D 176 20.26 -14.69 4.92
CA THR D 176 19.62 -13.41 4.61
C THR D 176 19.76 -12.34 5.69
N GLY D 177 20.34 -12.69 6.82
CA GLY D 177 20.54 -11.73 7.90
C GLY D 177 19.33 -10.97 8.40
N THR D 178 19.40 -9.64 8.36
CA THR D 178 18.29 -8.82 8.83
C THR D 178 17.43 -8.33 7.67
N PHE D 179 17.58 -8.98 6.51
CA PHE D 179 16.86 -8.57 5.30
C PHE D 179 15.50 -9.13 4.96
N LEU D 180 15.30 -10.43 5.18
CA LEU D 180 14.03 -11.06 4.81
C LEU D 180 12.83 -10.36 5.46
N ASN D 181 12.05 -9.68 4.62
CA ASN D 181 10.88 -8.93 5.05
C ASN D 181 11.24 -7.93 6.16
N GLY D 182 12.43 -7.37 6.03
CA GLY D 182 12.91 -6.40 7.00
C GLY D 182 12.12 -5.10 7.06
N VAL D 183 11.86 -4.63 8.27
CA VAL D 183 11.13 -3.40 8.48
C VAL D 183 11.95 -2.54 9.45
N ILE D 184 12.29 -1.34 9.01
CA ILE D 184 13.06 -0.40 9.83
C ILE D 184 12.08 0.39 10.70
N TYR D 185 12.40 0.49 11.99
CA TYR D 185 11.56 1.20 12.95
C TYR D 185 12.25 2.42 13.54
N ILE D 186 11.60 3.57 13.43
CA ILE D 186 12.11 4.82 14.00
C ILE D 186 10.86 5.57 14.42
N GLY D 187 10.69 5.76 15.73
CA GLY D 187 9.50 6.43 16.20
C GLY D 187 8.32 5.63 15.68
N ASP D 188 7.33 6.29 15.12
CA ASP D 188 6.17 5.59 14.58
C ASP D 188 6.32 5.29 13.08
N LYS D 189 7.47 5.64 12.52
CA LYS D 189 7.71 5.40 11.11
C LYS D 189 8.20 3.98 10.90
N MET D 190 7.65 3.33 9.88
CA MET D 190 8.05 1.98 9.52
C MET D 190 8.48 2.04 8.06
N ILE D 191 9.72 1.67 7.81
CA ILE D 191 10.26 1.71 6.45
C ILE D 191 10.81 0.38 5.99
N PRO D 192 10.32 -0.12 4.85
CA PRO D 192 10.79 -1.40 4.31
C PRO D 192 12.29 -1.34 4.09
N GLY D 193 12.99 -2.42 4.40
CA GLY D 193 14.44 -2.44 4.20
C GLY D 193 15.11 -3.47 5.09
N GLY D 194 16.29 -3.90 4.69
CA GLY D 194 17.05 -4.86 5.48
C GLY D 194 17.97 -4.11 6.41
N ARG D 195 18.27 -2.87 6.06
CA ARG D 195 19.13 -1.98 6.83
C ARG D 195 18.76 -0.57 6.42
N LEU D 196 19.15 0.41 7.24
CA LEU D 196 18.84 1.80 6.93
C LEU D 196 19.49 2.18 5.60
N GLY D 197 18.66 2.67 4.66
CA GLY D 197 19.17 3.06 3.36
C GLY D 197 19.38 1.93 2.36
N GLU D 198 18.99 0.71 2.73
CA GLU D 198 19.14 -0.44 1.85
C GLU D 198 17.81 -1.17 1.67
N PRO D 199 17.65 -1.88 0.56
CA PRO D 199 16.42 -2.62 0.27
C PRO D 199 16.32 -3.90 1.10
N ARG D 200 15.16 -4.55 1.02
CA ARG D 200 14.94 -5.80 1.72
C ARG D 200 14.55 -6.87 0.71
N SER D 201 14.57 -8.12 1.17
CA SER D 201 14.20 -9.24 0.31
C SER D 201 12.80 -9.61 0.77
N GLU D 202 12.02 -10.24 -0.11
CA GLU D 202 10.65 -10.62 0.23
C GLU D 202 10.22 -12.02 -0.18
N GLY D 203 10.30 -12.29 -1.47
CA GLY D 203 9.89 -13.57 -2.02
C GLY D 203 10.26 -14.86 -1.32
N LEU D 204 11.51 -15.00 -0.90
CA LEU D 204 11.94 -16.23 -0.26
C LEU D 204 11.04 -16.70 0.88
N SER D 205 10.38 -15.78 1.57
CA SER D 205 9.50 -16.17 2.67
C SER D 205 8.36 -17.09 2.22
N ASP D 206 7.92 -16.94 0.97
CA ASP D 206 6.84 -17.78 0.47
C ASP D 206 7.29 -19.22 0.34
N PHE D 207 8.57 -19.42 0.08
CA PHE D 207 9.12 -20.76 -0.05
C PHE D 207 9.04 -21.47 1.30
N TYR D 208 9.35 -20.76 2.37
CA TYR D 208 9.31 -21.35 3.69
C TYR D 208 7.90 -21.65 4.18
N ARG D 209 6.95 -20.80 3.84
CA ARG D 209 5.58 -21.06 4.25
C ARG D 209 5.13 -22.28 3.43
N ARG D 210 5.46 -22.25 2.14
CA ARG D 210 5.09 -23.32 1.23
C ARG D 210 5.52 -24.71 1.71
N PHE D 211 6.62 -24.78 2.45
CA PHE D 211 7.09 -26.05 2.96
C PHE D 211 6.80 -26.22 4.44
N ASP D 212 5.94 -25.34 4.95
CA ASP D 212 5.53 -25.39 6.34
C ASP D 212 6.65 -25.23 7.38
N PHE D 213 7.54 -24.28 7.12
CA PHE D 213 8.60 -24.01 8.07
C PHE D 213 8.05 -22.97 9.04
N PRO D 214 8.40 -23.06 10.32
CA PRO D 214 7.88 -22.07 11.25
C PRO D 214 8.63 -20.78 10.93
N LEU D 215 8.00 -19.63 11.11
CA LEU D 215 8.64 -18.35 10.86
C LEU D 215 8.30 -17.42 12.00
N ILE D 216 9.32 -16.73 12.51
CA ILE D 216 9.13 -15.80 13.60
C ILE D 216 9.91 -14.54 13.28
N ARG D 217 9.62 -13.46 13.98
CA ARG D 217 10.32 -12.21 13.72
C ARG D 217 11.08 -11.69 14.94
N PHE D 218 12.35 -11.34 14.72
CA PHE D 218 13.17 -10.79 15.79
C PHE D 218 13.41 -9.32 15.49
N LYS D 219 13.62 -8.54 16.54
CA LYS D 219 13.85 -7.11 16.39
C LYS D 219 15.04 -6.66 17.26
N THR D 220 16.02 -6.02 16.63
CA THR D 220 17.20 -5.51 17.35
C THR D 220 17.48 -4.09 16.89
N GLY D 221 18.09 -3.29 17.76
CA GLY D 221 18.38 -1.91 17.42
C GLY D 221 19.85 -1.54 17.37
N THR D 222 20.12 -0.35 16.85
CA THR D 222 21.49 0.16 16.73
C THR D 222 21.49 1.65 17.05
N PRO D 223 22.60 2.18 17.56
CA PRO D 223 22.68 3.60 17.90
C PRO D 223 22.73 4.47 16.64
N ALA D 224 22.71 5.77 16.83
CA ALA D 224 22.80 6.71 15.73
C ALA D 224 24.29 6.84 15.40
N ARG D 225 24.62 7.54 14.32
CA ARG D 225 26.01 7.75 13.94
C ARG D 225 26.27 9.23 14.16
N LEU D 226 27.28 9.55 14.98
CA LEU D 226 27.59 10.93 15.34
C LEU D 226 28.79 11.57 14.64
N ASP D 227 28.72 12.88 14.47
CA ASP D 227 29.77 13.66 13.85
C ASP D 227 30.87 13.97 14.88
N LYS D 228 32.04 13.39 14.69
CA LYS D 228 33.16 13.58 15.60
C LYS D 228 33.56 15.03 15.90
N ARG D 229 33.41 15.93 14.92
CA ARG D 229 33.80 17.33 15.14
C ARG D 229 32.83 18.11 16.03
N THR D 230 31.67 17.53 16.33
CA THR D 230 30.70 18.22 17.17
C THR D 230 30.67 17.64 18.59
N ILE D 231 31.68 16.85 18.93
CA ILE D 231 31.77 16.23 20.26
C ILE D 231 32.94 16.78 21.06
N ASP D 232 32.68 17.08 22.32
CA ASP D 232 33.74 17.59 23.21
C ASP D 232 34.32 16.42 23.99
N PHE D 233 35.52 15.98 23.61
CA PHE D 233 36.16 14.84 24.29
C PHE D 233 37.04 15.24 25.46
N SER D 234 37.34 16.53 25.58
CA SER D 234 38.22 17.05 26.62
C SER D 234 38.12 16.48 28.04
N ALA D 235 36.92 16.32 28.56
CA ALA D 235 36.74 15.81 29.91
C ALA D 235 36.43 14.32 29.96
N LEU D 236 36.41 13.66 28.80
CA LEU D 236 36.10 12.24 28.78
C LEU D 236 37.32 11.35 29.03
N GLU D 237 37.08 10.21 29.67
CA GLU D 237 38.12 9.24 29.97
C GLU D 237 38.50 8.47 28.71
N VAL D 238 39.81 8.34 28.47
CA VAL D 238 40.30 7.62 27.31
C VAL D 238 40.34 6.11 27.57
N ALA D 239 39.92 5.34 26.56
CA ALA D 239 39.91 3.89 26.62
C ALA D 239 40.79 3.41 25.47
N PRO D 240 42.09 3.16 25.75
CA PRO D 240 43.06 2.71 24.75
C PRO D 240 43.16 1.21 24.58
N GLY D 241 44.06 0.80 23.69
CA GLY D 241 44.28 -0.61 23.45
C GLY D 241 45.41 -1.14 24.32
N ASP D 242 45.76 -2.40 24.12
CA ASP D 242 46.83 -3.00 24.89
C ASP D 242 48.14 -2.95 24.10
N ASP D 243 49.25 -2.90 24.82
CA ASP D 243 50.57 -2.88 24.20
C ASP D 243 51.49 -3.83 24.97
N PRO D 244 51.94 -4.91 24.31
CA PRO D 244 51.64 -5.25 22.92
C PRO D 244 50.20 -5.73 22.76
N PRO D 245 49.57 -5.41 21.60
CA PRO D 245 48.19 -5.80 21.32
C PRO D 245 48.08 -7.25 20.85
N PRO D 246 46.99 -7.93 21.20
CA PRO D 246 46.79 -9.32 20.79
C PRO D 246 46.27 -9.35 19.35
N LYS D 247 46.51 -10.45 18.63
CA LYS D 247 46.01 -10.60 17.26
C LYS D 247 44.92 -11.65 17.31
N PHE D 248 44.07 -11.67 16.29
CA PHE D 248 42.99 -12.65 16.24
C PHE D 248 43.38 -13.85 15.41
N SER D 249 44.32 -13.67 14.48
CA SER D 249 44.72 -14.76 13.61
C SER D 249 46.06 -15.38 13.96
N PHE D 250 46.13 -16.70 13.81
CA PHE D 250 47.35 -17.43 14.09
C PHE D 250 48.24 -17.39 12.85
N TRP D 251 47.64 -17.03 11.70
CA TRP D 251 48.34 -17.02 10.43
C TRP D 251 48.91 -15.71 9.91
N THR D 252 48.50 -14.59 10.50
CA THR D 252 48.99 -13.30 10.07
C THR D 252 50.34 -13.02 10.70
N GLU D 253 51.02 -11.97 10.23
CA GLU D 253 52.33 -11.58 10.74
C GLU D 253 52.20 -10.98 12.14
N PRO D 254 52.89 -11.54 13.16
CA PRO D 254 53.80 -12.69 13.26
C PRO D 254 53.09 -14.04 13.19
N VAL D 255 53.47 -14.87 12.23
CA VAL D 255 52.84 -16.18 12.08
C VAL D 255 53.12 -17.14 13.23
N GLY D 256 52.11 -17.93 13.58
CA GLY D 256 52.24 -18.88 14.67
C GLY D 256 52.25 -18.18 16.02
N SER D 257 51.60 -17.02 16.09
CA SER D 257 51.57 -16.23 17.31
C SER D 257 50.25 -15.46 17.44
N TYR D 258 49.87 -15.13 18.67
CA TYR D 258 48.63 -14.37 18.91
C TYR D 258 48.90 -12.97 19.47
N TRP D 259 50.14 -12.50 19.33
CA TRP D 259 50.51 -11.16 19.79
C TRP D 259 51.20 -10.34 18.70
N PHE D 260 50.80 -9.07 18.57
CA PHE D 260 51.42 -8.17 17.59
C PHE D 260 52.71 -7.66 18.22
N PRO D 261 53.58 -7.02 17.43
CA PRO D 261 54.83 -6.50 17.99
C PRO D 261 54.45 -5.36 18.92
N LYS D 262 55.28 -5.10 19.92
CA LYS D 262 55.00 -3.99 20.83
C LYS D 262 55.13 -2.70 20.01
N GLY D 263 54.30 -1.72 20.33
CA GLY D 263 54.37 -0.45 19.60
C GLY D 263 53.47 -0.29 18.39
N LYS D 264 52.65 -1.28 18.08
CA LYS D 264 51.76 -1.18 16.94
C LYS D 264 50.86 0.05 17.10
N GLU D 265 50.68 0.78 16.01
CA GLU D 265 49.85 1.98 15.98
C GLU D 265 48.39 1.68 16.29
N GLN D 266 47.81 2.37 17.27
CA GLN D 266 46.41 2.15 17.64
C GLN D 266 45.69 3.47 17.89
N VAL D 267 44.35 3.43 17.91
CA VAL D 267 43.55 4.63 18.17
C VAL D 267 42.85 4.51 19.52
N ASN D 268 42.17 5.59 19.93
CA ASN D 268 41.47 5.61 21.20
C ASN D 268 39.95 5.56 21.08
N CYS D 269 39.32 5.22 22.21
CA CYS D 269 37.88 5.20 22.34
C CYS D 269 37.66 6.07 23.58
N TRP D 270 36.47 6.62 23.73
CA TRP D 270 36.20 7.48 24.86
C TRP D 270 34.97 7.03 25.64
N ILE D 271 34.97 7.30 26.94
CA ILE D 271 33.88 6.91 27.81
C ILE D 271 33.07 8.08 28.35
N THR D 272 31.75 7.94 28.35
CA THR D 272 30.88 8.95 28.94
C THR D 272 29.68 8.20 29.54
N TYR D 273 28.73 8.90 30.14
CA TYR D 273 27.59 8.22 30.75
C TYR D 273 26.31 9.01 30.61
N THR D 274 25.19 8.32 30.81
CA THR D 274 23.87 8.95 30.76
C THR D 274 23.67 9.65 32.11
N THR D 275 22.80 10.67 32.11
CA THR D 275 22.53 11.41 33.33
C THR D 275 21.06 11.25 33.67
N PRO D 276 20.65 11.70 34.86
CA PRO D 276 19.24 11.57 35.23
C PRO D 276 18.36 12.33 34.24
N LYS D 277 18.92 13.39 33.67
CA LYS D 277 18.18 14.18 32.70
C LYS D 277 17.90 13.33 31.46
N THR D 278 18.85 12.46 31.12
CA THR D 278 18.70 11.58 29.97
C THR D 278 17.52 10.64 30.20
N HIS D 279 17.49 10.03 31.37
CA HIS D 279 16.42 9.11 31.73
C HIS D 279 15.05 9.78 31.78
N GLU D 280 15.01 11.04 32.23
CA GLU D 280 13.76 11.78 32.30
C GLU D 280 13.24 12.00 30.89
N ILE D 281 14.15 12.33 29.98
CA ILE D 281 13.77 12.57 28.59
C ILE D 281 13.15 11.32 27.98
N ILE D 282 13.74 10.18 28.27
CA ILE D 282 13.23 8.93 27.73
C ILE D 282 11.88 8.54 28.31
N ARG D 283 11.69 8.81 29.59
CA ARG D 283 10.42 8.48 30.24
C ARG D 283 9.30 9.35 29.72
N LYS D 284 9.59 10.64 29.54
CA LYS D 284 8.58 11.57 29.03
C LYS D 284 8.10 11.14 27.65
N ASN D 285 8.99 10.49 26.90
CA ASN D 285 8.67 10.07 25.55
C ASN D 285 8.31 8.60 25.38
N LEU D 286 7.63 8.05 26.38
CA LEU D 286 7.20 6.67 26.33
C LEU D 286 5.69 6.69 26.47
N HIS D 287 4.99 6.14 25.47
CA HIS D 287 3.55 6.11 25.48
C HIS D 287 3.00 5.07 26.48
N ARG D 302 14.45 -10.54 27.44
CA ARG D 302 15.37 -10.65 28.58
C ARG D 302 16.55 -9.72 28.43
N TYR D 303 17.26 -9.79 27.31
CA TYR D 303 18.40 -8.90 27.08
C TYR D 303 18.01 -7.81 26.09
N CYS D 304 17.37 -6.75 26.59
CA CYS D 304 16.96 -5.63 25.77
C CYS D 304 18.00 -4.52 25.92
N PRO D 305 18.98 -4.49 25.00
CA PRO D 305 20.09 -3.53 24.96
C PRO D 305 19.77 -2.06 24.69
N SER D 306 18.61 -1.77 24.10
CA SER D 306 18.29 -0.37 23.83
C SER D 306 18.20 0.42 25.12
N ILE D 307 18.90 1.55 25.15
CA ILE D 307 18.93 2.41 26.32
C ILE D 307 17.51 2.59 26.87
N GLU D 308 16.57 2.80 25.95
CA GLU D 308 15.17 3.00 26.34
C GLU D 308 14.61 1.82 27.12
N ASP D 309 15.00 0.61 26.74
CA ASP D 309 14.50 -0.56 27.44
C ASP D 309 15.12 -0.77 28.81
N LYS D 310 16.44 -0.60 28.92
CA LYS D 310 17.10 -0.83 30.20
C LYS D 310 16.91 0.23 31.29
N ILE D 311 16.24 1.33 30.97
CA ILE D 311 16.01 2.33 32.02
C ILE D 311 14.69 1.96 32.69
N VAL D 312 13.96 1.05 32.06
CA VAL D 312 12.70 0.58 32.60
C VAL D 312 12.96 -0.73 33.33
N LYS D 313 13.90 -1.50 32.79
CA LYS D 313 14.29 -2.78 33.37
C LYS D 313 15.12 -2.54 34.64
N PHE D 314 15.87 -1.44 34.65
CA PHE D 314 16.72 -1.09 35.78
C PHE D 314 16.48 0.38 36.14
N PRO D 315 15.29 0.69 36.66
CA PRO D 315 14.90 2.04 37.05
C PRO D 315 15.81 2.69 38.10
N ASP D 316 16.58 1.87 38.79
CA ASP D 316 17.46 2.36 39.85
C ASP D 316 18.85 2.82 39.47
N LYS D 317 19.40 2.32 38.35
CA LYS D 317 20.74 2.74 37.95
C LYS D 317 20.70 4.19 37.48
N GLU D 318 21.46 5.06 38.15
CA GLU D 318 21.47 6.48 37.81
C GLU D 318 22.26 6.87 36.57
N ARG D 319 23.14 5.99 36.12
CA ARG D 319 23.92 6.27 34.92
C ARG D 319 24.33 5.00 34.21
N HIS D 320 24.34 5.05 32.89
CA HIS D 320 24.72 3.90 32.08
C HIS D 320 25.96 4.28 31.28
N GLN D 321 26.93 3.37 31.24
CA GLN D 321 28.16 3.64 30.53
C GLN D 321 28.00 3.66 29.02
N ILE D 322 28.72 4.57 28.37
CA ILE D 322 28.66 4.71 26.93
C ILE D 322 30.07 4.78 26.38
N PHE D 323 30.35 4.00 25.34
CA PHE D 323 31.68 4.00 24.73
C PHE D 323 31.62 4.67 23.37
N LEU D 324 32.34 5.77 23.20
CA LEU D 324 32.38 6.45 21.92
C LEU D 324 33.47 5.80 21.10
N GLU D 325 33.07 5.15 20.01
CA GLU D 325 34.01 4.44 19.14
C GLU D 325 34.19 5.04 17.76
N PRO D 326 35.43 5.09 17.27
CA PRO D 326 35.70 5.65 15.94
C PRO D 326 35.24 4.57 14.96
N GLU D 327 34.80 4.96 13.77
CA GLU D 327 34.36 3.96 12.79
C GLU D 327 35.43 3.65 11.75
N GLY D 328 36.54 4.38 11.81
CA GLY D 328 37.63 4.17 10.87
C GLY D 328 38.60 5.32 10.97
N LEU D 329 39.67 5.29 10.19
CA LEU D 329 40.66 6.37 10.25
C LEU D 329 40.31 7.55 9.35
N ASP D 330 39.59 7.29 8.26
CA ASP D 330 39.22 8.34 7.34
C ASP D 330 37.89 9.00 7.63
N THR D 331 36.96 8.24 8.18
CA THR D 331 35.62 8.76 8.49
C THR D 331 35.56 9.54 9.80
N ILE D 332 34.58 10.43 9.91
CA ILE D 332 34.41 11.22 11.13
C ILE D 332 33.25 10.68 11.95
N GLU D 333 32.63 9.59 11.50
CA GLU D 333 31.51 9.01 12.23
C GLU D 333 31.94 8.32 13.52
N ILE D 334 31.15 8.54 14.57
CA ILE D 334 31.39 7.95 15.89
C ILE D 334 30.20 7.09 16.26
N TYR D 335 30.46 5.86 16.70
CA TYR D 335 29.41 4.93 17.09
C TYR D 335 29.27 4.97 18.60
N PRO D 336 28.14 5.47 19.12
CA PRO D 336 27.96 5.54 20.58
C PRO D 336 27.43 4.23 21.17
N ASN D 337 28.34 3.32 21.53
CA ASN D 337 27.96 2.03 22.09
C ASN D 337 27.26 2.22 23.45
N GLY D 338 26.04 1.70 23.53
CA GLY D 338 25.26 1.80 24.75
C GLY D 338 24.05 2.70 24.57
N LEU D 339 23.90 3.30 23.39
CA LEU D 339 22.78 4.18 23.11
C LEU D 339 21.90 3.75 21.94
N SER D 340 21.72 2.45 21.77
CA SER D 340 20.84 1.97 20.71
C SER D 340 19.44 2.36 21.13
N THR D 341 18.64 2.80 20.17
CA THR D 341 17.28 3.23 20.45
C THR D 341 16.47 3.22 19.16
N SER D 342 15.15 3.33 19.30
CA SER D 342 14.26 3.36 18.14
C SER D 342 13.25 4.49 18.34
N LEU D 343 13.62 5.43 19.21
CA LEU D 343 12.78 6.59 19.50
C LEU D 343 12.70 7.48 18.26
N PRO D 344 11.75 8.42 18.23
CA PRO D 344 11.63 9.31 17.08
C PRO D 344 12.93 10.10 16.97
N GLU D 345 13.30 10.54 15.77
CA GLU D 345 14.54 11.28 15.58
C GLU D 345 14.60 12.57 16.40
N GLU D 346 13.48 13.27 16.52
CA GLU D 346 13.46 14.50 17.30
C GLU D 346 13.81 14.21 18.76
N VAL D 347 13.36 13.08 19.27
CA VAL D 347 13.66 12.71 20.66
C VAL D 347 15.11 12.27 20.76
N GLN D 348 15.62 11.60 19.72
CA GLN D 348 17.01 11.18 19.72
C GLN D 348 17.92 12.40 19.91
N TRP D 349 17.60 13.50 19.26
CA TRP D 349 18.41 14.71 19.39
C TRP D 349 18.48 15.11 20.85
N GLU D 350 17.32 15.19 21.47
CA GLU D 350 17.22 15.58 22.87
C GLU D 350 17.94 14.62 23.80
N MET D 351 17.80 13.32 23.59
CA MET D 351 18.46 12.40 24.50
C MET D 351 19.97 12.34 24.29
N TYR D 352 20.41 12.35 23.03
CA TYR D 352 21.85 12.32 22.74
C TYR D 352 22.56 13.55 23.28
N ARG D 353 21.91 14.71 23.19
CA ARG D 353 22.49 15.96 23.66
C ARG D 353 22.50 16.18 25.18
N SER D 354 21.95 15.23 25.93
CA SER D 354 21.94 15.33 27.38
C SER D 354 23.13 14.55 27.94
N ILE D 355 23.88 13.88 27.07
CA ILE D 355 25.05 13.11 27.49
C ILE D 355 26.28 14.02 27.49
N PRO D 356 27.02 14.08 28.61
CA PRO D 356 28.21 14.92 28.70
C PRO D 356 29.17 14.68 27.54
N GLY D 357 29.51 15.76 26.85
CA GLY D 357 30.40 15.67 25.71
C GLY D 357 29.64 15.82 24.40
N LEU D 358 28.39 15.37 24.40
CA LEU D 358 27.53 15.42 23.22
C LEU D 358 26.45 16.51 23.28
N GLU D 359 26.70 17.57 24.04
CA GLU D 359 25.71 18.64 24.18
C GLU D 359 25.32 19.27 22.84
N ASN D 360 26.27 19.37 21.92
CA ASN D 360 26.00 19.96 20.62
C ASN D 360 26.27 18.99 19.49
N VAL D 361 26.23 17.70 19.78
CA VAL D 361 26.50 16.71 18.77
C VAL D 361 25.49 16.76 17.62
N VAL D 362 25.97 16.43 16.43
CA VAL D 362 25.17 16.40 15.22
C VAL D 362 25.12 14.95 14.73
N LEU D 363 23.92 14.44 14.48
CA LEU D 363 23.80 13.08 14.00
C LEU D 363 24.04 13.04 12.50
N ILE D 364 24.63 11.94 12.04
CA ILE D 364 24.87 11.74 10.62
C ILE D 364 23.85 10.69 10.17
N ARG D 365 23.63 9.68 11.00
CA ARG D 365 22.66 8.64 10.72
C ARG D 365 21.81 8.47 11.99
N PRO D 366 20.49 8.35 11.82
CA PRO D 366 19.61 8.19 12.98
C PRO D 366 19.60 6.77 13.51
N ALA D 367 19.35 6.64 14.81
CA ALA D 367 19.28 5.33 15.45
C ALA D 367 18.00 4.68 14.94
N TYR D 368 17.95 3.35 14.98
CA TYR D 368 16.75 2.64 14.56
C TYR D 368 16.77 1.20 15.03
N ALA D 369 15.65 0.51 14.80
CA ALA D 369 15.54 -0.88 15.16
C ALA D 369 15.09 -1.61 13.90
N ILE D 370 15.51 -2.87 13.75
CA ILE D 370 15.16 -3.65 12.58
C ILE D 370 14.44 -4.94 12.98
N GLU D 371 13.39 -5.28 12.23
CA GLU D 371 12.63 -6.52 12.48
C GLU D 371 12.75 -7.31 11.19
N TYR D 372 12.94 -8.61 11.29
CA TYR D 372 13.11 -9.46 10.12
C TYR D 372 12.62 -10.88 10.34
N ASP D 373 12.58 -11.67 9.28
CA ASP D 373 12.12 -13.05 9.41
C ASP D 373 13.23 -13.99 9.87
N VAL D 374 12.84 -14.96 10.69
CA VAL D 374 13.76 -15.95 11.23
C VAL D 374 13.09 -17.34 11.27
N VAL D 375 13.83 -18.36 10.88
CA VAL D 375 13.32 -19.72 10.93
C VAL D 375 13.93 -20.34 12.19
N PRO D 376 13.09 -20.73 13.17
CA PRO D 376 13.58 -21.34 14.41
C PRO D 376 14.69 -22.37 14.17
N PRO D 377 15.82 -22.23 14.87
CA PRO D 377 16.97 -23.13 14.74
C PRO D 377 16.65 -24.60 14.97
N THR D 378 15.59 -24.87 15.73
CA THR D 378 15.20 -26.24 16.00
C THR D 378 14.76 -27.00 14.75
N GLU D 379 14.78 -26.31 13.61
CA GLU D 379 14.42 -26.95 12.35
C GLU D 379 15.68 -27.56 11.74
N LEU D 380 16.82 -27.35 12.41
CA LEU D 380 18.10 -27.86 11.94
C LEU D 380 18.76 -28.89 12.87
N TYR D 381 19.68 -29.67 12.30
CA TYR D 381 20.46 -30.64 13.06
C TYR D 381 21.70 -29.83 13.47
N PRO D 382 22.57 -30.39 14.31
CA PRO D 382 23.76 -29.63 14.69
C PRO D 382 24.70 -29.38 13.50
N THR D 383 24.33 -29.92 12.34
CA THR D 383 25.11 -29.75 11.11
C THR D 383 24.61 -28.50 10.37
N LEU D 384 23.61 -27.85 10.93
CA LEU D 384 22.97 -26.66 10.36
C LEU D 384 22.13 -27.02 9.14
N GLU D 385 22.06 -28.32 8.83
CA GLU D 385 21.24 -28.77 7.71
C GLU D 385 19.79 -28.90 8.16
N THR D 386 18.88 -28.48 7.29
CA THR D 386 17.46 -28.54 7.56
C THR D 386 16.96 -29.99 7.71
N LYS D 387 16.07 -30.24 8.66
CA LYS D 387 15.54 -31.59 8.85
C LYS D 387 14.53 -31.92 7.76
N LYS D 388 13.85 -30.90 7.26
CA LYS D 388 12.86 -31.07 6.20
C LYS D 388 13.43 -31.25 4.81
N ILE D 389 14.54 -30.58 4.52
CA ILE D 389 15.11 -30.65 3.17
C ILE D 389 16.62 -30.92 3.13
N ARG D 390 17.00 -31.99 2.46
CA ARG D 390 18.40 -32.36 2.32
C ARG D 390 19.10 -31.35 1.42
N GLY D 391 20.27 -30.89 1.83
CA GLY D 391 21.01 -29.93 1.04
C GLY D 391 20.70 -28.48 1.36
N LEU D 392 19.86 -28.24 2.37
CA LEU D 392 19.50 -26.88 2.76
C LEU D 392 20.07 -26.55 4.14
N PHE D 393 20.86 -25.48 4.23
CA PHE D 393 21.48 -25.06 5.47
C PHE D 393 21.19 -23.59 5.77
N HIS D 394 21.06 -23.26 7.06
CA HIS D 394 20.79 -21.89 7.50
C HIS D 394 21.91 -21.38 8.40
N ALA D 395 22.14 -20.07 8.42
CA ALA D 395 23.19 -19.50 9.27
C ALA D 395 23.03 -18.00 9.49
N GLY D 396 23.50 -17.51 10.63
CA GLY D 396 23.45 -16.08 10.94
C GLY D 396 22.17 -15.60 11.60
N ASN D 397 21.87 -14.32 11.45
CA ASN D 397 20.68 -13.72 12.03
C ASN D 397 19.39 -14.45 11.60
N PHE D 398 19.41 -15.00 10.40
CA PHE D 398 18.25 -15.72 9.87
C PHE D 398 18.06 -16.98 10.71
N ASN D 399 19.13 -17.42 11.34
CA ASN D 399 19.12 -18.62 12.15
C ASN D 399 18.80 -18.34 13.62
N GLY D 400 18.43 -17.09 13.92
CA GLY D 400 18.07 -16.75 15.29
C GLY D 400 19.13 -16.12 16.17
N THR D 401 20.29 -15.81 15.62
CA THR D 401 21.33 -15.16 16.43
C THR D 401 21.50 -13.70 16.01
N THR D 402 22.32 -12.99 16.76
CA THR D 402 22.61 -11.61 16.45
C THR D 402 24.09 -11.43 16.75
N GLY D 403 24.81 -10.73 15.87
CA GLY D 403 26.24 -10.52 16.07
C GLY D 403 27.03 -11.02 14.87
N TYR D 404 28.13 -10.35 14.56
CA TYR D 404 28.96 -10.74 13.42
C TYR D 404 29.60 -12.10 13.64
N GLU D 405 30.25 -12.26 14.80
CA GLU D 405 30.94 -13.48 15.14
C GLU D 405 30.03 -14.71 15.20
N GLU D 406 28.92 -14.64 15.94
CA GLU D 406 28.02 -15.79 16.01
C GLU D 406 27.56 -16.21 14.60
N ALA D 407 27.39 -15.23 13.71
CA ALA D 407 26.98 -15.51 12.34
C ALA D 407 28.12 -16.19 11.58
N ALA D 408 29.32 -15.61 11.62
CA ALA D 408 30.46 -16.17 10.92
C ALA D 408 30.79 -17.58 11.42
N GLY D 409 30.57 -17.83 12.71
CA GLY D 409 30.83 -19.13 13.28
C GLY D 409 29.91 -20.17 12.68
N GLN D 410 28.65 -19.81 12.48
CA GLN D 410 27.69 -20.74 11.90
C GLN D 410 27.93 -20.90 10.42
N GLY D 411 28.25 -19.78 9.77
CA GLY D 411 28.50 -19.79 8.34
C GLY D 411 29.57 -20.75 7.87
N ILE D 412 30.69 -20.81 8.59
CA ILE D 412 31.78 -21.71 8.19
C ILE D 412 31.33 -23.17 8.27
N VAL D 413 30.55 -23.51 9.30
CA VAL D 413 30.04 -24.86 9.46
C VAL D 413 29.07 -25.19 8.32
N ALA D 414 28.15 -24.27 8.03
CA ALA D 414 27.17 -24.47 6.97
C ALA D 414 27.84 -24.61 5.61
N GLY D 415 28.83 -23.75 5.36
CA GLY D 415 29.56 -23.80 4.12
C GLY D 415 30.29 -25.12 4.00
N ILE D 416 30.93 -25.55 5.08
CA ILE D 416 31.65 -26.82 5.08
C ILE D 416 30.72 -27.97 4.72
N ASN D 417 29.58 -28.04 5.38
CA ASN D 417 28.62 -29.11 5.15
C ASN D 417 27.91 -29.06 3.81
N ALA D 418 27.73 -27.86 3.27
CA ALA D 418 27.08 -27.73 1.97
C ALA D 418 28.01 -28.35 0.92
N ALA D 419 29.29 -28.04 1.01
CA ALA D 419 30.28 -28.59 0.09
C ALA D 419 30.28 -30.11 0.22
N LEU D 420 30.34 -30.61 1.45
CA LEU D 420 30.34 -32.05 1.67
C LEU D 420 29.14 -32.69 1.00
N ARG D 421 27.95 -32.14 1.26
CA ARG D 421 26.73 -32.66 0.64
C ARG D 421 26.89 -32.70 -0.88
N ALA D 422 27.42 -31.62 -1.45
CA ALA D 422 27.62 -31.51 -2.87
C ALA D 422 28.55 -32.60 -3.37
N PHE D 423 29.48 -33.03 -2.53
CA PHE D 423 30.42 -34.08 -2.92
C PHE D 423 29.94 -35.46 -2.54
N GLY D 424 28.71 -35.55 -2.02
CA GLY D 424 28.18 -36.83 -1.63
C GLY D 424 28.84 -37.41 -0.39
N LYS D 425 29.37 -36.55 0.47
CA LYS D 425 30.01 -37.02 1.70
C LYS D 425 29.12 -36.74 2.90
N GLU D 426 29.57 -37.12 4.09
CA GLU D 426 28.79 -36.92 5.29
C GLU D 426 29.09 -35.61 6.00
N PRO D 427 28.05 -34.84 6.34
CA PRO D 427 28.21 -33.57 7.03
C PRO D 427 28.79 -33.81 8.42
N ILE D 428 29.52 -32.83 8.93
CA ILE D 428 30.12 -32.93 10.23
C ILE D 428 29.44 -31.92 11.14
N TYR D 429 29.82 -31.92 12.40
CA TYR D 429 29.28 -30.98 13.37
C TYR D 429 30.36 -30.76 14.40
N LEU D 430 30.24 -29.67 15.16
CA LEU D 430 31.24 -29.37 16.17
C LEU D 430 30.74 -29.68 17.59
N ARG D 431 31.42 -30.61 18.24
CA ARG D 431 31.07 -31.01 19.60
C ARG D 431 31.17 -29.81 20.53
N ARG D 432 30.13 -29.58 21.33
CA ARG D 432 30.13 -28.46 22.26
C ARG D 432 31.20 -28.56 23.32
N ASP D 433 31.76 -29.75 23.54
CA ASP D 433 32.80 -29.90 24.55
C ASP D 433 34.19 -29.60 23.99
N GLU D 434 34.25 -29.14 22.75
CA GLU D 434 35.53 -28.82 22.13
C GLU D 434 35.65 -27.42 21.52
N SER D 435 34.53 -26.75 21.32
CA SER D 435 34.57 -25.42 20.76
C SER D 435 33.34 -24.60 21.14
N TYR D 436 33.50 -23.29 21.13
CA TYR D 436 32.41 -22.42 21.46
C TYR D 436 31.42 -22.36 20.28
N ILE D 437 31.91 -22.63 19.08
CA ILE D 437 31.02 -22.64 17.93
C ILE D 437 30.07 -23.82 18.13
N GLY D 438 30.61 -24.91 18.66
CA GLY D 438 29.80 -26.08 18.94
C GLY D 438 28.75 -25.79 19.99
N VAL D 439 29.14 -25.07 21.04
CA VAL D 439 28.21 -24.73 22.10
C VAL D 439 27.05 -23.90 21.54
N MET D 440 27.38 -22.87 20.78
CA MET D 440 26.37 -22.02 20.17
C MET D 440 25.38 -22.83 19.31
N ILE D 441 25.93 -23.60 18.38
CA ILE D 441 25.10 -24.39 17.48
C ILE D 441 24.27 -25.42 18.24
N ASP D 442 24.85 -25.99 19.30
CA ASP D 442 24.15 -26.97 20.11
C ASP D 442 22.95 -26.31 20.79
N ASP D 443 23.15 -25.14 21.39
CA ASP D 443 22.05 -24.46 22.07
C ASP D 443 20.94 -24.05 21.10
N LEU D 444 21.31 -23.55 19.93
CA LEU D 444 20.31 -23.13 18.94
C LEU D 444 19.39 -24.25 18.50
N THR D 445 19.98 -25.37 18.09
CA THR D 445 19.23 -26.51 17.59
C THR D 445 18.66 -27.44 18.67
N THR D 446 19.12 -27.28 19.91
CA THR D 446 18.61 -28.11 20.99
C THR D 446 17.71 -27.36 21.96
N LYS D 447 17.98 -26.08 22.19
CA LYS D 447 17.16 -25.29 23.10
C LYS D 447 16.15 -24.42 22.34
N GLY D 448 16.54 -23.99 21.14
CA GLY D 448 15.68 -23.10 20.38
C GLY D 448 15.89 -21.69 20.91
N VAL D 449 15.20 -20.70 20.34
CA VAL D 449 15.37 -19.33 20.81
C VAL D 449 14.06 -18.56 20.95
N THR D 450 14.02 -17.71 21.98
CA THR D 450 12.87 -16.87 22.30
C THR D 450 13.17 -15.44 21.89
N GLU D 451 14.47 -15.15 21.76
CA GLU D 451 14.97 -13.85 21.39
C GLU D 451 16.32 -14.10 20.71
N PRO D 452 16.93 -13.06 20.14
CA PRO D 452 18.23 -13.27 19.48
C PRO D 452 19.31 -13.85 20.41
N TYR D 453 19.94 -14.93 19.94
CA TYR D 453 21.01 -15.60 20.68
C TYR D 453 22.31 -14.81 20.60
N ARG D 454 22.96 -14.66 21.75
CA ARG D 454 24.24 -13.94 21.86
C ARG D 454 25.21 -14.87 22.56
N LEU D 455 26.44 -14.95 22.05
CA LEU D 455 27.44 -15.85 22.62
C LEU D 455 27.77 -15.69 24.11
N PHE D 456 27.51 -14.52 24.69
CA PHE D 456 27.83 -14.34 26.10
C PHE D 456 26.81 -14.95 27.05
N THR D 457 25.71 -15.48 26.53
CA THR D 457 24.70 -16.06 27.38
C THR D 457 24.88 -17.57 27.47
N SER D 458 25.77 -18.11 26.66
CA SER D 458 25.99 -19.54 26.68
C SER D 458 26.85 -19.94 27.88
N ARG D 459 26.69 -21.18 28.32
CA ARG D 459 27.45 -21.69 29.44
C ARG D 459 28.20 -22.95 29.07
N SER D 460 29.49 -22.80 28.82
CA SER D 460 30.32 -23.92 28.46
C SER D 460 30.74 -24.67 29.73
N GLU D 461 30.46 -25.96 29.77
CA GLU D 461 30.80 -26.78 30.93
C GLU D 461 32.30 -27.10 30.89
N TYR D 462 32.94 -26.68 29.80
CA TYR D 462 34.37 -26.89 29.63
C TYR D 462 35.07 -25.55 29.36
N ARG D 463 34.68 -24.53 30.11
CA ARG D 463 35.24 -23.20 29.94
C ARG D 463 36.74 -23.12 30.19
N LEU D 464 37.31 -24.10 30.90
CA LEU D 464 38.74 -24.07 31.15
C LEU D 464 39.55 -24.67 30.00
N TYR D 465 38.92 -25.54 29.21
CA TYR D 465 39.60 -26.15 28.08
C TYR D 465 39.34 -25.38 26.77
N ILE D 466 38.16 -24.76 26.68
CA ILE D 466 37.81 -24.00 25.49
C ILE D 466 38.20 -22.55 25.73
N ARG D 467 39.50 -22.29 25.61
CA ARG D 467 40.05 -20.96 25.84
C ARG D 467 40.40 -20.20 24.57
N GLN D 468 40.82 -18.94 24.77
CA GLN D 468 41.20 -18.07 23.68
C GLN D 468 42.56 -18.41 23.09
N ASP D 469 43.45 -18.89 23.93
CA ASP D 469 44.82 -19.23 23.52
C ASP D 469 45.01 -20.60 22.87
N ASN D 470 43.98 -21.44 22.85
CA ASN D 470 44.15 -22.77 22.27
C ASN D 470 43.16 -23.18 21.20
N ALA D 471 42.51 -22.23 20.56
CA ALA D 471 41.57 -22.55 19.49
C ALA D 471 42.32 -23.29 18.38
N ILE D 472 43.56 -22.86 18.13
CA ILE D 472 44.39 -23.48 17.10
C ILE D 472 44.65 -24.96 17.37
N LEU D 473 44.86 -25.32 18.63
CA LEU D 473 45.12 -26.70 19.01
C LEU D 473 43.85 -27.55 19.03
N ARG D 474 42.72 -26.91 19.26
CA ARG D 474 41.45 -27.64 19.31
C ARG D 474 40.78 -27.87 17.96
N LEU D 475 41.02 -26.98 16.99
CA LEU D 475 40.35 -27.11 15.69
C LEU D 475 41.20 -27.25 14.44
N ALA D 476 42.51 -27.04 14.55
CA ALA D 476 43.36 -27.13 13.36
C ALA D 476 43.29 -28.47 12.62
N LYS D 477 43.19 -29.57 13.36
CA LYS D 477 43.14 -30.87 12.71
C LYS D 477 41.95 -31.01 11.78
N LEU D 478 40.77 -30.63 12.27
CA LEU D 478 39.56 -30.69 11.45
C LEU D 478 39.74 -29.76 10.25
N GLY D 479 40.33 -28.59 10.49
CA GLY D 479 40.55 -27.63 9.43
C GLY D 479 41.40 -28.19 8.32
N ARG D 480 42.47 -28.89 8.69
CA ARG D 480 43.36 -29.51 7.71
C ARG D 480 42.64 -30.67 7.05
N GLU D 481 41.94 -31.46 7.86
CA GLU D 481 41.20 -32.61 7.37
C GLU D 481 40.22 -32.20 6.26
N LEU D 482 39.58 -31.06 6.42
CA LEU D 482 38.61 -30.57 5.44
C LEU D 482 39.28 -29.94 4.22
N GLY D 483 40.56 -29.59 4.35
CA GLY D 483 41.27 -28.99 3.24
C GLY D 483 41.30 -27.47 3.31
N LEU D 484 40.74 -26.90 4.37
CA LEU D 484 40.74 -25.44 4.53
C LEU D 484 42.13 -24.94 4.88
N LEU D 485 42.88 -25.74 5.64
CA LEU D 485 44.25 -25.39 5.99
C LEU D 485 45.15 -26.15 5.01
N SER D 486 46.28 -25.55 4.64
CA SER D 486 47.19 -26.21 3.71
C SER D 486 48.03 -27.21 4.49
N GLU D 487 48.83 -27.99 3.77
CA GLU D 487 49.70 -28.98 4.39
C GLU D 487 50.74 -28.25 5.25
N GLU D 488 51.18 -27.10 4.76
CA GLU D 488 52.16 -26.29 5.47
C GLU D 488 51.63 -25.68 6.76
N GLN D 489 50.40 -25.15 6.71
CA GLN D 489 49.80 -24.54 7.90
C GLN D 489 49.71 -25.55 9.03
N TYR D 490 49.16 -26.72 8.73
CA TYR D 490 49.02 -27.74 9.76
C TYR D 490 50.38 -28.26 10.24
N LYS D 491 51.37 -28.25 9.36
CA LYS D 491 52.70 -28.73 9.73
C LYS D 491 53.24 -27.88 10.86
N LEU D 492 53.00 -26.57 10.78
CA LEU D 492 53.47 -25.66 11.82
C LEU D 492 52.78 -26.02 13.13
N VAL D 493 51.48 -26.27 13.06
CA VAL D 493 50.72 -26.63 14.26
C VAL D 493 51.24 -27.91 14.90
N LYS D 494 51.45 -28.95 14.10
CA LYS D 494 51.95 -30.22 14.63
C LYS D 494 53.30 -30.05 15.29
N GLU D 495 54.16 -29.22 14.70
CA GLU D 495 55.48 -29.00 15.26
C GLU D 495 55.37 -28.38 16.65
N LEU D 496 54.72 -27.22 16.72
CA LEU D 496 54.54 -26.50 17.99
C LEU D 496 53.91 -27.37 19.05
N GLU D 497 52.90 -28.13 18.65
CA GLU D 497 52.18 -29.01 19.54
C GLU D 497 53.14 -30.04 20.13
N ARG D 498 54.10 -30.45 19.31
CA ARG D 498 55.11 -31.41 19.70
C ARG D 498 56.09 -30.74 20.65
N GLU D 499 56.53 -29.53 20.29
CA GLU D 499 57.46 -28.81 21.15
C GLU D 499 56.82 -28.59 22.52
N ILE D 500 55.56 -28.19 22.52
CA ILE D 500 54.83 -27.95 23.76
C ILE D 500 54.85 -29.19 24.66
N GLU D 501 54.56 -30.36 24.09
CA GLU D 501 54.56 -31.60 24.86
C GLU D 501 55.94 -31.98 25.38
N LYS D 502 56.98 -31.61 24.64
CA LYS D 502 58.33 -31.91 25.08
C LYS D 502 58.54 -31.17 26.40
N TRP D 503 58.49 -29.85 26.33
CA TRP D 503 58.69 -29.00 27.50
C TRP D 503 57.83 -29.34 28.70
N LYS D 504 56.59 -29.73 28.47
CA LYS D 504 55.73 -30.10 29.59
C LYS D 504 56.33 -31.32 30.31
N GLU D 505 56.74 -32.33 29.55
CA GLU D 505 57.33 -33.54 30.12
C GLU D 505 58.69 -33.23 30.74
N PHE D 506 59.40 -32.27 30.17
CA PHE D 506 60.70 -31.85 30.68
C PHE D 506 60.55 -31.12 32.03
N TYR D 507 59.70 -30.09 32.08
CA TYR D 507 59.50 -29.35 33.34
C TYR D 507 58.86 -30.23 34.41
N LYS D 508 58.22 -31.32 34.01
CA LYS D 508 57.60 -32.23 34.97
C LYS D 508 58.61 -33.20 35.57
N SER D 509 59.79 -33.27 34.95
CA SER D 509 60.83 -34.18 35.43
C SER D 509 61.99 -33.43 36.08
N GLU D 510 62.02 -32.11 35.90
CA GLU D 510 63.06 -31.29 36.48
C GLU D 510 62.62 -30.75 37.83
N ARG D 511 63.12 -31.36 38.91
CA ARG D 511 62.78 -30.95 40.27
C ARG D 511 63.64 -29.78 40.74
N VAL D 512 63.14 -29.07 41.74
CA VAL D 512 63.85 -27.92 42.32
C VAL D 512 63.46 -27.82 43.79
N SER D 513 64.46 -27.87 44.66
CA SER D 513 64.20 -27.78 46.09
C SER D 513 64.07 -26.30 46.51
N VAL D 514 62.96 -25.98 47.17
CA VAL D 514 62.69 -24.61 47.61
C VAL D 514 62.47 -24.50 49.11
N ALA D 515 62.78 -23.33 49.66
CA ALA D 515 62.64 -23.08 51.10
C ALA D 515 61.29 -22.45 51.43
N VAL D 516 60.25 -23.29 51.56
CA VAL D 516 58.90 -22.82 51.89
C VAL D 516 58.76 -22.52 53.39
N GLY D 517 59.04 -21.27 53.74
CA GLY D 517 58.96 -20.87 55.14
C GLY D 517 60.14 -21.38 55.93
N GLY D 518 59.89 -22.36 56.77
CA GLY D 518 60.96 -22.94 57.58
C GLY D 518 61.32 -24.32 57.08
N ASP D 519 60.39 -24.98 56.40
CA ASP D 519 60.61 -26.32 55.88
C ASP D 519 61.00 -26.28 54.40
N THR D 520 61.89 -27.21 54.00
CA THR D 520 62.35 -27.30 52.62
C THR D 520 61.56 -28.33 51.82
N ARG D 521 61.28 -28.02 50.56
CA ARG D 521 60.53 -28.93 49.69
C ARG D 521 61.15 -29.06 48.30
N SER D 522 60.82 -30.16 47.61
CA SER D 522 61.32 -30.42 46.26
C SER D 522 60.17 -30.44 45.27
N TYR D 523 60.05 -29.37 44.48
CA TYR D 523 58.97 -29.24 43.51
C TYR D 523 59.46 -29.22 42.07
N SER D 524 58.66 -29.81 41.17
CA SER D 524 59.01 -29.80 39.76
C SER D 524 58.62 -28.43 39.18
N VAL D 525 59.29 -28.01 38.12
CA VAL D 525 59.01 -26.73 37.47
C VAL D 525 57.53 -26.65 37.12
N ALA D 526 56.98 -27.75 36.60
CA ALA D 526 55.58 -27.81 36.24
C ALA D 526 54.72 -27.40 37.44
N THR D 527 55.06 -27.94 38.61
CA THR D 527 54.34 -27.64 39.84
C THR D 527 54.53 -26.18 40.27
N LEU D 528 55.69 -25.61 39.97
CA LEU D 528 55.95 -24.23 40.34
C LEU D 528 55.02 -23.26 39.60
N MET D 529 54.54 -23.69 38.44
CA MET D 529 53.63 -22.90 37.62
C MET D 529 52.27 -22.80 38.32
N THR D 530 52.05 -23.72 39.24
CA THR D 530 50.83 -23.82 40.02
C THR D 530 50.96 -23.03 41.31
N MET D 531 52.16 -22.50 41.54
CA MET D 531 52.43 -21.74 42.76
C MET D 531 52.90 -20.31 42.52
N ASN D 532 52.26 -19.65 41.56
CA ASN D 532 52.58 -18.25 41.24
C ASN D 532 53.91 -17.97 40.57
N TYR D 533 54.45 -18.96 39.87
CA TYR D 533 55.70 -18.78 39.16
C TYR D 533 55.40 -18.76 37.67
N THR D 534 56.06 -17.88 36.94
CA THR D 534 55.90 -17.85 35.49
C THR D 534 57.17 -18.51 34.99
N LEU D 535 57.21 -18.89 33.72
CA LEU D 535 58.43 -19.49 33.21
C LEU D 535 59.58 -18.48 33.35
N ASP D 536 59.29 -17.20 33.11
CA ASP D 536 60.31 -16.15 33.25
C ASP D 536 60.85 -16.09 34.68
N ASP D 537 60.00 -16.32 35.67
CA ASP D 537 60.45 -16.31 37.06
C ASP D 537 61.41 -17.48 37.27
N VAL D 538 61.03 -18.64 36.75
CA VAL D 538 61.83 -19.84 36.90
C VAL D 538 63.20 -19.74 36.25
N LYS D 539 63.28 -19.06 35.11
CA LYS D 539 64.55 -18.90 34.41
C LYS D 539 65.42 -17.89 35.16
N GLU D 540 64.78 -16.84 35.66
CA GLU D 540 65.46 -15.80 36.41
C GLU D 540 66.03 -16.30 37.73
N LYS D 541 65.22 -17.01 38.51
CA LYS D 541 65.64 -17.52 39.79
C LYS D 541 66.42 -18.83 39.76
N PHE D 542 65.95 -19.81 39.00
CA PHE D 542 66.62 -21.11 38.94
C PHE D 542 67.50 -21.35 37.72
N GLY D 543 67.50 -20.40 36.79
CA GLY D 543 68.33 -20.53 35.60
C GLY D 543 67.93 -21.57 34.57
N TYR D 544 66.68 -22.04 34.62
CA TYR D 544 66.24 -23.02 33.64
C TYR D 544 66.03 -22.38 32.27
N GLU D 545 65.94 -23.21 31.24
CA GLU D 545 65.74 -22.74 29.88
C GLU D 545 64.24 -22.61 29.60
N VAL D 546 63.89 -21.81 28.60
CA VAL D 546 62.48 -21.62 28.24
C VAL D 546 62.32 -21.67 26.73
N PRO D 547 61.19 -22.20 26.23
CA PRO D 547 60.94 -22.27 24.78
C PRO D 547 61.20 -20.92 24.15
N GLN D 548 61.82 -20.91 22.98
CA GLN D 548 62.12 -19.64 22.32
C GLN D 548 61.01 -19.20 21.38
N HIS D 549 60.15 -20.15 20.99
CA HIS D 549 59.03 -19.82 20.13
C HIS D 549 57.95 -19.17 21.01
N PRO D 550 57.53 -17.94 20.67
CA PRO D 550 56.50 -17.20 21.42
C PRO D 550 55.27 -18.01 21.83
N TYR D 551 54.73 -18.80 20.91
CA TYR D 551 53.55 -19.57 21.22
C TYR D 551 53.82 -20.74 22.18
N VAL D 552 54.83 -21.54 21.86
CA VAL D 552 55.17 -22.67 22.71
C VAL D 552 55.46 -22.17 24.12
N LYS D 553 56.23 -21.09 24.21
CA LYS D 553 56.60 -20.49 25.47
C LYS D 553 55.38 -20.19 26.34
N GLU D 554 54.41 -19.48 25.78
CA GLU D 554 53.21 -19.11 26.51
C GLU D 554 52.22 -20.24 26.74
N GLU D 555 52.01 -21.08 25.72
CA GLU D 555 51.07 -22.17 25.82
C GLU D 555 51.51 -23.23 26.86
N VAL D 556 52.82 -23.40 27.01
CA VAL D 556 53.35 -24.35 27.97
C VAL D 556 53.02 -23.85 29.37
N GLU D 557 53.30 -22.56 29.60
CA GLU D 557 53.05 -21.95 30.89
C GLU D 557 51.57 -22.04 31.25
N ILE D 558 50.70 -21.79 30.28
CA ILE D 558 49.26 -21.84 30.48
C ILE D 558 48.74 -23.23 30.78
N GLN D 559 49.23 -24.23 30.04
CA GLN D 559 48.78 -25.61 30.23
C GLN D 559 49.23 -26.21 31.56
N LEU D 560 50.41 -25.81 32.03
CA LEU D 560 50.91 -26.31 33.31
C LEU D 560 50.20 -25.62 34.47
N LYS D 561 50.00 -24.31 34.33
CA LYS D 561 49.32 -23.54 35.37
C LYS D 561 47.88 -24.02 35.55
N TYR D 562 47.22 -24.36 34.46
CA TYR D 562 45.83 -24.80 34.52
C TYR D 562 45.59 -26.30 34.54
N GLU D 563 46.64 -27.10 34.36
CA GLU D 563 46.49 -28.55 34.36
C GLU D 563 45.58 -29.07 35.48
N PRO D 564 45.78 -28.59 36.72
CA PRO D 564 44.97 -29.02 37.86
C PRO D 564 43.47 -28.79 37.68
N TYR D 565 43.11 -27.62 37.16
CA TYR D 565 41.70 -27.29 36.95
C TYR D 565 41.10 -28.00 35.73
N ILE D 566 41.87 -28.14 34.67
CA ILE D 566 41.39 -28.81 33.47
C ILE D 566 41.07 -30.25 33.82
N GLU D 567 41.96 -30.88 34.59
CA GLU D 567 41.79 -32.28 34.99
C GLU D 567 40.59 -32.46 35.90
N ARG D 568 40.37 -31.50 36.79
CA ARG D 568 39.24 -31.56 37.72
C ARG D 568 37.94 -31.31 36.94
N GLU D 569 38.00 -30.39 36.00
CA GLU D 569 36.84 -30.06 35.18
C GLU D 569 36.46 -31.28 34.35
N ARG D 570 37.48 -31.97 33.82
CA ARG D 570 37.27 -33.17 33.02
C ARG D 570 36.69 -34.29 33.87
N LYS D 571 37.14 -34.38 35.12
CA LYS D 571 36.69 -35.40 36.04
C LYS D 571 35.21 -35.24 36.35
N LEU D 572 34.80 -34.01 36.64
CA LEU D 572 33.42 -33.70 36.97
C LEU D 572 32.44 -33.96 35.83
N ASN D 573 32.89 -33.80 34.60
CA ASN D 573 32.02 -34.00 33.43
C ASN D 573 32.20 -35.34 32.74
N GLU D 574 32.88 -36.27 33.40
CA GLU D 574 33.12 -37.60 32.83
C GLU D 574 31.84 -38.26 32.32
N LYS D 575 30.74 -38.02 33.04
CA LYS D 575 29.45 -38.59 32.66
C LYS D 575 28.85 -37.88 31.44
N LEU D 576 29.16 -36.60 31.29
CA LEU D 576 28.68 -35.83 30.14
C LEU D 576 29.44 -36.33 28.91
N LYS D 577 30.71 -36.66 29.12
CA LYS D 577 31.58 -37.16 28.08
C LYS D 577 31.08 -38.53 27.58
N LYS D 578 30.67 -39.38 28.52
CA LYS D 578 30.17 -40.70 28.18
C LYS D 578 28.95 -40.56 27.26
N LEU D 579 27.98 -39.76 27.69
CA LEU D 579 26.78 -39.54 26.90
C LEU D 579 27.10 -38.98 25.52
N GLU D 580 27.98 -37.97 25.48
CA GLU D 580 28.35 -37.33 24.23
C GLU D 580 29.03 -38.30 23.24
N ASP D 581 29.69 -39.31 23.77
CA ASP D 581 30.36 -40.30 22.92
C ASP D 581 29.41 -41.43 22.51
N THR D 582 28.16 -41.35 22.96
CA THR D 582 27.18 -42.37 22.62
C THR D 582 26.31 -41.90 21.47
N LYS D 583 26.61 -42.39 20.27
CA LYS D 583 25.88 -42.02 19.08
C LYS D 583 24.48 -42.63 19.02
N ILE D 584 23.57 -41.93 18.36
CA ILE D 584 22.20 -42.38 18.17
C ILE D 584 22.01 -42.56 16.66
N PRO D 585 21.53 -43.75 16.25
CA PRO D 585 21.31 -44.05 14.83
C PRO D 585 20.36 -43.05 14.18
N PRO D 586 20.70 -42.58 12.97
CA PRO D 586 19.85 -41.61 12.27
C PRO D 586 18.52 -42.24 11.87
N ASP D 587 18.51 -43.57 11.83
CA ASP D 587 17.34 -44.34 11.44
C ASP D 587 16.65 -44.95 12.65
N ILE D 588 16.89 -44.37 13.82
CA ILE D 588 16.28 -44.90 15.04
C ILE D 588 14.77 -44.62 15.12
N ASP D 589 14.02 -45.68 15.43
CA ASP D 589 12.58 -45.57 15.57
C ASP D 589 12.28 -45.46 17.06
N TYR D 590 12.11 -44.24 17.54
CA TYR D 590 11.84 -43.99 18.95
C TYR D 590 10.56 -44.66 19.47
N ASP D 591 9.73 -45.16 18.55
CA ASP D 591 8.50 -45.83 18.96
C ASP D 591 8.75 -47.27 19.42
N LYS D 592 9.85 -47.85 18.97
CA LYS D 592 10.18 -49.23 19.35
C LYS D 592 11.00 -49.32 20.63
N ILE D 593 11.24 -48.19 21.29
CA ILE D 593 12.03 -48.20 22.51
C ILE D 593 11.22 -48.43 23.79
N PRO D 594 11.50 -49.54 24.49
CA PRO D 594 10.79 -49.87 25.73
C PRO D 594 11.16 -48.90 26.85
N GLY D 595 10.20 -48.61 27.72
CA GLY D 595 10.44 -47.73 28.85
C GLY D 595 10.61 -46.25 28.52
N LEU D 596 10.06 -45.82 27.41
CA LEU D 596 10.15 -44.41 27.01
C LEU D 596 8.74 -43.85 26.91
N THR D 597 8.42 -42.86 27.74
CA THR D 597 7.09 -42.26 27.74
C THR D 597 6.66 -41.76 26.36
N LYS D 598 5.37 -41.49 26.22
CA LYS D 598 4.81 -41.01 24.96
C LYS D 598 5.18 -39.57 24.69
N GLU D 599 5.20 -38.76 25.75
CA GLU D 599 5.54 -37.35 25.64
C GLU D 599 7.03 -37.18 25.35
N ALA D 600 7.80 -38.22 25.63
CA ALA D 600 9.24 -38.20 25.39
C ALA D 600 9.52 -38.58 23.94
N ARG D 601 8.86 -39.64 23.45
CA ARG D 601 9.04 -40.08 22.07
C ARG D 601 8.74 -38.89 21.19
N GLU D 602 7.77 -38.08 21.62
CA GLU D 602 7.36 -36.91 20.87
C GLU D 602 8.48 -35.91 20.69
N LYS D 603 9.16 -35.58 21.77
CA LYS D 603 10.27 -34.63 21.72
C LYS D 603 11.45 -35.23 20.98
N LEU D 604 11.77 -36.48 21.29
CA LEU D 604 12.89 -37.16 20.66
C LEU D 604 12.61 -37.43 19.19
N LYS D 605 11.33 -37.29 18.82
CA LYS D 605 10.91 -37.52 17.45
C LYS D 605 11.17 -36.26 16.62
N LYS D 606 10.93 -35.11 17.23
CA LYS D 606 11.13 -33.82 16.55
C LYS D 606 12.55 -33.26 16.59
N PHE D 607 13.22 -33.35 17.73
CA PHE D 607 14.58 -32.84 17.83
C PHE D 607 15.59 -33.74 17.11
N LYS D 608 15.28 -35.03 17.01
CA LYS D 608 16.16 -35.99 16.34
C LYS D 608 17.63 -35.80 16.72
N PRO D 609 17.97 -36.03 18.00
CA PRO D 609 19.34 -35.88 18.52
C PRO D 609 20.34 -36.81 17.82
N ILE D 610 21.59 -36.36 17.71
CA ILE D 610 22.62 -37.18 17.07
C ILE D 610 23.43 -37.98 18.09
N THR D 611 23.33 -37.59 19.35
CA THR D 611 24.04 -38.31 20.41
C THR D 611 23.16 -38.31 21.66
N VAL D 612 23.45 -39.22 22.58
CA VAL D 612 22.69 -39.30 23.82
C VAL D 612 22.97 -38.05 24.65
N GLY D 613 24.18 -37.52 24.51
CA GLY D 613 24.53 -36.32 25.24
C GLY D 613 23.66 -35.16 24.81
N GLN D 614 23.41 -35.04 23.49
CA GLN D 614 22.57 -33.98 22.97
C GLN D 614 21.13 -34.23 23.41
N ALA D 615 20.73 -35.50 23.36
CA ALA D 615 19.39 -35.90 23.73
C ALA D 615 19.08 -35.50 25.17
N SER D 616 20.07 -35.57 26.04
CA SER D 616 19.84 -35.22 27.44
C SER D 616 19.71 -33.73 27.68
N ARG D 617 20.11 -32.91 26.71
CA ARG D 617 20.01 -31.46 26.88
C ARG D 617 18.66 -30.91 26.44
N ILE D 618 17.88 -31.74 25.76
CA ILE D 618 16.55 -31.33 25.31
C ILE D 618 15.75 -31.02 26.57
N ASP D 619 15.23 -29.81 26.65
CA ASP D 619 14.45 -29.41 27.82
C ASP D 619 13.17 -30.25 27.93
N GLY D 620 13.09 -31.07 28.98
CA GLY D 620 11.91 -31.89 29.17
C GLY D 620 12.19 -33.37 29.24
N ILE D 621 13.33 -33.81 28.71
CA ILE D 621 13.68 -35.22 28.76
C ILE D 621 14.14 -35.54 30.17
N THR D 622 13.74 -36.70 30.67
CA THR D 622 14.09 -37.12 32.03
C THR D 622 15.25 -38.11 32.07
N PRO D 623 16.01 -38.14 33.18
CA PRO D 623 17.15 -39.05 33.34
C PRO D 623 16.74 -40.49 33.06
N ALA D 624 15.46 -40.80 33.28
CA ALA D 624 14.94 -42.13 33.04
C ALA D 624 14.96 -42.41 31.54
N ALA D 625 14.40 -41.48 30.78
CA ALA D 625 14.34 -41.59 29.33
C ALA D 625 15.73 -41.88 28.76
N ILE D 626 16.72 -41.10 29.21
CA ILE D 626 18.08 -41.29 28.75
C ILE D 626 18.50 -42.72 29.01
N THR D 627 18.10 -43.25 30.17
CA THR D 627 18.43 -44.62 30.55
C THR D 627 17.78 -45.61 29.57
N ALA D 628 16.48 -45.45 29.36
CA ALA D 628 15.76 -46.32 28.44
C ALA D 628 16.47 -46.33 27.10
N LEU D 629 16.85 -45.14 26.64
CA LEU D 629 17.54 -44.98 25.37
C LEU D 629 18.90 -45.66 25.41
N LEU D 630 19.66 -45.45 26.48
CA LEU D 630 20.98 -46.08 26.60
C LEU D 630 20.84 -47.60 26.62
N VAL D 631 19.84 -48.09 27.34
CA VAL D 631 19.58 -49.53 27.42
C VAL D 631 19.28 -50.05 26.03
N TYR D 632 18.40 -49.34 25.32
CA TYR D 632 18.01 -49.70 23.97
C TYR D 632 19.20 -49.75 23.01
N LEU D 633 20.14 -48.83 23.19
CA LEU D 633 21.31 -48.77 22.32
C LEU D 633 22.32 -49.86 22.66
N GLY D 634 22.01 -50.64 23.67
CA GLY D 634 22.91 -51.72 24.07
C GLY D 634 24.01 -51.31 25.03
N LYS D 635 23.85 -50.17 25.69
CA LYS D 635 24.86 -49.70 26.65
C LYS D 635 24.44 -50.13 28.05
#